data_1JWQ
# 
_entry.id   1JWQ 
# 
_audit_conform.dict_name       mmcif_pdbx.dic 
_audit_conform.dict_version    5.392 
_audit_conform.dict_location   http://mmcif.pdb.org/dictionaries/ascii/mmcif_pdbx.dic 
# 
loop_
_database_2.database_id 
_database_2.database_code 
_database_2.pdbx_database_accession 
_database_2.pdbx_DOI 
PDB   1JWQ         pdb_00001jwq 10.2210/pdb1jwq/pdb 
RCSB  RCSB014273   ?            ?                   
WWPDB D_1000014273 ?            ?                   
# 
loop_
_pdbx_audit_revision_history.ordinal 
_pdbx_audit_revision_history.data_content_type 
_pdbx_audit_revision_history.major_revision 
_pdbx_audit_revision_history.minor_revision 
_pdbx_audit_revision_history.revision_date 
1 'Structure model' 1 0 2003-11-18 
2 'Structure model' 1 1 2008-04-27 
3 'Structure model' 1 2 2011-07-13 
4 'Structure model' 1 3 2022-12-21 
5 'Structure model' 1 4 2024-05-29 
# 
_pdbx_audit_revision_details.ordinal             1 
_pdbx_audit_revision_details.revision_ordinal    1 
_pdbx_audit_revision_details.data_content_type   'Structure model' 
_pdbx_audit_revision_details.provider            repository 
_pdbx_audit_revision_details.type                'Initial release' 
_pdbx_audit_revision_details.description         ? 
_pdbx_audit_revision_details.details             ? 
# 
loop_
_pdbx_audit_revision_group.ordinal 
_pdbx_audit_revision_group.revision_ordinal 
_pdbx_audit_revision_group.data_content_type 
_pdbx_audit_revision_group.group 
1 2 'Structure model' 'Version format compliance' 
2 3 'Structure model' 'Version format compliance' 
3 4 'Structure model' 'Database references'       
4 4 'Structure model' 'Derived calculations'      
5 5 'Structure model' 'Data collection'           
# 
loop_
_pdbx_audit_revision_category.ordinal 
_pdbx_audit_revision_category.revision_ordinal 
_pdbx_audit_revision_category.data_content_type 
_pdbx_audit_revision_category.category 
1 4 'Structure model' database_2         
2 4 'Structure model' struct_conn        
3 4 'Structure model' struct_ref_seq_dif 
4 4 'Structure model' struct_site        
5 5 'Structure model' chem_comp_atom     
6 5 'Structure model' chem_comp_bond     
# 
loop_
_pdbx_audit_revision_item.ordinal 
_pdbx_audit_revision_item.revision_ordinal 
_pdbx_audit_revision_item.data_content_type 
_pdbx_audit_revision_item.item 
1  4 'Structure model' '_database_2.pdbx_DOI'                
2  4 'Structure model' '_database_2.pdbx_database_accession' 
3  4 'Structure model' '_struct_conn.ptnr1_auth_comp_id'     
4  4 'Structure model' '_struct_conn.ptnr1_auth_seq_id'      
5  4 'Structure model' '_struct_conn.ptnr1_label_asym_id'    
6  4 'Structure model' '_struct_conn.ptnr1_label_atom_id'    
7  4 'Structure model' '_struct_conn.ptnr1_label_comp_id'    
8  4 'Structure model' '_struct_conn.ptnr1_label_seq_id'     
9  4 'Structure model' '_struct_conn.ptnr2_auth_comp_id'     
10 4 'Structure model' '_struct_conn.ptnr2_auth_seq_id'      
11 4 'Structure model' '_struct_conn.ptnr2_label_asym_id'    
12 4 'Structure model' '_struct_conn.ptnr2_label_atom_id'    
13 4 'Structure model' '_struct_conn.ptnr2_label_comp_id'    
14 4 'Structure model' '_struct_conn.ptnr2_label_seq_id'     
15 4 'Structure model' '_struct_ref_seq_dif.details'         
16 4 'Structure model' '_struct_site.pdbx_auth_asym_id'      
17 4 'Structure model' '_struct_site.pdbx_auth_comp_id'      
18 4 'Structure model' '_struct_site.pdbx_auth_seq_id'       
# 
_pdbx_database_status.status_code                     REL 
_pdbx_database_status.entry_id                        1JWQ 
_pdbx_database_status.recvd_initial_deposition_date   2001-09-05 
_pdbx_database_status.deposit_site                    RCSB 
_pdbx_database_status.process_site                    PDBJ 
_pdbx_database_status.status_code_sf                  REL 
_pdbx_database_status.SG_entry                        . 
_pdbx_database_status.pdb_format_compatible           Y 
_pdbx_database_status.status_code_mr                  ? 
_pdbx_database_status.status_code_cs                  ? 
_pdbx_database_status.status_code_nmr_data            ? 
_pdbx_database_status.methods_development_category    ? 
# 
loop_
_audit_author.name 
_audit_author.pdbx_ordinal 
'Yamane, T.'    1  
'Koyama, Y.'    2  
'Nojiri, Y.'    3  
'Hikage, T.'    4  
'Akita, M.'     5  
'Suzuki, A.'    6  
'Shirai, T.'    7  
'Ise, F.'       8  
'Shida, T.'     9  
'Sekiguchi, J.' 10 
# 
_citation.id                        primary 
_citation.title                     
;The Structure of the catalytic domain of N-acetylmuramoyl-L-alanine amidase, a cell wall hydrolase from Bacillus polymyxa var.colistinus and its resemblance to the structure of carboxypeptidases
;
_citation.journal_abbrev            'To be Published' 
_citation.journal_volume            ? 
_citation.page_first                ? 
_citation.page_last                 ? 
_citation.year                      ? 
_citation.journal_id_ASTM           ? 
_citation.country                   ? 
_citation.journal_id_ISSN           ? 
_citation.journal_id_CSD            0353 
_citation.book_publisher            ? 
_citation.pdbx_database_id_PubMed   ? 
_citation.pdbx_database_id_DOI      ? 
# 
loop_
_citation_author.citation_id 
_citation_author.name 
_citation_author.ordinal 
_citation_author.identifier_ORCID 
primary 'Yamane, T.'    1  ? 
primary 'Koyama, Y.'    2  ? 
primary 'Nojiri, Y.'    3  ? 
primary 'Hikage, T.'    4  ? 
primary 'Akita, M.'     5  ? 
primary 'Suzuki, A.'    6  ? 
primary 'Shirai, T.'    7  ? 
primary 'Ise, F.'       8  ? 
primary 'Shida, T.'     9  ? 
primary 'Sekiguchi, J.' 10 ? 
# 
loop_
_entity.id 
_entity.type 
_entity.src_method 
_entity.pdbx_description 
_entity.formula_weight 
_entity.pdbx_number_of_molecules 
_entity.pdbx_ec 
_entity.pdbx_mutation 
_entity.pdbx_fragment 
_entity.details 
1 polymer     man 'N-ACETYLMURAMOYL-L-ALANINE AMIDASE CwlV' 19707.303 1   3.5.1.28 ? 'CATALYTIC DOMAIN' ? 
2 non-polymer syn 'ZINC ION'                                65.409    1   ?        ? ?                  ? 
3 water       nat water                                     18.015    229 ?        ? ?                  ? 
# 
_entity_poly.entity_id                      1 
_entity_poly.type                           'polypeptide(L)' 
_entity_poly.nstd_linkage                   no 
_entity_poly.nstd_monomer                   no 
_entity_poly.pdbx_seq_one_letter_code       
;MKVVVIDAGHGAKDSGAVGISRKNYEKTFNLAMALKVESILKQNPKLEVVLTRSDDTFLELKQRVKVAENLKANVFVSIH
ANSSGSSASNGTETYYQRSASKAFANVMHKYFAPATGLTDRGIRYGNFHVIRETTMPAVLLEVGYLSNAKEEATLFDEDF
QNRVAQGIADGITEYLDVK
;
_entity_poly.pdbx_seq_one_letter_code_can   
;MKVVVIDAGHGAKDSGAVGISRKNYEKTFNLAMALKVESILKQNPKLEVVLTRSDDTFLELKQRVKVAENLKANVFVSIH
ANSSGSSASNGTETYYQRSASKAFANVMHKYFAPATGLTDRGIRYGNFHVIRETTMPAVLLEVGYLSNAKEEATLFDEDF
QNRVAQGIADGITEYLDVK
;
_entity_poly.pdbx_strand_id                 A 
_entity_poly.pdbx_target_identifier         ? 
# 
loop_
_pdbx_entity_nonpoly.entity_id 
_pdbx_entity_nonpoly.name 
_pdbx_entity_nonpoly.comp_id 
2 'ZINC ION' ZN  
3 water      HOH 
# 
loop_
_entity_poly_seq.entity_id 
_entity_poly_seq.num 
_entity_poly_seq.mon_id 
_entity_poly_seq.hetero 
1 1   MET n 
1 2   LYS n 
1 3   VAL n 
1 4   VAL n 
1 5   VAL n 
1 6   ILE n 
1 7   ASP n 
1 8   ALA n 
1 9   GLY n 
1 10  HIS n 
1 11  GLY n 
1 12  ALA n 
1 13  LYS n 
1 14  ASP n 
1 15  SER n 
1 16  GLY n 
1 17  ALA n 
1 18  VAL n 
1 19  GLY n 
1 20  ILE n 
1 21  SER n 
1 22  ARG n 
1 23  LYS n 
1 24  ASN n 
1 25  TYR n 
1 26  GLU n 
1 27  LYS n 
1 28  THR n 
1 29  PHE n 
1 30  ASN n 
1 31  LEU n 
1 32  ALA n 
1 33  MET n 
1 34  ALA n 
1 35  LEU n 
1 36  LYS n 
1 37  VAL n 
1 38  GLU n 
1 39  SER n 
1 40  ILE n 
1 41  LEU n 
1 42  LYS n 
1 43  GLN n 
1 44  ASN n 
1 45  PRO n 
1 46  LYS n 
1 47  LEU n 
1 48  GLU n 
1 49  VAL n 
1 50  VAL n 
1 51  LEU n 
1 52  THR n 
1 53  ARG n 
1 54  SER n 
1 55  ASP n 
1 56  ASP n 
1 57  THR n 
1 58  PHE n 
1 59  LEU n 
1 60  GLU n 
1 61  LEU n 
1 62  LYS n 
1 63  GLN n 
1 64  ARG n 
1 65  VAL n 
1 66  LYS n 
1 67  VAL n 
1 68  ALA n 
1 69  GLU n 
1 70  ASN n 
1 71  LEU n 
1 72  LYS n 
1 73  ALA n 
1 74  ASN n 
1 75  VAL n 
1 76  PHE n 
1 77  VAL n 
1 78  SER n 
1 79  ILE n 
1 80  HIS n 
1 81  ALA n 
1 82  ASN n 
1 83  SER n 
1 84  SER n 
1 85  GLY n 
1 86  SER n 
1 87  SER n 
1 88  ALA n 
1 89  SER n 
1 90  ASN n 
1 91  GLY n 
1 92  THR n 
1 93  GLU n 
1 94  THR n 
1 95  TYR n 
1 96  TYR n 
1 97  GLN n 
1 98  ARG n 
1 99  SER n 
1 100 ALA n 
1 101 SER n 
1 102 LYS n 
1 103 ALA n 
1 104 PHE n 
1 105 ALA n 
1 106 ASN n 
1 107 VAL n 
1 108 MET n 
1 109 HIS n 
1 110 LYS n 
1 111 TYR n 
1 112 PHE n 
1 113 ALA n 
1 114 PRO n 
1 115 ALA n 
1 116 THR n 
1 117 GLY n 
1 118 LEU n 
1 119 THR n 
1 120 ASP n 
1 121 ARG n 
1 122 GLY n 
1 123 ILE n 
1 124 ARG n 
1 125 TYR n 
1 126 GLY n 
1 127 ASN n 
1 128 PHE n 
1 129 HIS n 
1 130 VAL n 
1 131 ILE n 
1 132 ARG n 
1 133 GLU n 
1 134 THR n 
1 135 THR n 
1 136 MET n 
1 137 PRO n 
1 138 ALA n 
1 139 VAL n 
1 140 LEU n 
1 141 LEU n 
1 142 GLU n 
1 143 VAL n 
1 144 GLY n 
1 145 TYR n 
1 146 LEU n 
1 147 SER n 
1 148 ASN n 
1 149 ALA n 
1 150 LYS n 
1 151 GLU n 
1 152 GLU n 
1 153 ALA n 
1 154 THR n 
1 155 LEU n 
1 156 PHE n 
1 157 ASP n 
1 158 GLU n 
1 159 ASP n 
1 160 PHE n 
1 161 GLN n 
1 162 ASN n 
1 163 ARG n 
1 164 VAL n 
1 165 ALA n 
1 166 GLN n 
1 167 GLY n 
1 168 ILE n 
1 169 ALA n 
1 170 ASP n 
1 171 GLY n 
1 172 ILE n 
1 173 THR n 
1 174 GLU n 
1 175 TYR n 
1 176 LEU n 
1 177 ASP n 
1 178 VAL n 
1 179 LYS n 
# 
_entity_src_gen.entity_id                          1 
_entity_src_gen.pdbx_src_id                        1 
_entity_src_gen.pdbx_alt_source_flag               sample 
_entity_src_gen.pdbx_seq_type                      ? 
_entity_src_gen.pdbx_beg_seq_num                   ? 
_entity_src_gen.pdbx_end_seq_num                   ? 
_entity_src_gen.gene_src_common_name               ? 
_entity_src_gen.gene_src_genus                     Paenibacillus 
_entity_src_gen.pdbx_gene_src_gene                 ? 
_entity_src_gen.gene_src_species                   ? 
_entity_src_gen.gene_src_strain                    ? 
_entity_src_gen.gene_src_tissue                    ? 
_entity_src_gen.gene_src_tissue_fraction           ? 
_entity_src_gen.gene_src_details                   ? 
_entity_src_gen.pdbx_gene_src_fragment             ? 
_entity_src_gen.pdbx_gene_src_scientific_name      'Paenibacillus polymyxa' 
_entity_src_gen.pdbx_gene_src_ncbi_taxonomy_id     1406 
_entity_src_gen.pdbx_gene_src_variant              ? 
_entity_src_gen.pdbx_gene_src_cell_line            ? 
_entity_src_gen.pdbx_gene_src_atcc                 ? 
_entity_src_gen.pdbx_gene_src_organ                ? 
_entity_src_gen.pdbx_gene_src_organelle            ? 
_entity_src_gen.pdbx_gene_src_cell                 ? 
_entity_src_gen.pdbx_gene_src_cellular_location    ? 
_entity_src_gen.host_org_common_name               ? 
_entity_src_gen.pdbx_host_org_scientific_name      'Escherichia coli' 
_entity_src_gen.pdbx_host_org_ncbi_taxonomy_id     562 
_entity_src_gen.host_org_genus                     Escherichia 
_entity_src_gen.pdbx_host_org_gene                 ? 
_entity_src_gen.pdbx_host_org_organ                ? 
_entity_src_gen.host_org_species                   ? 
_entity_src_gen.pdbx_host_org_tissue               ? 
_entity_src_gen.pdbx_host_org_tissue_fraction      ? 
_entity_src_gen.pdbx_host_org_strain               ? 
_entity_src_gen.pdbx_host_org_variant              ? 
_entity_src_gen.pdbx_host_org_cell_line            ? 
_entity_src_gen.pdbx_host_org_atcc                 ? 
_entity_src_gen.pdbx_host_org_culture_collection   ? 
_entity_src_gen.pdbx_host_org_cell                 ? 
_entity_src_gen.pdbx_host_org_organelle            ? 
_entity_src_gen.pdbx_host_org_cellular_location    ? 
_entity_src_gen.pdbx_host_org_vector_type          ? 
_entity_src_gen.pdbx_host_org_vector               ? 
_entity_src_gen.host_org_details                   ? 
_entity_src_gen.expression_system_id               ? 
_entity_src_gen.plasmid_name                       ? 
_entity_src_gen.plasmid_details                    ? 
_entity_src_gen.pdbx_description                   ? 
# 
loop_
_chem_comp.id 
_chem_comp.type 
_chem_comp.mon_nstd_flag 
_chem_comp.name 
_chem_comp.pdbx_synonyms 
_chem_comp.formula 
_chem_comp.formula_weight 
ALA 'L-peptide linking' y ALANINE         ? 'C3 H7 N O2'     89.093  
ARG 'L-peptide linking' y ARGININE        ? 'C6 H15 N4 O2 1' 175.209 
ASN 'L-peptide linking' y ASPARAGINE      ? 'C4 H8 N2 O3'    132.118 
ASP 'L-peptide linking' y 'ASPARTIC ACID' ? 'C4 H7 N O4'     133.103 
GLN 'L-peptide linking' y GLUTAMINE       ? 'C5 H10 N2 O3'   146.144 
GLU 'L-peptide linking' y 'GLUTAMIC ACID' ? 'C5 H9 N O4'     147.129 
GLY 'peptide linking'   y GLYCINE         ? 'C2 H5 N O2'     75.067  
HIS 'L-peptide linking' y HISTIDINE       ? 'C6 H10 N3 O2 1' 156.162 
HOH non-polymer         . WATER           ? 'H2 O'           18.015  
ILE 'L-peptide linking' y ISOLEUCINE      ? 'C6 H13 N O2'    131.173 
LEU 'L-peptide linking' y LEUCINE         ? 'C6 H13 N O2'    131.173 
LYS 'L-peptide linking' y LYSINE          ? 'C6 H15 N2 O2 1' 147.195 
MET 'L-peptide linking' y METHIONINE      ? 'C5 H11 N O2 S'  149.211 
PHE 'L-peptide linking' y PHENYLALANINE   ? 'C9 H11 N O2'    165.189 
PRO 'L-peptide linking' y PROLINE         ? 'C5 H9 N O2'     115.130 
SER 'L-peptide linking' y SERINE          ? 'C3 H7 N O3'     105.093 
THR 'L-peptide linking' y THREONINE       ? 'C4 H9 N O3'     119.119 
TYR 'L-peptide linking' y TYROSINE        ? 'C9 H11 N O3'    181.189 
VAL 'L-peptide linking' y VALINE          ? 'C5 H11 N O2'    117.146 
ZN  non-polymer         . 'ZINC ION'      ? 'Zn 2'           65.409  
# 
loop_
_pdbx_poly_seq_scheme.asym_id 
_pdbx_poly_seq_scheme.entity_id 
_pdbx_poly_seq_scheme.seq_id 
_pdbx_poly_seq_scheme.mon_id 
_pdbx_poly_seq_scheme.ndb_seq_num 
_pdbx_poly_seq_scheme.pdb_seq_num 
_pdbx_poly_seq_scheme.auth_seq_num 
_pdbx_poly_seq_scheme.pdb_mon_id 
_pdbx_poly_seq_scheme.auth_mon_id 
_pdbx_poly_seq_scheme.pdb_strand_id 
_pdbx_poly_seq_scheme.pdb_ins_code 
_pdbx_poly_seq_scheme.hetero 
A 1 1   MET 1   1   1   MET MET A . n 
A 1 2   LYS 2   2   2   LYS LYS A . n 
A 1 3   VAL 3   3   3   VAL VAL A . n 
A 1 4   VAL 4   4   4   VAL VAL A . n 
A 1 5   VAL 5   5   5   VAL VAL A . n 
A 1 6   ILE 6   6   6   ILE ILE A . n 
A 1 7   ASP 7   7   7   ASP ASP A . n 
A 1 8   ALA 8   8   8   ALA ALA A . n 
A 1 9   GLY 9   9   9   GLY GLY A . n 
A 1 10  HIS 10  10  10  HIS HIS A . n 
A 1 11  GLY 11  11  11  GLY GLY A . n 
A 1 12  ALA 12  12  12  ALA ALA A . n 
A 1 13  LYS 13  13  13  LYS LYS A . n 
A 1 14  ASP 14  14  14  ASP ASP A . n 
A 1 15  SER 15  15  15  SER SER A . n 
A 1 16  GLY 16  16  16  GLY GLY A . n 
A 1 17  ALA 17  17  17  ALA ALA A . n 
A 1 18  VAL 18  18  18  VAL VAL A . n 
A 1 19  GLY 19  19  19  GLY GLY A . n 
A 1 20  ILE 20  20  20  ILE ILE A . n 
A 1 21  SER 21  21  21  SER SER A . n 
A 1 22  ARG 22  22  22  ARG ALA A . n 
A 1 23  LYS 23  23  23  LYS ALA A . n 
A 1 24  ASN 24  24  24  ASN ASN A . n 
A 1 25  TYR 25  25  25  TYR TYR A . n 
A 1 26  GLU 26  26  26  GLU GLU A . n 
A 1 27  LYS 27  27  27  LYS LYS A . n 
A 1 28  THR 28  28  28  THR THR A . n 
A 1 29  PHE 29  29  29  PHE PHE A . n 
A 1 30  ASN 30  30  30  ASN ASN A . n 
A 1 31  LEU 31  31  31  LEU LEU A . n 
A 1 32  ALA 32  32  32  ALA ALA A . n 
A 1 33  MET 33  33  33  MET MET A . n 
A 1 34  ALA 34  34  34  ALA ALA A . n 
A 1 35  LEU 35  35  35  LEU LEU A . n 
A 1 36  LYS 36  36  36  LYS LYS A . n 
A 1 37  VAL 37  37  37  VAL VAL A . n 
A 1 38  GLU 38  38  38  GLU GLU A . n 
A 1 39  SER 39  39  39  SER SER A . n 
A 1 40  ILE 40  40  40  ILE ILE A . n 
A 1 41  LEU 41  41  41  LEU LEU A . n 
A 1 42  LYS 42  42  42  LYS ALA A . n 
A 1 43  GLN 43  43  43  GLN GLN A . n 
A 1 44  ASN 44  44  44  ASN ASN A . n 
A 1 45  PRO 45  45  45  PRO PRO A . n 
A 1 46  LYS 46  46  46  LYS LYS A . n 
A 1 47  LEU 47  47  47  LEU LEU A . n 
A 1 48  GLU 48  48  48  GLU GLU A . n 
A 1 49  VAL 49  49  49  VAL VAL A . n 
A 1 50  VAL 50  50  50  VAL VAL A . n 
A 1 51  LEU 51  51  51  LEU LEU A . n 
A 1 52  THR 52  52  52  THR THR A . n 
A 1 53  ARG 53  53  53  ARG ARG A . n 
A 1 54  SER 54  54  54  SER SER A . n 
A 1 55  ASP 55  55  55  ASP ASP A . n 
A 1 56  ASP 56  56  56  ASP ASP A . n 
A 1 57  THR 57  57  57  THR THR A . n 
A 1 58  PHE 58  58  58  PHE PHE A . n 
A 1 59  LEU 59  59  59  LEU LEU A . n 
A 1 60  GLU 60  60  60  GLU GLU A . n 
A 1 61  LEU 61  61  61  LEU LEU A . n 
A 1 62  LYS 62  62  62  LYS ALA A . n 
A 1 63  GLN 63  63  63  GLN ALA A . n 
A 1 64  ARG 64  64  64  ARG ARG A . n 
A 1 65  VAL 65  65  65  VAL VAL A . n 
A 1 66  LYS 66  66  66  LYS LYS A . n 
A 1 67  VAL 67  67  67  VAL VAL A . n 
A 1 68  ALA 68  68  68  ALA ALA A . n 
A 1 69  GLU 69  69  69  GLU GLU A . n 
A 1 70  ASN 70  70  70  ASN ASN A . n 
A 1 71  LEU 71  71  71  LEU LEU A . n 
A 1 72  LYS 72  72  72  LYS LYS A . n 
A 1 73  ALA 73  73  73  ALA ALA A . n 
A 1 74  ASN 74  74  74  ASN ASN A . n 
A 1 75  VAL 75  75  75  VAL VAL A . n 
A 1 76  PHE 76  76  76  PHE PHE A . n 
A 1 77  VAL 77  77  77  VAL VAL A . n 
A 1 78  SER 78  78  78  SER SER A . n 
A 1 79  ILE 79  79  79  ILE ILE A . n 
A 1 80  HIS 80  80  80  HIS HIS A . n 
A 1 81  ALA 81  81  81  ALA ALA A . n 
A 1 82  ASN 82  82  82  ASN ASN A . n 
A 1 83  SER 83  83  83  SER SER A . n 
A 1 84  SER 84  84  84  SER SER A . n 
A 1 85  GLY 85  85  85  GLY GLY A . n 
A 1 86  SER 86  86  86  SER SER A . n 
A 1 87  SER 87  87  87  SER SER A . n 
A 1 88  ALA 88  88  88  ALA ALA A . n 
A 1 89  SER 89  89  89  SER SER A . n 
A 1 90  ASN 90  90  90  ASN ASN A . n 
A 1 91  GLY 91  91  91  GLY GLY A . n 
A 1 92  THR 92  92  92  THR THR A . n 
A 1 93  GLU 93  93  93  GLU GLU A . n 
A 1 94  THR 94  94  94  THR THR A . n 
A 1 95  TYR 95  95  95  TYR TYR A . n 
A 1 96  TYR 96  96  96  TYR TYR A . n 
A 1 97  GLN 97  97  97  GLN GLN A . n 
A 1 98  ARG 98  98  98  ARG ARG A . n 
A 1 99  SER 99  99  99  SER SER A . n 
A 1 100 ALA 100 100 100 ALA ALA A . n 
A 1 101 SER 101 101 101 SER SER A . n 
A 1 102 LYS 102 102 102 LYS LYS A . n 
A 1 103 ALA 103 103 103 ALA ALA A . n 
A 1 104 PHE 104 104 104 PHE PHE A . n 
A 1 105 ALA 105 105 105 ALA ALA A . n 
A 1 106 ASN 106 106 106 ASN ASN A . n 
A 1 107 VAL 107 107 107 VAL VAL A . n 
A 1 108 MET 108 108 108 MET MET A . n 
A 1 109 HIS 109 109 109 HIS HIS A . n 
A 1 110 LYS 110 110 110 LYS LYS A . n 
A 1 111 TYR 111 111 111 TYR TYR A . n 
A 1 112 PHE 112 112 112 PHE PHE A . n 
A 1 113 ALA 113 113 113 ALA ALA A . n 
A 1 114 PRO 114 114 114 PRO PRO A . n 
A 1 115 ALA 115 115 115 ALA ALA A . n 
A 1 116 THR 116 116 116 THR THR A . n 
A 1 117 GLY 117 117 117 GLY GLY A . n 
A 1 118 LEU 118 118 118 LEU LEU A . n 
A 1 119 THR 119 119 119 THR THR A . n 
A 1 120 ASP 120 120 120 ASP ASP A . n 
A 1 121 ARG 121 121 121 ARG ARG A . n 
A 1 122 GLY 122 122 122 GLY GLY A . n 
A 1 123 ILE 123 123 123 ILE ILE A . n 
A 1 124 ARG 124 124 124 ARG ARG A . n 
A 1 125 TYR 125 125 125 TYR TYR A . n 
A 1 126 GLY 126 126 126 GLY GLY A . n 
A 1 127 ASN 127 127 127 ASN ASN A . n 
A 1 128 PHE 128 128 128 PHE PHE A . n 
A 1 129 HIS 129 129 129 HIS HIS A . n 
A 1 130 VAL 130 130 130 VAL VAL A . n 
A 1 131 ILE 131 131 131 ILE ILE A . n 
A 1 132 ARG 132 132 132 ARG ARG A . n 
A 1 133 GLU 133 133 133 GLU GLU A . n 
A 1 134 THR 134 134 134 THR THR A . n 
A 1 135 THR 135 135 135 THR THR A . n 
A 1 136 MET 136 136 136 MET MET A . n 
A 1 137 PRO 137 137 137 PRO PRO A . n 
A 1 138 ALA 138 138 138 ALA ALA A . n 
A 1 139 VAL 139 139 139 VAL VAL A . n 
A 1 140 LEU 140 140 140 LEU LEU A . n 
A 1 141 LEU 141 141 141 LEU LEU A . n 
A 1 142 GLU 142 142 142 GLU GLU A . n 
A 1 143 VAL 143 143 143 VAL VAL A . n 
A 1 144 GLY 144 144 144 GLY GLY A . n 
A 1 145 TYR 145 145 145 TYR TYR A . n 
A 1 146 LEU 146 146 146 LEU LEU A . n 
A 1 147 SER 147 147 147 SER SER A . n 
A 1 148 ASN 148 148 148 ASN ASN A . n 
A 1 149 ALA 149 149 149 ALA ALA A . n 
A 1 150 LYS 150 150 150 LYS LYS A . n 
A 1 151 GLU 151 151 151 GLU GLU A . n 
A 1 152 GLU 152 152 152 GLU GLU A . n 
A 1 153 ALA 153 153 153 ALA ALA A . n 
A 1 154 THR 154 154 154 THR THR A . n 
A 1 155 LEU 155 155 155 LEU LEU A . n 
A 1 156 PHE 156 156 156 PHE PHE A . n 
A 1 157 ASP 157 157 157 ASP ASP A . n 
A 1 158 GLU 158 158 158 GLU GLU A . n 
A 1 159 ASP 159 159 159 ASP ASP A . n 
A 1 160 PHE 160 160 160 PHE PHE A . n 
A 1 161 GLN 161 161 161 GLN GLN A . n 
A 1 162 ASN 162 162 162 ASN ASN A . n 
A 1 163 ARG 163 163 163 ARG ARG A . n 
A 1 164 VAL 164 164 164 VAL VAL A . n 
A 1 165 ALA 165 165 165 ALA ALA A . n 
A 1 166 GLN 166 166 166 GLN GLN A . n 
A 1 167 GLY 167 167 167 GLY GLY A . n 
A 1 168 ILE 168 168 168 ILE ILE A . n 
A 1 169 ALA 169 169 169 ALA ALA A . n 
A 1 170 ASP 170 170 170 ASP ASP A . n 
A 1 171 GLY 171 171 171 GLY GLY A . n 
A 1 172 ILE 172 172 172 ILE ILE A . n 
A 1 173 THR 173 173 173 THR THR A . n 
A 1 174 GLU 174 174 174 GLU GLU A . n 
A 1 175 TYR 175 175 175 TYR TYR A . n 
A 1 176 LEU 176 176 176 LEU LEU A . n 
A 1 177 ASP 177 177 177 ASP ASP A . n 
A 1 178 VAL 178 178 178 VAL VAL A . n 
A 1 179 LYS 179 179 179 LYS LYS A . n 
# 
loop_
_pdbx_nonpoly_scheme.asym_id 
_pdbx_nonpoly_scheme.entity_id 
_pdbx_nonpoly_scheme.mon_id 
_pdbx_nonpoly_scheme.ndb_seq_num 
_pdbx_nonpoly_scheme.pdb_seq_num 
_pdbx_nonpoly_scheme.auth_seq_num 
_pdbx_nonpoly_scheme.pdb_mon_id 
_pdbx_nonpoly_scheme.auth_mon_id 
_pdbx_nonpoly_scheme.pdb_strand_id 
_pdbx_nonpoly_scheme.pdb_ins_code 
B 2 ZN  1   1001 1001 ZN  ZN  A . 
C 3 HOH 1   1002 1002 HOH HOH A . 
C 3 HOH 2   1003 1003 HOH HOH A . 
C 3 HOH 3   1004 1004 HOH HOH A . 
C 3 HOH 4   1005 1005 HOH HOH A . 
C 3 HOH 5   1006 1006 HOH HOH A . 
C 3 HOH 6   1007 1007 HOH HOH A . 
C 3 HOH 7   1008 1008 HOH HOH A . 
C 3 HOH 8   1009 1009 HOH HOH A . 
C 3 HOH 9   1010 1010 HOH HOH A . 
C 3 HOH 10  1011 1011 HOH HOH A . 
C 3 HOH 11  1012 1012 HOH HOH A . 
C 3 HOH 12  1013 1013 HOH HOH A . 
C 3 HOH 13  1014 1014 HOH HOH A . 
C 3 HOH 14  1015 1015 HOH HOH A . 
C 3 HOH 15  1016 1016 HOH HOH A . 
C 3 HOH 16  1017 1017 HOH HOH A . 
C 3 HOH 17  1018 1018 HOH HOH A . 
C 3 HOH 18  1019 1019 HOH HOH A . 
C 3 HOH 19  1020 1020 HOH HOH A . 
C 3 HOH 20  1021 1021 HOH HOH A . 
C 3 HOH 21  1022 1022 HOH HOH A . 
C 3 HOH 22  1023 1023 HOH HOH A . 
C 3 HOH 23  1024 1024 HOH HOH A . 
C 3 HOH 24  1025 1025 HOH HOH A . 
C 3 HOH 25  1026 1026 HOH HOH A . 
C 3 HOH 26  1027 1027 HOH HOH A . 
C 3 HOH 27  1028 1028 HOH HOH A . 
C 3 HOH 28  1029 1029 HOH HOH A . 
C 3 HOH 29  1030 1030 HOH HOH A . 
C 3 HOH 30  1031 1031 HOH HOH A . 
C 3 HOH 31  1032 1032 HOH HOH A . 
C 3 HOH 32  1033 1033 HOH HOH A . 
C 3 HOH 33  1034 1034 HOH HOH A . 
C 3 HOH 34  1035 1035 HOH HOH A . 
C 3 HOH 35  1036 1036 HOH HOH A . 
C 3 HOH 36  1037 1037 HOH HOH A . 
C 3 HOH 37  1038 1038 HOH HOH A . 
C 3 HOH 38  1039 1039 HOH HOH A . 
C 3 HOH 39  1040 1040 HOH HOH A . 
C 3 HOH 40  1041 1041 HOH HOH A . 
C 3 HOH 41  1042 1042 HOH HOH A . 
C 3 HOH 42  1043 1043 HOH HOH A . 
C 3 HOH 43  1044 1044 HOH HOH A . 
C 3 HOH 44  1045 1045 HOH HOH A . 
C 3 HOH 45  1046 1046 HOH HOH A . 
C 3 HOH 46  1047 1047 HOH HOH A . 
C 3 HOH 47  1048 1048 HOH HOH A . 
C 3 HOH 48  1049 1049 HOH HOH A . 
C 3 HOH 49  1050 1050 HOH HOH A . 
C 3 HOH 50  1051 1051 HOH HOH A . 
C 3 HOH 51  1052 1052 HOH HOH A . 
C 3 HOH 52  1053 1053 HOH HOH A . 
C 3 HOH 53  1054 1054 HOH HOH A . 
C 3 HOH 54  1055 1055 HOH HOH A . 
C 3 HOH 55  1056 1056 HOH HOH A . 
C 3 HOH 56  1057 1057 HOH HOH A . 
C 3 HOH 57  1058 1058 HOH HOH A . 
C 3 HOH 58  1059 1059 HOH HOH A . 
C 3 HOH 59  1060 1060 HOH HOH A . 
C 3 HOH 60  1061 1061 HOH HOH A . 
C 3 HOH 61  1062 1062 HOH HOH A . 
C 3 HOH 62  1063 1063 HOH HOH A . 
C 3 HOH 63  1064 1064 HOH HOH A . 
C 3 HOH 64  1065 1065 HOH HOH A . 
C 3 HOH 65  1066 1066 HOH HOH A . 
C 3 HOH 66  1067 1067 HOH HOH A . 
C 3 HOH 67  1068 1068 HOH HOH A . 
C 3 HOH 68  1069 1069 HOH HOH A . 
C 3 HOH 69  1070 1070 HOH HOH A . 
C 3 HOH 70  1071 1071 HOH HOH A . 
C 3 HOH 71  1072 1072 HOH HOH A . 
C 3 HOH 72  1073 1073 HOH HOH A . 
C 3 HOH 73  1074 1074 HOH HOH A . 
C 3 HOH 74  1075 1075 HOH HOH A . 
C 3 HOH 75  1076 1076 HOH HOH A . 
C 3 HOH 76  1077 1077 HOH HOH A . 
C 3 HOH 77  1078 1078 HOH HOH A . 
C 3 HOH 78  1079 1079 HOH HOH A . 
C 3 HOH 79  1080 1080 HOH HOH A . 
C 3 HOH 80  1081 1081 HOH HOH A . 
C 3 HOH 81  1082 1082 HOH HOH A . 
C 3 HOH 82  1083 1083 HOH HOH A . 
C 3 HOH 83  1084 1084 HOH HOH A . 
C 3 HOH 84  1085 1085 HOH HOH A . 
C 3 HOH 85  1086 1086 HOH HOH A . 
C 3 HOH 86  1087 1087 HOH HOH A . 
C 3 HOH 87  1088 1088 HOH HOH A . 
C 3 HOH 88  1089 1089 HOH HOH A . 
C 3 HOH 89  1090 1090 HOH HOH A . 
C 3 HOH 90  1091 1091 HOH HOH A . 
C 3 HOH 91  1092 1092 HOH HOH A . 
C 3 HOH 92  1093 1093 HOH HOH A . 
C 3 HOH 93  1094 1094 HOH HOH A . 
C 3 HOH 94  1095 1095 HOH HOH A . 
C 3 HOH 95  1096 1096 HOH HOH A . 
C 3 HOH 96  1097 1097 HOH HOH A . 
C 3 HOH 97  1098 1098 HOH HOH A . 
C 3 HOH 98  1099 1099 HOH HOH A . 
C 3 HOH 99  1100 1100 HOH HOH A . 
C 3 HOH 100 1101 1101 HOH HOH A . 
C 3 HOH 101 1102 1102 HOH HOH A . 
C 3 HOH 102 1103 1103 HOH HOH A . 
C 3 HOH 103 1104 1104 HOH HOH A . 
C 3 HOH 104 1105 1105 HOH HOH A . 
C 3 HOH 105 1106 1106 HOH HOH A . 
C 3 HOH 106 1107 1107 HOH HOH A . 
C 3 HOH 107 1108 1108 HOH HOH A . 
C 3 HOH 108 1109 1109 HOH HOH A . 
C 3 HOH 109 1110 1110 HOH HOH A . 
C 3 HOH 110 1111 1111 HOH HOH A . 
C 3 HOH 111 1112 1112 HOH HOH A . 
C 3 HOH 112 1113 1113 HOH HOH A . 
C 3 HOH 113 1114 1114 HOH HOH A . 
C 3 HOH 114 1115 1115 HOH HOH A . 
C 3 HOH 115 1116 1116 HOH HOH A . 
C 3 HOH 116 1117 1117 HOH HOH A . 
C 3 HOH 117 1118 1118 HOH HOH A . 
C 3 HOH 118 1119 1119 HOH HOH A . 
C 3 HOH 119 1120 1120 HOH HOH A . 
C 3 HOH 120 1121 1121 HOH HOH A . 
C 3 HOH 121 1122 1122 HOH HOH A . 
C 3 HOH 122 1123 1123 HOH HOH A . 
C 3 HOH 123 1124 1124 HOH HOH A . 
C 3 HOH 124 1125 1125 HOH HOH A . 
C 3 HOH 125 1126 1126 HOH HOH A . 
C 3 HOH 126 1127 1127 HOH HOH A . 
C 3 HOH 127 1128 1128 HOH HOH A . 
C 3 HOH 128 1129 1129 HOH HOH A . 
C 3 HOH 129 1130 1130 HOH HOH A . 
C 3 HOH 130 1131 1131 HOH HOH A . 
C 3 HOH 131 1132 1132 HOH HOH A . 
C 3 HOH 132 1133 1133 HOH HOH A . 
C 3 HOH 133 1134 1134 HOH HOH A . 
C 3 HOH 134 1135 1135 HOH HOH A . 
C 3 HOH 135 1136 1136 HOH HOH A . 
C 3 HOH 136 1137 1137 HOH HOH A . 
C 3 HOH 137 1138 1138 HOH HOH A . 
C 3 HOH 138 1139 1139 HOH HOH A . 
C 3 HOH 139 1140 1140 HOH HOH A . 
C 3 HOH 140 1141 1141 HOH HOH A . 
C 3 HOH 141 1142 1142 HOH HOH A . 
C 3 HOH 142 1143 1143 HOH HOH A . 
C 3 HOH 143 1144 1144 HOH HOH A . 
C 3 HOH 144 1145 1145 HOH HOH A . 
C 3 HOH 145 1146 1146 HOH HOH A . 
C 3 HOH 146 1147 1147 HOH HOH A . 
C 3 HOH 147 1148 1148 HOH HOH A . 
C 3 HOH 148 1149 1149 HOH HOH A . 
C 3 HOH 149 1150 1150 HOH HOH A . 
C 3 HOH 150 1151 1151 HOH HOH A . 
C 3 HOH 151 1152 1152 HOH HOH A . 
C 3 HOH 152 1153 1153 HOH HOH A . 
C 3 HOH 153 1154 1154 HOH HOH A . 
C 3 HOH 154 1155 1155 HOH HOH A . 
C 3 HOH 155 1156 1156 HOH HOH A . 
C 3 HOH 156 1157 1157 HOH HOH A . 
C 3 HOH 157 1158 1158 HOH HOH A . 
C 3 HOH 158 1159 1159 HOH HOH A . 
C 3 HOH 159 1160 1160 HOH HOH A . 
C 3 HOH 160 1161 1161 HOH HOH A . 
C 3 HOH 161 1162 1162 HOH HOH A . 
C 3 HOH 162 1163 1163 HOH HOH A . 
C 3 HOH 163 1164 1164 HOH HOH A . 
C 3 HOH 164 1165 1165 HOH HOH A . 
C 3 HOH 165 1166 1166 HOH HOH A . 
C 3 HOH 166 1167 1167 HOH HOH A . 
C 3 HOH 167 1168 1168 HOH HOH A . 
C 3 HOH 168 1169 1169 HOH HOH A . 
C 3 HOH 169 1170 1170 HOH HOH A . 
C 3 HOH 170 1171 1171 HOH HOH A . 
C 3 HOH 171 1172 1172 HOH HOH A . 
C 3 HOH 172 1173 1173 HOH HOH A . 
C 3 HOH 173 1174 1174 HOH HOH A . 
C 3 HOH 174 1175 1175 HOH HOH A . 
C 3 HOH 175 1176 1176 HOH HOH A . 
C 3 HOH 176 1177 1177 HOH HOH A . 
C 3 HOH 177 1178 1178 HOH HOH A . 
C 3 HOH 178 1179 1179 HOH HOH A . 
C 3 HOH 179 1180 1180 HOH HOH A . 
C 3 HOH 180 1181 1181 HOH HOH A . 
C 3 HOH 181 1182 1182 HOH HOH A . 
C 3 HOH 182 1183 1183 HOH HOH A . 
C 3 HOH 183 1184 1184 HOH HOH A . 
C 3 HOH 184 1185 1185 HOH HOH A . 
C 3 HOH 185 1186 1186 HOH HOH A . 
C 3 HOH 186 1187 1187 HOH HOH A . 
C 3 HOH 187 1188 1188 HOH HOH A . 
C 3 HOH 188 1189 1189 HOH HOH A . 
C 3 HOH 189 1190 1190 HOH HOH A . 
C 3 HOH 190 1191 1191 HOH HOH A . 
C 3 HOH 191 1192 1192 HOH HOH A . 
C 3 HOH 192 1193 1193 HOH HOH A . 
C 3 HOH 193 1194 1194 HOH HOH A . 
C 3 HOH 194 1195 1195 HOH HOH A . 
C 3 HOH 195 1196 1196 HOH HOH A . 
C 3 HOH 196 1197 1197 HOH HOH A . 
C 3 HOH 197 1198 1198 HOH HOH A . 
C 3 HOH 198 1199 1199 HOH HOH A . 
C 3 HOH 199 1200 1200 HOH HOH A . 
C 3 HOH 200 1201 1201 HOH HOH A . 
C 3 HOH 201 1202 1202 HOH HOH A . 
C 3 HOH 202 1203 1203 HOH HOH A . 
C 3 HOH 203 1204 1204 HOH HOH A . 
C 3 HOH 204 1205 1205 HOH HOH A . 
C 3 HOH 205 1206 1206 HOH HOH A . 
C 3 HOH 206 1207 1207 HOH HOH A . 
C 3 HOH 207 1208 1208 HOH HOH A . 
C 3 HOH 208 1209 1209 HOH HOH A . 
C 3 HOH 209 1210 1210 HOH HOH A . 
C 3 HOH 210 1211 1211 HOH HOH A . 
C 3 HOH 211 1212 1212 HOH HOH A . 
C 3 HOH 212 1213 1213 HOH HOH A . 
C 3 HOH 213 1214 1214 HOH HOH A . 
C 3 HOH 214 1215 1215 HOH HOH A . 
C 3 HOH 215 1216 1216 HOH HOH A . 
C 3 HOH 216 1217 1217 HOH HOH A . 
C 3 HOH 217 1218 1218 HOH HOH A . 
C 3 HOH 218 1219 1219 HOH HOH A . 
C 3 HOH 219 1220 1220 HOH HOH A . 
C 3 HOH 220 1221 1221 HOH HOH A . 
C 3 HOH 221 1222 1222 HOH HOH A . 
C 3 HOH 222 1223 1223 HOH HOH A . 
C 3 HOH 223 1224 1224 HOH HOH A . 
C 3 HOH 224 1225 1225 HOH HOH A . 
C 3 HOH 225 1226 1226 HOH HOH A . 
C 3 HOH 226 1227 1227 HOH HOH A . 
C 3 HOH 227 1228 1228 HOH HOH A . 
C 3 HOH 228 1229 1229 HOH HOH A . 
C 3 HOH 229 1230 1230 HOH HOH A . 
# 
loop_
_pdbx_unobs_or_zero_occ_atoms.id 
_pdbx_unobs_or_zero_occ_atoms.PDB_model_num 
_pdbx_unobs_or_zero_occ_atoms.polymer_flag 
_pdbx_unobs_or_zero_occ_atoms.occupancy_flag 
_pdbx_unobs_or_zero_occ_atoms.auth_asym_id 
_pdbx_unobs_or_zero_occ_atoms.auth_comp_id 
_pdbx_unobs_or_zero_occ_atoms.auth_seq_id 
_pdbx_unobs_or_zero_occ_atoms.PDB_ins_code 
_pdbx_unobs_or_zero_occ_atoms.auth_atom_id 
_pdbx_unobs_or_zero_occ_atoms.label_alt_id 
_pdbx_unobs_or_zero_occ_atoms.label_asym_id 
_pdbx_unobs_or_zero_occ_atoms.label_comp_id 
_pdbx_unobs_or_zero_occ_atoms.label_seq_id 
_pdbx_unobs_or_zero_occ_atoms.label_atom_id 
1  1 Y 1 A ARG 22 ? CG  ? A ARG 22 CG  
2  1 Y 1 A ARG 22 ? CD  ? A ARG 22 CD  
3  1 Y 1 A ARG 22 ? NE  ? A ARG 22 NE  
4  1 Y 1 A ARG 22 ? CZ  ? A ARG 22 CZ  
5  1 Y 1 A ARG 22 ? NH1 ? A ARG 22 NH1 
6  1 Y 1 A ARG 22 ? NH2 ? A ARG 22 NH2 
7  1 Y 1 A LYS 23 ? CG  ? A LYS 23 CG  
8  1 Y 1 A LYS 23 ? CD  ? A LYS 23 CD  
9  1 Y 1 A LYS 23 ? CE  ? A LYS 23 CE  
10 1 Y 1 A LYS 23 ? NZ  ? A LYS 23 NZ  
11 1 Y 1 A LYS 42 ? CG  ? A LYS 42 CG  
12 1 Y 1 A LYS 42 ? CD  ? A LYS 42 CD  
13 1 Y 1 A LYS 42 ? CE  ? A LYS 42 CE  
14 1 Y 1 A LYS 42 ? NZ  ? A LYS 42 NZ  
15 1 Y 1 A LYS 62 ? CG  ? A LYS 62 CG  
16 1 Y 1 A LYS 62 ? CD  ? A LYS 62 CD  
17 1 Y 1 A LYS 62 ? CE  ? A LYS 62 CE  
18 1 Y 1 A LYS 62 ? NZ  ? A LYS 62 NZ  
19 1 Y 1 A GLN 63 ? CG  ? A GLN 63 CG  
20 1 Y 1 A GLN 63 ? CD  ? A GLN 63 CD  
21 1 Y 1 A GLN 63 ? OE1 ? A GLN 63 OE1 
22 1 Y 1 A GLN 63 ? NE2 ? A GLN 63 NE2 
# 
loop_
_software.name 
_software.classification 
_software.version 
_software.citation_id 
_software.pdbx_ordinal 
MOSFLM  'data reduction' .         ? 1 
SCALA   'data scaling'   .         ? 2 
MLPHARE phasing          .         ? 3 
CNS     refinement       1.0       ? 4 
CCP4    'data scaling'   '(SCALA)' ? 5 
# 
_cell.entry_id           1JWQ 
_cell.length_a           66.500 
_cell.length_b           66.500 
_cell.length_c           88.340 
_cell.angle_alpha        90.00 
_cell.angle_beta         90.00 
_cell.angle_gamma        120.00 
_cell.Z_PDB              6 
_cell.pdbx_unique_axis   ? 
# 
_symmetry.entry_id                         1JWQ 
_symmetry.space_group_name_H-M             'P 61' 
_symmetry.pdbx_full_space_group_name_H-M   ? 
_symmetry.cell_setting                     ? 
_symmetry.Int_Tables_number                169 
# 
_exptl.entry_id          1JWQ 
_exptl.method            'X-RAY DIFFRACTION' 
_exptl.crystals_number   1 
# 
_exptl_crystal.id                    1 
_exptl_crystal.density_meas          ? 
_exptl_crystal.density_Matthews      2.53 
_exptl_crystal.density_percent_sol   50.97 
_exptl_crystal.description           ? 
# 
_exptl_crystal_grow.crystal_id      1 
_exptl_crystal_grow.method          'VAPOR DIFFUSION, HANGING DROP' 
_exptl_crystal_grow.temp            291.0 
_exptl_crystal_grow.temp_details    ? 
_exptl_crystal_grow.pH              8.5 
_exptl_crystal_grow.pdbx_details    'PEG4000, lithium sulfate, pH 8.5, VAPOR DIFFUSION, HANGING DROP, temperature 291.0K' 
_exptl_crystal_grow.pdbx_pH_range   . 
# 
_diffrn.id                     1 
_diffrn.ambient_temp           100.0 
_diffrn.ambient_temp_details   ? 
_diffrn.crystal_id             1 
# 
_diffrn_detector.diffrn_id              1 
_diffrn_detector.detector               CCD 
_diffrn_detector.type                   MARRESEARCH 
_diffrn_detector.pdbx_collection_date   1999-10-03 
_diffrn_detector.details                mirrors 
# 
_diffrn_radiation.diffrn_id                        1 
_diffrn_radiation.wavelength_id                    1 
_diffrn_radiation.pdbx_monochromatic_or_laue_m_l   M 
_diffrn_radiation.monochromator                    'the rotated-inclined double-crystal' 
_diffrn_radiation.pdbx_diffrn_protocol             'SINGLE WAVELENGTH' 
_diffrn_radiation.pdbx_scattering_type             x-ray 
# 
_diffrn_radiation_wavelength.id           1 
_diffrn_radiation_wavelength.wavelength   0.708 
_diffrn_radiation_wavelength.wt           1.0 
# 
_diffrn_source.diffrn_id                   1 
_diffrn_source.source                      SYNCHROTRON 
_diffrn_source.type                        'SPRING-8 BEAMLINE BL41XU' 
_diffrn_source.pdbx_synchrotron_site       SPring-8 
_diffrn_source.pdbx_synchrotron_beamline   BL41XU 
_diffrn_source.pdbx_wavelength             ? 
_diffrn_source.pdbx_wavelength_list        0.708 
# 
_reflns.entry_id                     1JWQ 
_reflns.observed_criterion_sigma_I   0 
_reflns.observed_criterion_sigma_F   0 
_reflns.d_resolution_low             100 
_reflns.d_resolution_high            1.8 
_reflns.number_obs                   34876 
_reflns.number_all                   185513 
_reflns.percent_possible_obs         97.1 
_reflns.pdbx_Rmerge_I_obs            0.092 
_reflns.pdbx_Rsym_value              ? 
_reflns.pdbx_netI_over_sigmaI        ? 
_reflns.B_iso_Wilson_estimate        ? 
_reflns.pdbx_redundancy              ? 
_reflns.R_free_details               ? 
_reflns.limit_h_max                  ? 
_reflns.limit_h_min                  ? 
_reflns.limit_k_max                  ? 
_reflns.limit_k_min                  ? 
_reflns.limit_l_max                  ? 
_reflns.limit_l_min                  ? 
_reflns.observed_criterion_F_max     ? 
_reflns.observed_criterion_F_min     ? 
_reflns.pdbx_diffrn_id               1 
_reflns.pdbx_ordinal                 1 
# 
_reflns_shell.d_res_high             1.80 
_reflns_shell.d_res_low              1.94 
_reflns_shell.percent_possible_all   99.4 
_reflns_shell.Rmerge_I_obs           0.198 
_reflns_shell.pdbx_Rsym_value        ? 
_reflns_shell.meanI_over_sigI_obs    ? 
_reflns_shell.pdbx_redundancy        ? 
_reflns_shell.percent_possible_obs   ? 
_reflns_shell.number_unique_all      ? 
_reflns_shell.pdbx_diffrn_id         ? 
_reflns_shell.pdbx_ordinal           1 
# 
_refine.entry_id                                 1JWQ 
_refine.ls_number_reflns_obs                     17524 
_refine.ls_number_reflns_all                     18395 
_refine.pdbx_ls_sigma_I                          0 
_refine.pdbx_ls_sigma_F                          0 
_refine.pdbx_data_cutoff_high_absF               ? 
_refine.pdbx_data_cutoff_low_absF                ? 
_refine.ls_d_res_low                             20 
_refine.ls_d_res_high                            1.8 
_refine.ls_percent_reflns_obs                    ? 
_refine.ls_R_factor_obs                          ? 
_refine.ls_R_factor_all                          ? 
_refine.ls_R_factor_R_work                       0.176 
_refine.ls_R_factor_R_free                       0.206 
_refine.ls_R_factor_R_free_error                 ? 
_refine.ls_R_factor_R_free_error_details         ? 
_refine.ls_percent_reflns_R_free                 4.970 
_refine.ls_number_reflns_R_free                  871 
_refine.ls_number_parameters                     ? 
_refine.ls_number_restraints                     ? 
_refine.occupancy_min                            ? 
_refine.occupancy_max                            ? 
_refine.B_iso_mean                               17.3 
_refine.aniso_B[1][1]                            -0.99 
_refine.aniso_B[2][2]                            -0.99 
_refine.aniso_B[3][3]                            1.98 
_refine.aniso_B[1][2]                            -1.37 
_refine.aniso_B[1][3]                            0.00 
_refine.aniso_B[2][3]                            0.00 
_refine.solvent_model_details                    ? 
_refine.solvent_model_param_ksol                 ? 
_refine.solvent_model_param_bsol                 ? 
_refine.pdbx_ls_cross_valid_method               ? 
_refine.details                                  ? 
_refine.pdbx_starting_model                      ? 
_refine.pdbx_method_to_determine_struct          MIR 
_refine.pdbx_isotropic_thermal_model             ? 
_refine.pdbx_stereochemistry_target_values       'Engh & Huber' 
_refine.pdbx_stereochem_target_val_spec_case     ? 
_refine.pdbx_R_Free_selection_details            RANDOM 
_refine.pdbx_overall_ESU_R_Free                  ? 
_refine.overall_SU_B                             ? 
_refine.ls_redundancy_reflns_obs                 ? 
_refine.B_iso_min                                ? 
_refine.B_iso_max                                ? 
_refine.correlation_coeff_Fo_to_Fc               ? 
_refine.overall_SU_R_Cruickshank_DPI             ? 
_refine.overall_SU_R_free                        ? 
_refine.overall_SU_ML                            ? 
_refine.pdbx_overall_ESU_R                       ? 
_refine.pdbx_data_cutoff_high_rms_absF           ? 
_refine.correlation_coeff_Fo_to_Fc_free          ? 
_refine.pdbx_solvent_vdw_probe_radii             ? 
_refine.pdbx_solvent_ion_probe_radii             ? 
_refine.pdbx_solvent_shrinkage_radii             ? 
_refine.pdbx_refine_id                           'X-RAY DIFFRACTION' 
_refine.pdbx_diffrn_id                           1 
_refine.pdbx_TLS_residual_ADP_flag               ? 
_refine.pdbx_overall_phase_error                 ? 
_refine.pdbx_overall_SU_R_free_Cruickshank_DPI   ? 
_refine.pdbx_overall_SU_R_Blow_DPI               ? 
_refine.pdbx_overall_SU_R_free_Blow_DPI          ? 
# 
_refine_analyze.entry_id                        1JWQ 
_refine_analyze.Luzzati_coordinate_error_obs    0.18 
_refine_analyze.Luzzati_sigma_a_obs             0.11 
_refine_analyze.Luzzati_d_res_low_obs           5.00 
_refine_analyze.Luzzati_coordinate_error_free   0.21 
_refine_analyze.Luzzati_sigma_a_free            0.13 
_refine_analyze.Luzzati_d_res_low_free          ? 
_refine_analyze.number_disordered_residues      ? 
_refine_analyze.occupancy_sum_hydrogen          ? 
_refine_analyze.occupancy_sum_non_hydrogen      ? 
_refine_analyze.pdbx_Luzzati_d_res_high_obs     ? 
_refine_analyze.pdbx_refine_id                  'X-RAY DIFFRACTION' 
# 
_refine_hist.pdbx_refine_id                   'X-RAY DIFFRACTION' 
_refine_hist.cycle_id                         LAST 
_refine_hist.pdbx_number_atoms_protein        1363 
_refine_hist.pdbx_number_atoms_nucleic_acid   0 
_refine_hist.pdbx_number_atoms_ligand         1 
_refine_hist.number_atoms_solvent             229 
_refine_hist.number_atoms_total               1593 
_refine_hist.d_res_high                       1.8 
_refine_hist.d_res_low                        20 
# 
loop_
_refine_ls_restr.type 
_refine_ls_restr.dev_ideal 
_refine_ls_restr.dev_ideal_target 
_refine_ls_restr.weight 
_refine_ls_restr.number 
_refine_ls_restr.pdbx_refine_id 
_refine_ls_restr.pdbx_restraint_function 
c_bond_d             0.005 ? ? ? 'X-RAY DIFFRACTION' ? 
c_angle_deg          1.1   ? ? ? 'X-RAY DIFFRACTION' ? 
c_dihedral_angle_deg 23.3  ? ? ? 'X-RAY DIFFRACTION' ? 
c_improper_angle_deg 0.65  ? ? ? 'X-RAY DIFFRACTION' ? 
# 
_refine_ls_shell.pdbx_total_number_of_bins_used   ? 
_refine_ls_shell.d_res_high                       1.80 
_refine_ls_shell.d_res_low                        1.91 
_refine_ls_shell.number_reflns_R_work             ? 
_refine_ls_shell.R_factor_R_work                  0.212 
_refine_ls_shell.percent_reflns_obs               94.5 
_refine_ls_shell.R_factor_R_free                  0.24 
_refine_ls_shell.R_factor_R_free_error            0.019 
_refine_ls_shell.percent_reflns_R_free            ? 
_refine_ls_shell.number_reflns_R_free             153 
_refine_ls_shell.number_reflns_obs                3081 
_refine_ls_shell.redundancy_reflns_obs            ? 
_refine_ls_shell.number_reflns_all                ? 
_refine_ls_shell.pdbx_refine_id                   'X-RAY DIFFRACTION' 
_refine_ls_shell.R_factor_all                     ? 
# 
_struct.entry_id                  1JWQ 
_struct.title                     
'Structure of the catalytic domain of CwlV, N-acetylmuramoyl-L-alanine amidase from Bacillus(Paenibacillus) polymyxa var.colistinus' 
_struct.pdbx_model_details        ? 
_struct.pdbx_CASP_flag            ? 
_struct.pdbx_model_type_details   ? 
# 
_struct_keywords.entry_id        1JWQ 
_struct_keywords.pdbx_keywords   HYDROLASE 
_struct_keywords.text            'open alpha-beta-alpha, HYDROLASE' 
# 
loop_
_struct_asym.id 
_struct_asym.pdbx_blank_PDB_chainid_flag 
_struct_asym.pdbx_modified 
_struct_asym.entity_id 
_struct_asym.details 
A N N 1 ? 
B N N 2 ? 
C N N 3 ? 
# 
_struct_ref.id                         1 
_struct_ref.db_name                    UNP 
_struct_ref.db_code                    Q9LCR3_PAEPO 
_struct_ref.entity_id                  1 
_struct_ref.pdbx_seq_one_letter_code   
;KVVVIDAGHGAKDSGAVGISRKNYEKTFNLAMALKVESILKQNPKLEVVLTRSDDTFLELKQRVKVAENLKANVFVSIHA
NSSGSSASNGTETYYQRSASKAFANVMHKYFAPATGLTDRGIRYGNFHVIRETTMPAVLLEVGYLSNAKEEATLFDEDFQ
NRVAQGIADGITEYLDVK
;
_struct_ref.pdbx_align_begin           322 
_struct_ref.pdbx_db_accession          Q9LCR3 
_struct_ref.pdbx_db_isoform            ? 
# 
_struct_ref_seq.align_id                      1 
_struct_ref_seq.ref_id                        1 
_struct_ref_seq.pdbx_PDB_id_code              1JWQ 
_struct_ref_seq.pdbx_strand_id                A 
_struct_ref_seq.seq_align_beg                 2 
_struct_ref_seq.pdbx_seq_align_beg_ins_code   ? 
_struct_ref_seq.seq_align_end                 179 
_struct_ref_seq.pdbx_seq_align_end_ins_code   ? 
_struct_ref_seq.pdbx_db_accession             Q9LCR3 
_struct_ref_seq.db_align_beg                  322 
_struct_ref_seq.pdbx_db_align_beg_ins_code    ? 
_struct_ref_seq.db_align_end                  499 
_struct_ref_seq.pdbx_db_align_end_ins_code    ? 
_struct_ref_seq.pdbx_auth_seq_align_beg       2 
_struct_ref_seq.pdbx_auth_seq_align_end       179 
# 
_struct_ref_seq_dif.align_id                     1 
_struct_ref_seq_dif.pdbx_pdb_id_code             1JWQ 
_struct_ref_seq_dif.mon_id                       MET 
_struct_ref_seq_dif.pdbx_pdb_strand_id           A 
_struct_ref_seq_dif.seq_num                      1 
_struct_ref_seq_dif.pdbx_pdb_ins_code            ? 
_struct_ref_seq_dif.pdbx_seq_db_name             UNP 
_struct_ref_seq_dif.pdbx_seq_db_accession_code   Q9LCR3 
_struct_ref_seq_dif.db_mon_id                    ? 
_struct_ref_seq_dif.pdbx_seq_db_seq_num          ? 
_struct_ref_seq_dif.details                      'initiating methionine' 
_struct_ref_seq_dif.pdbx_auth_seq_num            1 
_struct_ref_seq_dif.pdbx_ordinal                 1 
# 
_pdbx_struct_assembly.id                   1 
_pdbx_struct_assembly.details              author_defined_assembly 
_pdbx_struct_assembly.method_details       ? 
_pdbx_struct_assembly.oligomeric_details   monomeric 
_pdbx_struct_assembly.oligomeric_count     1 
# 
_pdbx_struct_assembly_gen.assembly_id       1 
_pdbx_struct_assembly_gen.oper_expression   1 
_pdbx_struct_assembly_gen.asym_id_list      A,B,C 
# 
_pdbx_struct_oper_list.id                   1 
_pdbx_struct_oper_list.type                 'identity operation' 
_pdbx_struct_oper_list.name                 1_555 
_pdbx_struct_oper_list.symmetry_operation   x,y,z 
_pdbx_struct_oper_list.matrix[1][1]         1.0000000000 
_pdbx_struct_oper_list.matrix[1][2]         0.0000000000 
_pdbx_struct_oper_list.matrix[1][3]         0.0000000000 
_pdbx_struct_oper_list.vector[1]            0.0000000000 
_pdbx_struct_oper_list.matrix[2][1]         0.0000000000 
_pdbx_struct_oper_list.matrix[2][2]         1.0000000000 
_pdbx_struct_oper_list.matrix[2][3]         0.0000000000 
_pdbx_struct_oper_list.vector[2]            0.0000000000 
_pdbx_struct_oper_list.matrix[3][1]         0.0000000000 
_pdbx_struct_oper_list.matrix[3][2]         0.0000000000 
_pdbx_struct_oper_list.matrix[3][3]         1.0000000000 
_pdbx_struct_oper_list.vector[3]            0.0000000000 
# 
_struct_biol.id                    1 
_struct_biol.pdbx_parent_biol_id   ? 
_struct_biol.details               ? 
# 
loop_
_struct_conf.conf_type_id 
_struct_conf.id 
_struct_conf.pdbx_PDB_helix_id 
_struct_conf.beg_label_comp_id 
_struct_conf.beg_label_asym_id 
_struct_conf.beg_label_seq_id 
_struct_conf.pdbx_beg_PDB_ins_code 
_struct_conf.end_label_comp_id 
_struct_conf.end_label_asym_id 
_struct_conf.end_label_seq_id 
_struct_conf.pdbx_end_PDB_ins_code 
_struct_conf.beg_auth_comp_id 
_struct_conf.beg_auth_asym_id 
_struct_conf.beg_auth_seq_id 
_struct_conf.end_auth_comp_id 
_struct_conf.end_auth_asym_id 
_struct_conf.end_auth_seq_id 
_struct_conf.pdbx_PDB_helix_class 
_struct_conf.details 
_struct_conf.pdbx_PDB_helix_length 
HELX_P HELX_P1 1 TYR A 25  ? GLN A 43  ? TYR A 25  GLN A 43  1 ? 19 
HELX_P HELX_P2 2 GLU A 60  ? LEU A 71  ? GLU A 60  LEU A 71  1 ? 12 
HELX_P HELX_P3 3 ARG A 98  ? ALA A 100 ? ARG A 98  ALA A 100 5 ? 3  
HELX_P HELX_P4 4 SER A 101 ? GLY A 117 ? SER A 101 GLY A 117 1 ? 17 
HELX_P HELX_P5 5 PHE A 128 ? GLU A 133 ? PHE A 128 GLU A 133 1 ? 6  
HELX_P HELX_P6 6 ASN A 148 ? PHE A 156 ? ASN A 148 PHE A 156 1 ? 9  
HELX_P HELX_P7 7 ASP A 157 ? ASP A 177 ? ASP A 157 ASP A 177 1 ? 21 
# 
_struct_conf_type.id          HELX_P 
_struct_conf_type.criteria    ? 
_struct_conf_type.reference   ? 
# 
loop_
_struct_conn.id 
_struct_conn.conn_type_id 
_struct_conn.pdbx_leaving_atom_flag 
_struct_conn.pdbx_PDB_id 
_struct_conn.ptnr1_label_asym_id 
_struct_conn.ptnr1_label_comp_id 
_struct_conn.ptnr1_label_seq_id 
_struct_conn.ptnr1_label_atom_id 
_struct_conn.pdbx_ptnr1_label_alt_id 
_struct_conn.pdbx_ptnr1_PDB_ins_code 
_struct_conn.pdbx_ptnr1_standard_comp_id 
_struct_conn.ptnr1_symmetry 
_struct_conn.ptnr2_label_asym_id 
_struct_conn.ptnr2_label_comp_id 
_struct_conn.ptnr2_label_seq_id 
_struct_conn.ptnr2_label_atom_id 
_struct_conn.pdbx_ptnr2_label_alt_id 
_struct_conn.pdbx_ptnr2_PDB_ins_code 
_struct_conn.ptnr1_auth_asym_id 
_struct_conn.ptnr1_auth_comp_id 
_struct_conn.ptnr1_auth_seq_id 
_struct_conn.ptnr2_auth_asym_id 
_struct_conn.ptnr2_auth_comp_id 
_struct_conn.ptnr2_auth_seq_id 
_struct_conn.ptnr2_symmetry 
_struct_conn.pdbx_ptnr3_label_atom_id 
_struct_conn.pdbx_ptnr3_label_seq_id 
_struct_conn.pdbx_ptnr3_label_comp_id 
_struct_conn.pdbx_ptnr3_label_asym_id 
_struct_conn.pdbx_ptnr3_label_alt_id 
_struct_conn.pdbx_ptnr3_PDB_ins_code 
_struct_conn.details 
_struct_conn.pdbx_dist_value 
_struct_conn.pdbx_value_order 
_struct_conn.pdbx_role 
metalc1 metalc ? ? A HIS 10 NE2 ? ? ? 1_555 B ZN  . ZN ? ? A HIS 10   A ZN  1001 1_555 ? ? ? ? ? ? ? 2.112 ? ? 
metalc2 metalc ? ? A GLU 26 OE1 ? ? ? 1_555 B ZN  . ZN ? ? A GLU 26   A ZN  1001 1_555 ? ? ? ? ? ? ? 2.039 ? ? 
metalc3 metalc ? ? A HIS 80 ND1 ? ? ? 1_555 B ZN  . ZN ? ? A HIS 80   A ZN  1001 1_555 ? ? ? ? ? ? ? 2.175 ? ? 
metalc4 metalc ? ? B ZN  .  ZN  ? ? ? 1_555 C HOH . O  ? ? A ZN  1001 A HOH 1047 1_555 ? ? ? ? ? ? ? 2.254 ? ? 
metalc5 metalc ? ? B ZN  .  ZN  ? ? ? 1_555 C HOH . O  ? ? A ZN  1001 A HOH 1048 1_555 ? ? ? ? ? ? ? 2.022 ? ? 
# 
_struct_conn_type.id          metalc 
_struct_conn_type.criteria    ? 
_struct_conn_type.reference   ? 
# 
loop_
_pdbx_struct_conn_angle.id 
_pdbx_struct_conn_angle.ptnr1_label_atom_id 
_pdbx_struct_conn_angle.ptnr1_label_alt_id 
_pdbx_struct_conn_angle.ptnr1_label_asym_id 
_pdbx_struct_conn_angle.ptnr1_label_comp_id 
_pdbx_struct_conn_angle.ptnr1_label_seq_id 
_pdbx_struct_conn_angle.ptnr1_auth_atom_id 
_pdbx_struct_conn_angle.ptnr1_auth_asym_id 
_pdbx_struct_conn_angle.ptnr1_auth_comp_id 
_pdbx_struct_conn_angle.ptnr1_auth_seq_id 
_pdbx_struct_conn_angle.ptnr1_PDB_ins_code 
_pdbx_struct_conn_angle.ptnr1_symmetry 
_pdbx_struct_conn_angle.ptnr2_label_atom_id 
_pdbx_struct_conn_angle.ptnr2_label_alt_id 
_pdbx_struct_conn_angle.ptnr2_label_asym_id 
_pdbx_struct_conn_angle.ptnr2_label_comp_id 
_pdbx_struct_conn_angle.ptnr2_label_seq_id 
_pdbx_struct_conn_angle.ptnr2_auth_atom_id 
_pdbx_struct_conn_angle.ptnr2_auth_asym_id 
_pdbx_struct_conn_angle.ptnr2_auth_comp_id 
_pdbx_struct_conn_angle.ptnr2_auth_seq_id 
_pdbx_struct_conn_angle.ptnr2_PDB_ins_code 
_pdbx_struct_conn_angle.ptnr2_symmetry 
_pdbx_struct_conn_angle.ptnr3_label_atom_id 
_pdbx_struct_conn_angle.ptnr3_label_alt_id 
_pdbx_struct_conn_angle.ptnr3_label_asym_id 
_pdbx_struct_conn_angle.ptnr3_label_comp_id 
_pdbx_struct_conn_angle.ptnr3_label_seq_id 
_pdbx_struct_conn_angle.ptnr3_auth_atom_id 
_pdbx_struct_conn_angle.ptnr3_auth_asym_id 
_pdbx_struct_conn_angle.ptnr3_auth_comp_id 
_pdbx_struct_conn_angle.ptnr3_auth_seq_id 
_pdbx_struct_conn_angle.ptnr3_PDB_ins_code 
_pdbx_struct_conn_angle.ptnr3_symmetry 
_pdbx_struct_conn_angle.value 
_pdbx_struct_conn_angle.value_esd 
1  NE2 ? A HIS 10 ? A HIS 10   ? 1_555 ZN ? B ZN . ? A ZN 1001 ? 1_555 OE1 ? A GLU 26 ? A GLU 26   ? 1_555 93.5  ? 
2  NE2 ? A HIS 10 ? A HIS 10   ? 1_555 ZN ? B ZN . ? A ZN 1001 ? 1_555 ND1 ? A HIS 80 ? A HIS 80   ? 1_555 97.7  ? 
3  OE1 ? A GLU 26 ? A GLU 26   ? 1_555 ZN ? B ZN . ? A ZN 1001 ? 1_555 ND1 ? A HIS 80 ? A HIS 80   ? 1_555 93.9  ? 
4  NE2 ? A HIS 10 ? A HIS 10   ? 1_555 ZN ? B ZN . ? A ZN 1001 ? 1_555 O   ? C HOH .  ? A HOH 1047 ? 1_555 90.2  ? 
5  OE1 ? A GLU 26 ? A GLU 26   ? 1_555 ZN ? B ZN . ? A ZN 1001 ? 1_555 O   ? C HOH .  ? A HOH 1047 ? 1_555 173.0 ? 
6  ND1 ? A HIS 80 ? A HIS 80   ? 1_555 ZN ? B ZN . ? A ZN 1001 ? 1_555 O   ? C HOH .  ? A HOH 1047 ? 1_555 91.6  ? 
7  NE2 ? A HIS 10 ? A HIS 10   ? 1_555 ZN ? B ZN . ? A ZN 1001 ? 1_555 O   ? C HOH .  ? A HOH 1048 ? 1_555 150.0 ? 
8  OE1 ? A GLU 26 ? A GLU 26   ? 1_555 ZN ? B ZN . ? A ZN 1001 ? 1_555 O   ? C HOH .  ? A HOH 1048 ? 1_555 92.9  ? 
9  ND1 ? A HIS 80 ? A HIS 80   ? 1_555 ZN ? B ZN . ? A ZN 1001 ? 1_555 O   ? C HOH .  ? A HOH 1048 ? 1_555 111.0 ? 
10 O   ? C HOH .  ? A HOH 1047 ? 1_555 ZN ? B ZN . ? A ZN 1001 ? 1_555 O   ? C HOH .  ? A HOH 1048 ? 1_555 80.9  ? 
# 
_struct_sheet.id               A 
_struct_sheet.type             ? 
_struct_sheet.number_strands   6 
_struct_sheet.details          ? 
# 
loop_
_struct_sheet_order.sheet_id 
_struct_sheet_order.range_id_1 
_struct_sheet_order.range_id_2 
_struct_sheet_order.offset 
_struct_sheet_order.sense 
A 1 2 ? parallel      
A 2 3 ? parallel      
A 3 4 ? parallel      
A 4 5 ? anti-parallel 
A 5 6 ? parallel      
# 
loop_
_struct_sheet_range.sheet_id 
_struct_sheet_range.id 
_struct_sheet_range.beg_label_comp_id 
_struct_sheet_range.beg_label_asym_id 
_struct_sheet_range.beg_label_seq_id 
_struct_sheet_range.pdbx_beg_PDB_ins_code 
_struct_sheet_range.end_label_comp_id 
_struct_sheet_range.end_label_asym_id 
_struct_sheet_range.end_label_seq_id 
_struct_sheet_range.pdbx_end_PDB_ins_code 
_struct_sheet_range.beg_auth_comp_id 
_struct_sheet_range.beg_auth_asym_id 
_struct_sheet_range.beg_auth_seq_id 
_struct_sheet_range.end_auth_comp_id 
_struct_sheet_range.end_auth_asym_id 
_struct_sheet_range.end_auth_seq_id 
A 1 LEU A 47  ? LEU A 51  ? LEU A 47  LEU A 51  
A 2 LYS A 2   ? ALA A 8   ? LYS A 2   ALA A 8   
A 3 VAL A 75  ? ASN A 82  ? VAL A 75  ASN A 82  
A 4 ALA A 138 ? TYR A 145 ? ALA A 138 TYR A 145 
A 5 THR A 92  ? TYR A 96  ? THR A 92  TYR A 96  
A 6 ASP A 120 ? TYR A 125 ? ASP A 120 TYR A 125 
# 
loop_
_pdbx_struct_sheet_hbond.sheet_id 
_pdbx_struct_sheet_hbond.range_id_1 
_pdbx_struct_sheet_hbond.range_id_2 
_pdbx_struct_sheet_hbond.range_1_label_atom_id 
_pdbx_struct_sheet_hbond.range_1_label_comp_id 
_pdbx_struct_sheet_hbond.range_1_label_asym_id 
_pdbx_struct_sheet_hbond.range_1_label_seq_id 
_pdbx_struct_sheet_hbond.range_1_PDB_ins_code 
_pdbx_struct_sheet_hbond.range_1_auth_atom_id 
_pdbx_struct_sheet_hbond.range_1_auth_comp_id 
_pdbx_struct_sheet_hbond.range_1_auth_asym_id 
_pdbx_struct_sheet_hbond.range_1_auth_seq_id 
_pdbx_struct_sheet_hbond.range_2_label_atom_id 
_pdbx_struct_sheet_hbond.range_2_label_comp_id 
_pdbx_struct_sheet_hbond.range_2_label_asym_id 
_pdbx_struct_sheet_hbond.range_2_label_seq_id 
_pdbx_struct_sheet_hbond.range_2_PDB_ins_code 
_pdbx_struct_sheet_hbond.range_2_auth_atom_id 
_pdbx_struct_sheet_hbond.range_2_auth_comp_id 
_pdbx_struct_sheet_hbond.range_2_auth_asym_id 
_pdbx_struct_sheet_hbond.range_2_auth_seq_id 
A 1 2 O VAL A 50  ? O VAL A 50  N VAL A 4   ? N VAL A 4   
A 2 3 N ASP A 7   ? N ASP A 7   O VAL A 77  ? O VAL A 77  
A 3 4 N SER A 78  ? N SER A 78  O LEU A 141 ? O LEU A 141 
A 4 5 O LEU A 140 ? O LEU A 140 N TYR A 95  ? N TYR A 95  
A 5 6 N THR A 94  ? N THR A 94  O ARG A 124 ? O ARG A 124 
# 
_struct_site.id                   AC1 
_struct_site.pdbx_evidence_code   Software 
_struct_site.pdbx_auth_asym_id    A 
_struct_site.pdbx_auth_comp_id    ZN 
_struct_site.pdbx_auth_seq_id     1001 
_struct_site.pdbx_auth_ins_code   ? 
_struct_site.pdbx_num_residues    6 
_struct_site.details              'BINDING SITE FOR RESIDUE ZN A 1001' 
# 
loop_
_struct_site_gen.id 
_struct_site_gen.site_id 
_struct_site_gen.pdbx_num_res 
_struct_site_gen.label_comp_id 
_struct_site_gen.label_asym_id 
_struct_site_gen.label_seq_id 
_struct_site_gen.pdbx_auth_ins_code 
_struct_site_gen.auth_comp_id 
_struct_site_gen.auth_asym_id 
_struct_site_gen.auth_seq_id 
_struct_site_gen.label_atom_id 
_struct_site_gen.label_alt_id 
_struct_site_gen.symmetry 
_struct_site_gen.details 
1 AC1 6 HIS A 10 ? HIS A 10   . ? 1_555 ? 
2 AC1 6 GLU A 26 ? GLU A 26   . ? 1_555 ? 
3 AC1 6 HIS A 80 ? HIS A 80   . ? 1_555 ? 
4 AC1 6 HOH C .  ? HOH A 1047 . ? 1_555 ? 
5 AC1 6 HOH C .  ? HOH A 1048 . ? 1_555 ? 
6 AC1 6 HOH C .  ? HOH A 1052 . ? 1_555 ? 
# 
loop_
_pdbx_validate_torsion.id 
_pdbx_validate_torsion.PDB_model_num 
_pdbx_validate_torsion.auth_comp_id 
_pdbx_validate_torsion.auth_asym_id 
_pdbx_validate_torsion.auth_seq_id 
_pdbx_validate_torsion.PDB_ins_code 
_pdbx_validate_torsion.label_alt_id 
_pdbx_validate_torsion.phi 
_pdbx_validate_torsion.psi 
1 1 HIS A 10 ? ? 64.62 -159.98 
2 1 ALA A 12 ? ? 56.50 -123.48 
# 
loop_
_chem_comp_atom.comp_id 
_chem_comp_atom.atom_id 
_chem_comp_atom.type_symbol 
_chem_comp_atom.pdbx_aromatic_flag 
_chem_comp_atom.pdbx_stereo_config 
_chem_comp_atom.pdbx_ordinal 
ALA N    N  N N 1   
ALA CA   C  N S 2   
ALA C    C  N N 3   
ALA O    O  N N 4   
ALA CB   C  N N 5   
ALA OXT  O  N N 6   
ALA H    H  N N 7   
ALA H2   H  N N 8   
ALA HA   H  N N 9   
ALA HB1  H  N N 10  
ALA HB2  H  N N 11  
ALA HB3  H  N N 12  
ALA HXT  H  N N 13  
ARG N    N  N N 14  
ARG CA   C  N S 15  
ARG C    C  N N 16  
ARG O    O  N N 17  
ARG CB   C  N N 18  
ARG CG   C  N N 19  
ARG CD   C  N N 20  
ARG NE   N  N N 21  
ARG CZ   C  N N 22  
ARG NH1  N  N N 23  
ARG NH2  N  N N 24  
ARG OXT  O  N N 25  
ARG H    H  N N 26  
ARG H2   H  N N 27  
ARG HA   H  N N 28  
ARG HB2  H  N N 29  
ARG HB3  H  N N 30  
ARG HG2  H  N N 31  
ARG HG3  H  N N 32  
ARG HD2  H  N N 33  
ARG HD3  H  N N 34  
ARG HE   H  N N 35  
ARG HH11 H  N N 36  
ARG HH12 H  N N 37  
ARG HH21 H  N N 38  
ARG HH22 H  N N 39  
ARG HXT  H  N N 40  
ASN N    N  N N 41  
ASN CA   C  N S 42  
ASN C    C  N N 43  
ASN O    O  N N 44  
ASN CB   C  N N 45  
ASN CG   C  N N 46  
ASN OD1  O  N N 47  
ASN ND2  N  N N 48  
ASN OXT  O  N N 49  
ASN H    H  N N 50  
ASN H2   H  N N 51  
ASN HA   H  N N 52  
ASN HB2  H  N N 53  
ASN HB3  H  N N 54  
ASN HD21 H  N N 55  
ASN HD22 H  N N 56  
ASN HXT  H  N N 57  
ASP N    N  N N 58  
ASP CA   C  N S 59  
ASP C    C  N N 60  
ASP O    O  N N 61  
ASP CB   C  N N 62  
ASP CG   C  N N 63  
ASP OD1  O  N N 64  
ASP OD2  O  N N 65  
ASP OXT  O  N N 66  
ASP H    H  N N 67  
ASP H2   H  N N 68  
ASP HA   H  N N 69  
ASP HB2  H  N N 70  
ASP HB3  H  N N 71  
ASP HD2  H  N N 72  
ASP HXT  H  N N 73  
GLN N    N  N N 74  
GLN CA   C  N S 75  
GLN C    C  N N 76  
GLN O    O  N N 77  
GLN CB   C  N N 78  
GLN CG   C  N N 79  
GLN CD   C  N N 80  
GLN OE1  O  N N 81  
GLN NE2  N  N N 82  
GLN OXT  O  N N 83  
GLN H    H  N N 84  
GLN H2   H  N N 85  
GLN HA   H  N N 86  
GLN HB2  H  N N 87  
GLN HB3  H  N N 88  
GLN HG2  H  N N 89  
GLN HG3  H  N N 90  
GLN HE21 H  N N 91  
GLN HE22 H  N N 92  
GLN HXT  H  N N 93  
GLU N    N  N N 94  
GLU CA   C  N S 95  
GLU C    C  N N 96  
GLU O    O  N N 97  
GLU CB   C  N N 98  
GLU CG   C  N N 99  
GLU CD   C  N N 100 
GLU OE1  O  N N 101 
GLU OE2  O  N N 102 
GLU OXT  O  N N 103 
GLU H    H  N N 104 
GLU H2   H  N N 105 
GLU HA   H  N N 106 
GLU HB2  H  N N 107 
GLU HB3  H  N N 108 
GLU HG2  H  N N 109 
GLU HG3  H  N N 110 
GLU HE2  H  N N 111 
GLU HXT  H  N N 112 
GLY N    N  N N 113 
GLY CA   C  N N 114 
GLY C    C  N N 115 
GLY O    O  N N 116 
GLY OXT  O  N N 117 
GLY H    H  N N 118 
GLY H2   H  N N 119 
GLY HA2  H  N N 120 
GLY HA3  H  N N 121 
GLY HXT  H  N N 122 
HIS N    N  N N 123 
HIS CA   C  N S 124 
HIS C    C  N N 125 
HIS O    O  N N 126 
HIS CB   C  N N 127 
HIS CG   C  Y N 128 
HIS ND1  N  Y N 129 
HIS CD2  C  Y N 130 
HIS CE1  C  Y N 131 
HIS NE2  N  Y N 132 
HIS OXT  O  N N 133 
HIS H    H  N N 134 
HIS H2   H  N N 135 
HIS HA   H  N N 136 
HIS HB2  H  N N 137 
HIS HB3  H  N N 138 
HIS HD1  H  N N 139 
HIS HD2  H  N N 140 
HIS HE1  H  N N 141 
HIS HE2  H  N N 142 
HIS HXT  H  N N 143 
HOH O    O  N N 144 
HOH H1   H  N N 145 
HOH H2   H  N N 146 
ILE N    N  N N 147 
ILE CA   C  N S 148 
ILE C    C  N N 149 
ILE O    O  N N 150 
ILE CB   C  N S 151 
ILE CG1  C  N N 152 
ILE CG2  C  N N 153 
ILE CD1  C  N N 154 
ILE OXT  O  N N 155 
ILE H    H  N N 156 
ILE H2   H  N N 157 
ILE HA   H  N N 158 
ILE HB   H  N N 159 
ILE HG12 H  N N 160 
ILE HG13 H  N N 161 
ILE HG21 H  N N 162 
ILE HG22 H  N N 163 
ILE HG23 H  N N 164 
ILE HD11 H  N N 165 
ILE HD12 H  N N 166 
ILE HD13 H  N N 167 
ILE HXT  H  N N 168 
LEU N    N  N N 169 
LEU CA   C  N S 170 
LEU C    C  N N 171 
LEU O    O  N N 172 
LEU CB   C  N N 173 
LEU CG   C  N N 174 
LEU CD1  C  N N 175 
LEU CD2  C  N N 176 
LEU OXT  O  N N 177 
LEU H    H  N N 178 
LEU H2   H  N N 179 
LEU HA   H  N N 180 
LEU HB2  H  N N 181 
LEU HB3  H  N N 182 
LEU HG   H  N N 183 
LEU HD11 H  N N 184 
LEU HD12 H  N N 185 
LEU HD13 H  N N 186 
LEU HD21 H  N N 187 
LEU HD22 H  N N 188 
LEU HD23 H  N N 189 
LEU HXT  H  N N 190 
LYS N    N  N N 191 
LYS CA   C  N S 192 
LYS C    C  N N 193 
LYS O    O  N N 194 
LYS CB   C  N N 195 
LYS CG   C  N N 196 
LYS CD   C  N N 197 
LYS CE   C  N N 198 
LYS NZ   N  N N 199 
LYS OXT  O  N N 200 
LYS H    H  N N 201 
LYS H2   H  N N 202 
LYS HA   H  N N 203 
LYS HB2  H  N N 204 
LYS HB3  H  N N 205 
LYS HG2  H  N N 206 
LYS HG3  H  N N 207 
LYS HD2  H  N N 208 
LYS HD3  H  N N 209 
LYS HE2  H  N N 210 
LYS HE3  H  N N 211 
LYS HZ1  H  N N 212 
LYS HZ2  H  N N 213 
LYS HZ3  H  N N 214 
LYS HXT  H  N N 215 
MET N    N  N N 216 
MET CA   C  N S 217 
MET C    C  N N 218 
MET O    O  N N 219 
MET CB   C  N N 220 
MET CG   C  N N 221 
MET SD   S  N N 222 
MET CE   C  N N 223 
MET OXT  O  N N 224 
MET H    H  N N 225 
MET H2   H  N N 226 
MET HA   H  N N 227 
MET HB2  H  N N 228 
MET HB3  H  N N 229 
MET HG2  H  N N 230 
MET HG3  H  N N 231 
MET HE1  H  N N 232 
MET HE2  H  N N 233 
MET HE3  H  N N 234 
MET HXT  H  N N 235 
PHE N    N  N N 236 
PHE CA   C  N S 237 
PHE C    C  N N 238 
PHE O    O  N N 239 
PHE CB   C  N N 240 
PHE CG   C  Y N 241 
PHE CD1  C  Y N 242 
PHE CD2  C  Y N 243 
PHE CE1  C  Y N 244 
PHE CE2  C  Y N 245 
PHE CZ   C  Y N 246 
PHE OXT  O  N N 247 
PHE H    H  N N 248 
PHE H2   H  N N 249 
PHE HA   H  N N 250 
PHE HB2  H  N N 251 
PHE HB3  H  N N 252 
PHE HD1  H  N N 253 
PHE HD2  H  N N 254 
PHE HE1  H  N N 255 
PHE HE2  H  N N 256 
PHE HZ   H  N N 257 
PHE HXT  H  N N 258 
PRO N    N  N N 259 
PRO CA   C  N S 260 
PRO C    C  N N 261 
PRO O    O  N N 262 
PRO CB   C  N N 263 
PRO CG   C  N N 264 
PRO CD   C  N N 265 
PRO OXT  O  N N 266 
PRO H    H  N N 267 
PRO HA   H  N N 268 
PRO HB2  H  N N 269 
PRO HB3  H  N N 270 
PRO HG2  H  N N 271 
PRO HG3  H  N N 272 
PRO HD2  H  N N 273 
PRO HD3  H  N N 274 
PRO HXT  H  N N 275 
SER N    N  N N 276 
SER CA   C  N S 277 
SER C    C  N N 278 
SER O    O  N N 279 
SER CB   C  N N 280 
SER OG   O  N N 281 
SER OXT  O  N N 282 
SER H    H  N N 283 
SER H2   H  N N 284 
SER HA   H  N N 285 
SER HB2  H  N N 286 
SER HB3  H  N N 287 
SER HG   H  N N 288 
SER HXT  H  N N 289 
THR N    N  N N 290 
THR CA   C  N S 291 
THR C    C  N N 292 
THR O    O  N N 293 
THR CB   C  N R 294 
THR OG1  O  N N 295 
THR CG2  C  N N 296 
THR OXT  O  N N 297 
THR H    H  N N 298 
THR H2   H  N N 299 
THR HA   H  N N 300 
THR HB   H  N N 301 
THR HG1  H  N N 302 
THR HG21 H  N N 303 
THR HG22 H  N N 304 
THR HG23 H  N N 305 
THR HXT  H  N N 306 
TYR N    N  N N 307 
TYR CA   C  N S 308 
TYR C    C  N N 309 
TYR O    O  N N 310 
TYR CB   C  N N 311 
TYR CG   C  Y N 312 
TYR CD1  C  Y N 313 
TYR CD2  C  Y N 314 
TYR CE1  C  Y N 315 
TYR CE2  C  Y N 316 
TYR CZ   C  Y N 317 
TYR OH   O  N N 318 
TYR OXT  O  N N 319 
TYR H    H  N N 320 
TYR H2   H  N N 321 
TYR HA   H  N N 322 
TYR HB2  H  N N 323 
TYR HB3  H  N N 324 
TYR HD1  H  N N 325 
TYR HD2  H  N N 326 
TYR HE1  H  N N 327 
TYR HE2  H  N N 328 
TYR HH   H  N N 329 
TYR HXT  H  N N 330 
VAL N    N  N N 331 
VAL CA   C  N S 332 
VAL C    C  N N 333 
VAL O    O  N N 334 
VAL CB   C  N N 335 
VAL CG1  C  N N 336 
VAL CG2  C  N N 337 
VAL OXT  O  N N 338 
VAL H    H  N N 339 
VAL H2   H  N N 340 
VAL HA   H  N N 341 
VAL HB   H  N N 342 
VAL HG11 H  N N 343 
VAL HG12 H  N N 344 
VAL HG13 H  N N 345 
VAL HG21 H  N N 346 
VAL HG22 H  N N 347 
VAL HG23 H  N N 348 
VAL HXT  H  N N 349 
ZN  ZN   ZN N N 350 
# 
loop_
_chem_comp_bond.comp_id 
_chem_comp_bond.atom_id_1 
_chem_comp_bond.atom_id_2 
_chem_comp_bond.value_order 
_chem_comp_bond.pdbx_aromatic_flag 
_chem_comp_bond.pdbx_stereo_config 
_chem_comp_bond.pdbx_ordinal 
ALA N   CA   sing N N 1   
ALA N   H    sing N N 2   
ALA N   H2   sing N N 3   
ALA CA  C    sing N N 4   
ALA CA  CB   sing N N 5   
ALA CA  HA   sing N N 6   
ALA C   O    doub N N 7   
ALA C   OXT  sing N N 8   
ALA CB  HB1  sing N N 9   
ALA CB  HB2  sing N N 10  
ALA CB  HB3  sing N N 11  
ALA OXT HXT  sing N N 12  
ARG N   CA   sing N N 13  
ARG N   H    sing N N 14  
ARG N   H2   sing N N 15  
ARG CA  C    sing N N 16  
ARG CA  CB   sing N N 17  
ARG CA  HA   sing N N 18  
ARG C   O    doub N N 19  
ARG C   OXT  sing N N 20  
ARG CB  CG   sing N N 21  
ARG CB  HB2  sing N N 22  
ARG CB  HB3  sing N N 23  
ARG CG  CD   sing N N 24  
ARG CG  HG2  sing N N 25  
ARG CG  HG3  sing N N 26  
ARG CD  NE   sing N N 27  
ARG CD  HD2  sing N N 28  
ARG CD  HD3  sing N N 29  
ARG NE  CZ   sing N N 30  
ARG NE  HE   sing N N 31  
ARG CZ  NH1  sing N N 32  
ARG CZ  NH2  doub N N 33  
ARG NH1 HH11 sing N N 34  
ARG NH1 HH12 sing N N 35  
ARG NH2 HH21 sing N N 36  
ARG NH2 HH22 sing N N 37  
ARG OXT HXT  sing N N 38  
ASN N   CA   sing N N 39  
ASN N   H    sing N N 40  
ASN N   H2   sing N N 41  
ASN CA  C    sing N N 42  
ASN CA  CB   sing N N 43  
ASN CA  HA   sing N N 44  
ASN C   O    doub N N 45  
ASN C   OXT  sing N N 46  
ASN CB  CG   sing N N 47  
ASN CB  HB2  sing N N 48  
ASN CB  HB3  sing N N 49  
ASN CG  OD1  doub N N 50  
ASN CG  ND2  sing N N 51  
ASN ND2 HD21 sing N N 52  
ASN ND2 HD22 sing N N 53  
ASN OXT HXT  sing N N 54  
ASP N   CA   sing N N 55  
ASP N   H    sing N N 56  
ASP N   H2   sing N N 57  
ASP CA  C    sing N N 58  
ASP CA  CB   sing N N 59  
ASP CA  HA   sing N N 60  
ASP C   O    doub N N 61  
ASP C   OXT  sing N N 62  
ASP CB  CG   sing N N 63  
ASP CB  HB2  sing N N 64  
ASP CB  HB3  sing N N 65  
ASP CG  OD1  doub N N 66  
ASP CG  OD2  sing N N 67  
ASP OD2 HD2  sing N N 68  
ASP OXT HXT  sing N N 69  
GLN N   CA   sing N N 70  
GLN N   H    sing N N 71  
GLN N   H2   sing N N 72  
GLN CA  C    sing N N 73  
GLN CA  CB   sing N N 74  
GLN CA  HA   sing N N 75  
GLN C   O    doub N N 76  
GLN C   OXT  sing N N 77  
GLN CB  CG   sing N N 78  
GLN CB  HB2  sing N N 79  
GLN CB  HB3  sing N N 80  
GLN CG  CD   sing N N 81  
GLN CG  HG2  sing N N 82  
GLN CG  HG3  sing N N 83  
GLN CD  OE1  doub N N 84  
GLN CD  NE2  sing N N 85  
GLN NE2 HE21 sing N N 86  
GLN NE2 HE22 sing N N 87  
GLN OXT HXT  sing N N 88  
GLU N   CA   sing N N 89  
GLU N   H    sing N N 90  
GLU N   H2   sing N N 91  
GLU CA  C    sing N N 92  
GLU CA  CB   sing N N 93  
GLU CA  HA   sing N N 94  
GLU C   O    doub N N 95  
GLU C   OXT  sing N N 96  
GLU CB  CG   sing N N 97  
GLU CB  HB2  sing N N 98  
GLU CB  HB3  sing N N 99  
GLU CG  CD   sing N N 100 
GLU CG  HG2  sing N N 101 
GLU CG  HG3  sing N N 102 
GLU CD  OE1  doub N N 103 
GLU CD  OE2  sing N N 104 
GLU OE2 HE2  sing N N 105 
GLU OXT HXT  sing N N 106 
GLY N   CA   sing N N 107 
GLY N   H    sing N N 108 
GLY N   H2   sing N N 109 
GLY CA  C    sing N N 110 
GLY CA  HA2  sing N N 111 
GLY CA  HA3  sing N N 112 
GLY C   O    doub N N 113 
GLY C   OXT  sing N N 114 
GLY OXT HXT  sing N N 115 
HIS N   CA   sing N N 116 
HIS N   H    sing N N 117 
HIS N   H2   sing N N 118 
HIS CA  C    sing N N 119 
HIS CA  CB   sing N N 120 
HIS CA  HA   sing N N 121 
HIS C   O    doub N N 122 
HIS C   OXT  sing N N 123 
HIS CB  CG   sing N N 124 
HIS CB  HB2  sing N N 125 
HIS CB  HB3  sing N N 126 
HIS CG  ND1  sing Y N 127 
HIS CG  CD2  doub Y N 128 
HIS ND1 CE1  doub Y N 129 
HIS ND1 HD1  sing N N 130 
HIS CD2 NE2  sing Y N 131 
HIS CD2 HD2  sing N N 132 
HIS CE1 NE2  sing Y N 133 
HIS CE1 HE1  sing N N 134 
HIS NE2 HE2  sing N N 135 
HIS OXT HXT  sing N N 136 
HOH O   H1   sing N N 137 
HOH O   H2   sing N N 138 
ILE N   CA   sing N N 139 
ILE N   H    sing N N 140 
ILE N   H2   sing N N 141 
ILE CA  C    sing N N 142 
ILE CA  CB   sing N N 143 
ILE CA  HA   sing N N 144 
ILE C   O    doub N N 145 
ILE C   OXT  sing N N 146 
ILE CB  CG1  sing N N 147 
ILE CB  CG2  sing N N 148 
ILE CB  HB   sing N N 149 
ILE CG1 CD1  sing N N 150 
ILE CG1 HG12 sing N N 151 
ILE CG1 HG13 sing N N 152 
ILE CG2 HG21 sing N N 153 
ILE CG2 HG22 sing N N 154 
ILE CG2 HG23 sing N N 155 
ILE CD1 HD11 sing N N 156 
ILE CD1 HD12 sing N N 157 
ILE CD1 HD13 sing N N 158 
ILE OXT HXT  sing N N 159 
LEU N   CA   sing N N 160 
LEU N   H    sing N N 161 
LEU N   H2   sing N N 162 
LEU CA  C    sing N N 163 
LEU CA  CB   sing N N 164 
LEU CA  HA   sing N N 165 
LEU C   O    doub N N 166 
LEU C   OXT  sing N N 167 
LEU CB  CG   sing N N 168 
LEU CB  HB2  sing N N 169 
LEU CB  HB3  sing N N 170 
LEU CG  CD1  sing N N 171 
LEU CG  CD2  sing N N 172 
LEU CG  HG   sing N N 173 
LEU CD1 HD11 sing N N 174 
LEU CD1 HD12 sing N N 175 
LEU CD1 HD13 sing N N 176 
LEU CD2 HD21 sing N N 177 
LEU CD2 HD22 sing N N 178 
LEU CD2 HD23 sing N N 179 
LEU OXT HXT  sing N N 180 
LYS N   CA   sing N N 181 
LYS N   H    sing N N 182 
LYS N   H2   sing N N 183 
LYS CA  C    sing N N 184 
LYS CA  CB   sing N N 185 
LYS CA  HA   sing N N 186 
LYS C   O    doub N N 187 
LYS C   OXT  sing N N 188 
LYS CB  CG   sing N N 189 
LYS CB  HB2  sing N N 190 
LYS CB  HB3  sing N N 191 
LYS CG  CD   sing N N 192 
LYS CG  HG2  sing N N 193 
LYS CG  HG3  sing N N 194 
LYS CD  CE   sing N N 195 
LYS CD  HD2  sing N N 196 
LYS CD  HD3  sing N N 197 
LYS CE  NZ   sing N N 198 
LYS CE  HE2  sing N N 199 
LYS CE  HE3  sing N N 200 
LYS NZ  HZ1  sing N N 201 
LYS NZ  HZ2  sing N N 202 
LYS NZ  HZ3  sing N N 203 
LYS OXT HXT  sing N N 204 
MET N   CA   sing N N 205 
MET N   H    sing N N 206 
MET N   H2   sing N N 207 
MET CA  C    sing N N 208 
MET CA  CB   sing N N 209 
MET CA  HA   sing N N 210 
MET C   O    doub N N 211 
MET C   OXT  sing N N 212 
MET CB  CG   sing N N 213 
MET CB  HB2  sing N N 214 
MET CB  HB3  sing N N 215 
MET CG  SD   sing N N 216 
MET CG  HG2  sing N N 217 
MET CG  HG3  sing N N 218 
MET SD  CE   sing N N 219 
MET CE  HE1  sing N N 220 
MET CE  HE2  sing N N 221 
MET CE  HE3  sing N N 222 
MET OXT HXT  sing N N 223 
PHE N   CA   sing N N 224 
PHE N   H    sing N N 225 
PHE N   H2   sing N N 226 
PHE CA  C    sing N N 227 
PHE CA  CB   sing N N 228 
PHE CA  HA   sing N N 229 
PHE C   O    doub N N 230 
PHE C   OXT  sing N N 231 
PHE CB  CG   sing N N 232 
PHE CB  HB2  sing N N 233 
PHE CB  HB3  sing N N 234 
PHE CG  CD1  doub Y N 235 
PHE CG  CD2  sing Y N 236 
PHE CD1 CE1  sing Y N 237 
PHE CD1 HD1  sing N N 238 
PHE CD2 CE2  doub Y N 239 
PHE CD2 HD2  sing N N 240 
PHE CE1 CZ   doub Y N 241 
PHE CE1 HE1  sing N N 242 
PHE CE2 CZ   sing Y N 243 
PHE CE2 HE2  sing N N 244 
PHE CZ  HZ   sing N N 245 
PHE OXT HXT  sing N N 246 
PRO N   CA   sing N N 247 
PRO N   CD   sing N N 248 
PRO N   H    sing N N 249 
PRO CA  C    sing N N 250 
PRO CA  CB   sing N N 251 
PRO CA  HA   sing N N 252 
PRO C   O    doub N N 253 
PRO C   OXT  sing N N 254 
PRO CB  CG   sing N N 255 
PRO CB  HB2  sing N N 256 
PRO CB  HB3  sing N N 257 
PRO CG  CD   sing N N 258 
PRO CG  HG2  sing N N 259 
PRO CG  HG3  sing N N 260 
PRO CD  HD2  sing N N 261 
PRO CD  HD3  sing N N 262 
PRO OXT HXT  sing N N 263 
SER N   CA   sing N N 264 
SER N   H    sing N N 265 
SER N   H2   sing N N 266 
SER CA  C    sing N N 267 
SER CA  CB   sing N N 268 
SER CA  HA   sing N N 269 
SER C   O    doub N N 270 
SER C   OXT  sing N N 271 
SER CB  OG   sing N N 272 
SER CB  HB2  sing N N 273 
SER CB  HB3  sing N N 274 
SER OG  HG   sing N N 275 
SER OXT HXT  sing N N 276 
THR N   CA   sing N N 277 
THR N   H    sing N N 278 
THR N   H2   sing N N 279 
THR CA  C    sing N N 280 
THR CA  CB   sing N N 281 
THR CA  HA   sing N N 282 
THR C   O    doub N N 283 
THR C   OXT  sing N N 284 
THR CB  OG1  sing N N 285 
THR CB  CG2  sing N N 286 
THR CB  HB   sing N N 287 
THR OG1 HG1  sing N N 288 
THR CG2 HG21 sing N N 289 
THR CG2 HG22 sing N N 290 
THR CG2 HG23 sing N N 291 
THR OXT HXT  sing N N 292 
TYR N   CA   sing N N 293 
TYR N   H    sing N N 294 
TYR N   H2   sing N N 295 
TYR CA  C    sing N N 296 
TYR CA  CB   sing N N 297 
TYR CA  HA   sing N N 298 
TYR C   O    doub N N 299 
TYR C   OXT  sing N N 300 
TYR CB  CG   sing N N 301 
TYR CB  HB2  sing N N 302 
TYR CB  HB3  sing N N 303 
TYR CG  CD1  doub Y N 304 
TYR CG  CD2  sing Y N 305 
TYR CD1 CE1  sing Y N 306 
TYR CD1 HD1  sing N N 307 
TYR CD2 CE2  doub Y N 308 
TYR CD2 HD2  sing N N 309 
TYR CE1 CZ   doub Y N 310 
TYR CE1 HE1  sing N N 311 
TYR CE2 CZ   sing Y N 312 
TYR CE2 HE2  sing N N 313 
TYR CZ  OH   sing N N 314 
TYR OH  HH   sing N N 315 
TYR OXT HXT  sing N N 316 
VAL N   CA   sing N N 317 
VAL N   H    sing N N 318 
VAL N   H2   sing N N 319 
VAL CA  C    sing N N 320 
VAL CA  CB   sing N N 321 
VAL CA  HA   sing N N 322 
VAL C   O    doub N N 323 
VAL C   OXT  sing N N 324 
VAL CB  CG1  sing N N 325 
VAL CB  CG2  sing N N 326 
VAL CB  HB   sing N N 327 
VAL CG1 HG11 sing N N 328 
VAL CG1 HG12 sing N N 329 
VAL CG1 HG13 sing N N 330 
VAL CG2 HG21 sing N N 331 
VAL CG2 HG22 sing N N 332 
VAL CG2 HG23 sing N N 333 
VAL OXT HXT  sing N N 334 
# 
_atom_sites.entry_id                    1JWQ 
_atom_sites.fract_transf_matrix[1][1]   0.00542482 
_atom_sites.fract_transf_matrix[1][2]   0.01618115 
_atom_sites.fract_transf_matrix[1][3]   0.00320316 
_atom_sites.fract_transf_matrix[2][1]   -0.01156366 
_atom_sites.fract_transf_matrix[2][2]   0.01280002 
_atom_sites.fract_transf_matrix[2][3]   0.00198739 
_atom_sites.fract_transf_matrix[3][1]   -0.00038332 
_atom_sites.fract_transf_matrix[3][2]   -0.00207314 
_atom_sites.fract_transf_matrix[3][3]   0.01112194 
_atom_sites.fract_transf_vector[1]      0.488720 
_atom_sites.fract_transf_vector[2]      0.408196 
_atom_sites.fract_transf_vector[3]      0.598784 
# 
loop_
_atom_type.symbol 
C  
N  
O  
S  
ZN 
# 
loop_
_atom_site.group_PDB 
_atom_site.id 
_atom_site.type_symbol 
_atom_site.label_atom_id 
_atom_site.label_alt_id 
_atom_site.label_comp_id 
_atom_site.label_asym_id 
_atom_site.label_entity_id 
_atom_site.label_seq_id 
_atom_site.pdbx_PDB_ins_code 
_atom_site.Cartn_x 
_atom_site.Cartn_y 
_atom_site.Cartn_z 
_atom_site.occupancy 
_atom_site.B_iso_or_equiv 
_atom_site.pdbx_formal_charge 
_atom_site.auth_seq_id 
_atom_site.auth_comp_id 
_atom_site.auth_asym_id 
_atom_site.auth_atom_id 
_atom_site.pdbx_PDB_model_num 
ATOM   1    N  N   . MET A 1 1   ? 20.125  -6.268  8.384   1.00 34.81 ? 1    MET A N   1 
ATOM   2    C  CA  . MET A 1 1   ? 19.105  -5.179  8.379   1.00 33.16 ? 1    MET A CA  1 
ATOM   3    C  C   . MET A 1 1   ? 17.699  -5.762  8.366   1.00 30.48 ? 1    MET A C   1 
ATOM   4    O  O   . MET A 1 1   ? 17.517  -6.969  8.202   1.00 30.06 ? 1    MET A O   1 
ATOM   5    C  CB  . MET A 1 1   ? 19.279  -4.296  7.141   1.00 36.11 ? 1    MET A CB  1 
ATOM   6    C  CG  . MET A 1 1   ? 20.638  -3.645  7.014   1.00 39.45 ? 1    MET A CG  1 
ATOM   7    S  SD  . MET A 1 1   ? 20.758  -2.715  5.482   1.00 46.17 ? 1    MET A SD  1 
ATOM   8    C  CE  . MET A 1 1   ? 21.318  -3.993  4.346   1.00 43.34 ? 1    MET A CE  1 
ATOM   9    N  N   . LYS A 1 2   ? 16.708  -4.896  8.544   1.00 26.33 ? 2    LYS A N   1 
ATOM   10   C  CA  . LYS A 1 2   ? 15.320  -5.328  8.520   1.00 23.17 ? 2    LYS A CA  1 
ATOM   11   C  C   . LYS A 1 2   ? 14.830  -5.186  7.086   1.00 21.41 ? 2    LYS A C   1 
ATOM   12   O  O   . LYS A 1 2   ? 15.048  -4.158  6.444   1.00 19.38 ? 2    LYS A O   1 
ATOM   13   C  CB  . LYS A 1 2   ? 14.476  -4.483  9.476   1.00 23.93 ? 2    LYS A CB  1 
ATOM   14   C  CG  . LYS A 1 2   ? 14.871  -4.671  10.935  1.00 24.85 ? 2    LYS A CG  1 
ATOM   15   C  CD  . LYS A 1 2   ? 13.885  -4.029  11.895  1.00 26.16 ? 2    LYS A CD  1 
ATOM   16   C  CE  . LYS A 1 2   ? 14.266  -4.340  13.338  1.00 26.74 ? 2    LYS A CE  1 
ATOM   17   N  NZ  . LYS A 1 2   ? 13.262  -3.829  14.313  1.00 29.58 ? 2    LYS A NZ  1 
ATOM   18   N  N   . VAL A 1 3   ? 14.189  -6.235  6.587   1.00 17.09 ? 3    VAL A N   1 
ATOM   19   C  CA  . VAL A 1 3   ? 13.689  -6.253  5.222   1.00 15.40 ? 3    VAL A CA  1 
ATOM   20   C  C   . VAL A 1 3   ? 12.247  -5.781  5.139   1.00 14.03 ? 3    VAL A C   1 
ATOM   21   O  O   . VAL A 1 3   ? 11.383  -6.240  5.885   1.00 12.38 ? 3    VAL A O   1 
ATOM   22   C  CB  . VAL A 1 3   ? 13.799  -7.672  4.627   1.00 15.18 ? 3    VAL A CB  1 
ATOM   23   C  CG1 . VAL A 1 3   ? 13.211  -7.709  3.234   1.00 14.87 ? 3    VAL A CG1 1 
ATOM   24   C  CG2 . VAL A 1 3   ? 15.259  -8.099  4.597   1.00 16.76 ? 3    VAL A CG2 1 
ATOM   25   N  N   . VAL A 1 4   ? 12.005  -4.860  4.214   1.00 13.50 ? 4    VAL A N   1 
ATOM   26   C  CA  . VAL A 1 4   ? 10.678  -4.301  4.004   1.00 12.18 ? 4    VAL A CA  1 
ATOM   27   C  C   . VAL A 1 4   ? 10.244  -4.586  2.575   1.00 11.80 ? 4    VAL A C   1 
ATOM   28   O  O   . VAL A 1 4   ? 10.910  -4.173  1.629   1.00 13.00 ? 4    VAL A O   1 
ATOM   29   C  CB  . VAL A 1 4   ? 10.686  -2.770  4.209   1.00 13.47 ? 4    VAL A CB  1 
ATOM   30   C  CG1 . VAL A 1 4   ? 9.287   -2.198  3.974   1.00 13.74 ? 4    VAL A CG1 1 
ATOM   31   C  CG2 . VAL A 1 4   ? 11.178  -2.440  5.606   1.00 13.50 ? 4    VAL A CG2 1 
ATOM   32   N  N   . VAL A 1 5   ? 9.135   -5.299  2.412   1.00 10.31 ? 5    VAL A N   1 
ATOM   33   C  CA  . VAL A 1 5   ? 8.653   -5.593  1.070   1.00 10.39 ? 5    VAL A CA  1 
ATOM   34   C  C   . VAL A 1 5   ? 7.438   -4.730  0.783   1.00 8.53  ? 5    VAL A C   1 
ATOM   35   O  O   . VAL A 1 5   ? 6.474   -4.725  1.544   1.00 9.59  ? 5    VAL A O   1 
ATOM   36   C  CB  . VAL A 1 5   ? 8.297   -7.090  0.906   1.00 10.09 ? 5    VAL A CB  1 
ATOM   37   C  CG1 . VAL A 1 5   ? 7.601   -7.324  -0.438  1.00 10.32 ? 5    VAL A CG1 1 
ATOM   38   C  CG2 . VAL A 1 5   ? 9.566   -7.927  0.975   1.00 11.99 ? 5    VAL A CG2 1 
ATOM   39   N  N   . ILE A 1 6   ? 7.518   -3.971  -0.304  1.00 9.06  ? 6    ILE A N   1 
ATOM   40   C  CA  . ILE A 1 6   ? 6.435   -3.096  -0.720  1.00 9.92  ? 6    ILE A CA  1 
ATOM   41   C  C   . ILE A 1 6   ? 5.873   -3.691  -1.994  1.00 10.55 ? 6    ILE A C   1 
ATOM   42   O  O   . ILE A 1 6   ? 6.594   -3.895  -2.971  1.00 11.26 ? 6    ILE A O   1 
ATOM   43   C  CB  . ILE A 1 6   ? 6.930   -1.672  -1.011  1.00 10.51 ? 6    ILE A CB  1 
ATOM   44   C  CG1 . ILE A 1 6   ? 7.649   -1.107  0.217   1.00 10.53 ? 6    ILE A CG1 1 
ATOM   45   C  CG2 . ILE A 1 6   ? 5.750   -0.791  -1.411  1.00 8.13  ? 6    ILE A CG2 1 
ATOM   46   C  CD1 . ILE A 1 6   ? 6.771   -0.930  1.436   1.00 11.57 ? 6    ILE A CD1 1 
ATOM   47   N  N   . ASP A 1 7   ? 4.576   -3.959  -1.966  1.00 9.48  ? 7    ASP A N   1 
ATOM   48   C  CA  . ASP A 1 7   ? 3.886   -4.571  -3.081  1.00 10.34 ? 7    ASP A CA  1 
ATOM   49   C  C   . ASP A 1 7   ? 2.885   -3.624  -3.728  1.00 10.74 ? 7    ASP A C   1 
ATOM   50   O  O   . ASP A 1 7   ? 1.860   -3.283  -3.128  1.00 10.91 ? 7    ASP A O   1 
ATOM   51   C  CB  . ASP A 1 7   ? 3.178   -5.830  -2.572  1.00 8.61  ? 7    ASP A CB  1 
ATOM   52   C  CG  . ASP A 1 7   ? 2.350   -6.503  -3.636  1.00 9.15  ? 7    ASP A CG  1 
ATOM   53   O  OD1 . ASP A 1 7   ? 1.132   -6.665  -3.419  1.00 11.88 ? 7    ASP A OD1 1 
ATOM   54   O  OD2 . ASP A 1 7   ? 2.920   -6.864  -4.681  1.00 11.16 ? 7    ASP A OD2 1 
ATOM   55   N  N   . ALA A 1 8   ? 3.198   -3.186  -4.946  1.00 9.91  ? 8    ALA A N   1 
ATOM   56   C  CA  . ALA A 1 8   ? 2.311   -2.302  -5.697  1.00 9.53  ? 8    ALA A CA  1 
ATOM   57   C  C   . ALA A 1 8   ? 1.303   -3.227  -6.356  1.00 10.10 ? 8    ALA A C   1 
ATOM   58   O  O   . ALA A 1 8   ? 1.650   -3.989  -7.253  1.00 11.04 ? 8    ALA A O   1 
ATOM   59   C  CB  . ALA A 1 8   ? 3.098   -1.538  -6.759  1.00 10.11 ? 8    ALA A CB  1 
ATOM   60   N  N   . GLY A 1 9   ? 0.057   -3.164  -5.903  1.00 11.06 ? 9    GLY A N   1 
ATOM   61   C  CA  . GLY A 1 9   ? -0.965  -4.034  -6.444  1.00 12.11 ? 9    GLY A CA  1 
ATOM   62   C  C   . GLY A 1 9   ? -1.149  -3.993  -7.947  1.00 12.54 ? 9    GLY A C   1 
ATOM   63   O  O   . GLY A 1 9   ? -0.963  -2.954  -8.586  1.00 12.26 ? 9    GLY A O   1 
ATOM   64   N  N   . HIS A 1 10  ? -1.496  -5.147  -8.507  1.00 11.73 ? 10   HIS A N   1 
ATOM   65   C  CA  . HIS A 1 10  ? -1.767  -5.285  -9.932  1.00 11.74 ? 10   HIS A CA  1 
ATOM   66   C  C   . HIS A 1 10  ? -0.553  -5.029  -10.817 1.00 13.44 ? 10   HIS A C   1 
ATOM   67   O  O   . HIS A 1 10  ? 0.585   -5.116  -10.362 1.00 12.24 ? 10   HIS A O   1 
ATOM   68   C  CB  . HIS A 1 10  ? -2.914  -4.348  -10.293 1.00 11.73 ? 10   HIS A CB  1 
ATOM   69   C  CG  . HIS A 1 10  ? -4.042  -4.401  -9.311  1.00 11.11 ? 10   HIS A CG  1 
ATOM   70   N  ND1 . HIS A 1 10  ? -4.834  -5.519  -9.155  1.00 11.45 ? 10   HIS A ND1 1 
ATOM   71   C  CD2 . HIS A 1 10  ? -4.436  -3.524  -8.358  1.00 10.88 ? 10   HIS A CD2 1 
ATOM   72   C  CE1 . HIS A 1 10  ? -5.663  -5.328  -8.143  1.00 11.82 ? 10   HIS A CE1 1 
ATOM   73   N  NE2 . HIS A 1 10  ? -5.442  -4.127  -7.642  1.00 10.06 ? 10   HIS A NE2 1 
ATOM   74   N  N   . GLY A 1 11  ? -0.803  -4.735  -12.089 1.00 13.66 ? 11   GLY A N   1 
ATOM   75   C  CA  . GLY A 1 11  ? 0.296   -4.473  -12.999 1.00 13.46 ? 11   GLY A CA  1 
ATOM   76   C  C   . GLY A 1 11  ? 0.135   -5.133  -14.351 1.00 16.15 ? 11   GLY A C   1 
ATOM   77   O  O   . GLY A 1 11  ? -0.459  -6.208  -14.466 1.00 16.77 ? 11   GLY A O   1 
ATOM   78   N  N   . ALA A 1 12  ? 0.669   -4.479  -15.375 1.00 17.14 ? 12   ALA A N   1 
ATOM   79   C  CA  . ALA A 1 12  ? 0.605   -4.983  -16.739 1.00 18.74 ? 12   ALA A CA  1 
ATOM   80   C  C   . ALA A 1 12  ? -0.842  -5.222  -17.156 1.00 19.41 ? 12   ALA A C   1 
ATOM   81   O  O   . ALA A 1 12  ? -1.666  -4.310  -17.097 1.00 19.83 ? 12   ALA A O   1 
ATOM   82   C  CB  . ALA A 1 12  ? 1.418   -6.271  -16.856 1.00 20.48 ? 12   ALA A CB  1 
ATOM   83   N  N   . LYS A 1 13  ? -1.155  -6.447  -17.568 1.00 20.62 ? 13   LYS A N   1 
ATOM   84   C  CA  . LYS A 1 13  ? -2.506  -6.771  -18.004 1.00 20.46 ? 13   LYS A CA  1 
ATOM   85   C  C   . LYS A 1 13  ? -3.554  -6.507  -16.929 1.00 19.70 ? 13   LYS A C   1 
ATOM   86   O  O   . LYS A 1 13  ? -4.722  -6.297  -17.245 1.00 19.35 ? 13   LYS A O   1 
ATOM   87   C  CB  . LYS A 1 13  ? -2.584  -8.227  -18.479 1.00 24.10 ? 13   LYS A CB  1 
ATOM   88   C  CG  . LYS A 1 13  ? -2.196  -9.269  -17.442 1.00 28.05 ? 13   LYS A CG  1 
ATOM   89   C  CD  . LYS A 1 13  ? -2.264  -10.664 -18.047 1.00 32.63 ? 13   LYS A CD  1 
ATOM   90   C  CE  . LYS A 1 13  ? -1.917  -11.732 -17.025 1.00 35.05 ? 13   LYS A CE  1 
ATOM   91   N  NZ  . LYS A 1 13  ? -1.958  -13.099 -17.613 1.00 37.40 ? 13   LYS A NZ  1 
ATOM   92   N  N   . ASP A 1 14  ? -3.138  -6.514  -15.665 1.00 17.69 ? 14   ASP A N   1 
ATOM   93   C  CA  . ASP A 1 14  ? -4.057  -6.245  -14.559 1.00 18.04 ? 14   ASP A CA  1 
ATOM   94   C  C   . ASP A 1 14  ? -3.950  -4.763  -14.213 1.00 17.35 ? 14   ASP A C   1 
ATOM   95   O  O   . ASP A 1 14  ? -3.014  -4.336  -13.542 1.00 17.81 ? 14   ASP A O   1 
ATOM   96   C  CB  . ASP A 1 14  ? -3.695  -7.093  -13.334 1.00 16.98 ? 14   ASP A CB  1 
ATOM   97   C  CG  . ASP A 1 14  ? -4.675  -6.909  -12.182 1.00 18.94 ? 14   ASP A CG  1 
ATOM   98   O  OD1 . ASP A 1 14  ? -5.725  -6.255  -12.378 1.00 17.60 ? 14   ASP A OD1 1 
ATOM   99   O  OD2 . ASP A 1 14  ? -4.399  -7.429  -11.078 1.00 16.68 ? 14   ASP A OD2 1 
ATOM   100  N  N   . SER A 1 15  ? -4.907  -3.976  -14.687 1.00 17.50 ? 15   SER A N   1 
ATOM   101  C  CA  . SER A 1 15  ? -4.897  -2.542  -14.436 1.00 17.61 ? 15   SER A CA  1 
ATOM   102  C  C   . SER A 1 15  ? -5.456  -2.194  -13.066 1.00 16.67 ? 15   SER A C   1 
ATOM   103  O  O   . SER A 1 15  ? -5.273  -1.081  -12.579 1.00 15.30 ? 15   SER A O   1 
ATOM   104  C  CB  . SER A 1 15  ? -5.727  -1.822  -15.496 1.00 20.13 ? 15   SER A CB  1 
ATOM   105  O  OG  . SER A 1 15  ? -7.084  -2.224  -15.414 1.00 22.43 ? 15   SER A OG  1 
ATOM   106  N  N   . GLY A 1 16  ? -6.128  -3.152  -12.441 1.00 16.35 ? 16   GLY A N   1 
ATOM   107  C  CA  . GLY A 1 16  ? -6.742  -2.874  -11.159 1.00 17.26 ? 16   GLY A CA  1 
ATOM   108  C  C   . GLY A 1 16  ? -7.968  -2.041  -11.485 1.00 17.22 ? 16   GLY A C   1 
ATOM   109  O  O   . GLY A 1 16  ? -8.492  -2.129  -12.594 1.00 17.13 ? 16   GLY A O   1 
ATOM   110  N  N   . ALA A 1 17  ? -8.422  -1.226  -10.543 1.00 17.09 ? 17   ALA A N   1 
ATOM   111  C  CA  . ALA A 1 17  ? -9.595  -0.393  -10.775 1.00 16.01 ? 17   ALA A CA  1 
ATOM   112  C  C   . ALA A 1 17  ? -9.310  0.724   -11.777 1.00 16.51 ? 17   ALA A C   1 
ATOM   113  O  O   . ALA A 1 17  ? -8.205  1.261   -11.830 1.00 16.01 ? 17   ALA A O   1 
ATOM   114  C  CB  . ALA A 1 17  ? -10.076 0.206   -9.455  1.00 16.69 ? 17   ALA A CB  1 
ATOM   115  N  N   . VAL A 1 18  ? -10.314 1.062   -12.578 1.00 16.39 ? 18   VAL A N   1 
ATOM   116  C  CA  . VAL A 1 18  ? -10.190 2.136   -13.554 1.00 16.75 ? 18   VAL A CA  1 
ATOM   117  C  C   . VAL A 1 18  ? -10.897 3.339   -12.932 1.00 17.70 ? 18   VAL A C   1 
ATOM   118  O  O   . VAL A 1 18  ? -12.041 3.226   -12.485 1.00 16.83 ? 18   VAL A O   1 
ATOM   119  C  CB  . VAL A 1 18  ? -10.876 1.763   -14.890 1.00 18.71 ? 18   VAL A CB  1 
ATOM   120  C  CG1 . VAL A 1 18  ? -10.707 2.887   -15.904 1.00 18.29 ? 18   VAL A CG1 1 
ATOM   121  C  CG2 . VAL A 1 18  ? -10.284 0.472   -15.428 1.00 17.82 ? 18   VAL A CG2 1 
ATOM   122  N  N   . GLY A 1 19  ? -10.210 4.476   -12.879 1.00 16.06 ? 19   GLY A N   1 
ATOM   123  C  CA  . GLY A 1 19  ? -10.800 5.665   -12.289 1.00 16.47 ? 19   GLY A CA  1 
ATOM   124  C  C   . GLY A 1 19  ? -12.088 6.070   -12.977 1.00 17.21 ? 19   GLY A C   1 
ATOM   125  O  O   . GLY A 1 19  ? -12.324 5.694   -14.120 1.00 18.01 ? 19   GLY A O   1 
ATOM   126  N  N   . ILE A 1 20  ? -12.927 6.833   -12.286 1.00 18.73 ? 20   ILE A N   1 
ATOM   127  C  CA  . ILE A 1 20  ? -14.189 7.265   -12.872 1.00 19.75 ? 20   ILE A CA  1 
ATOM   128  C  C   . ILE A 1 20  ? -13.934 8.139   -14.104 1.00 21.86 ? 20   ILE A C   1 
ATOM   129  O  O   . ILE A 1 20  ? -14.745 8.166   -15.032 1.00 22.09 ? 20   ILE A O   1 
ATOM   130  C  CB  . ILE A 1 20  ? -15.049 8.031   -11.839 1.00 18.70 ? 20   ILE A CB  1 
ATOM   131  C  CG1 . ILE A 1 20  ? -16.381 8.445   -12.475 1.00 20.08 ? 20   ILE A CG1 1 
ATOM   132  C  CG2 . ILE A 1 20  ? -14.292 9.239   -11.317 1.00 17.18 ? 20   ILE A CG2 1 
ATOM   133  C  CD1 . ILE A 1 20  ? -17.348 9.083   -11.496 1.00 19.91 ? 20   ILE A CD1 1 
ATOM   134  N  N   . SER A 1 21  ? -12.796 8.828   -14.121 1.00 21.33 ? 21   SER A N   1 
ATOM   135  C  CA  . SER A 1 21  ? -12.430 9.686   -15.247 1.00 22.03 ? 21   SER A CA  1 
ATOM   136  C  C   . SER A 1 21  ? -12.162 8.829   -16.479 1.00 23.02 ? 21   SER A C   1 
ATOM   137  O  O   . SER A 1 21  ? -12.213 9.316   -17.613 1.00 23.89 ? 21   SER A O   1 
ATOM   138  C  CB  . SER A 1 21  ? -11.161 10.469  -14.924 1.00 20.89 ? 21   SER A CB  1 
ATOM   139  O  OG  . SER A 1 21  ? -10.042 9.597   -14.933 1.00 18.13 ? 21   SER A OG  1 
ATOM   140  N  N   . ARG A 1 22  ? -11.860 7.557   -16.235 1.00 23.41 ? 22   ARG A N   1 
ATOM   141  C  CA  . ARG A 1 22  ? -11.556 6.584   -17.277 1.00 24.07 ? 22   ARG A CA  1 
ATOM   142  C  C   . ARG A 1 22  ? -10.187 6.848   -17.905 1.00 24.34 ? 22   ARG A C   1 
ATOM   143  O  O   . ARG A 1 22  ? -9.848  6.272   -18.939 1.00 24.94 ? 22   ARG A O   1 
ATOM   144  C  CB  . ARG A 1 22  ? -12.646 6.600   -18.352 1.00 25.33 ? 22   ARG A CB  1 
ATOM   145  N  N   . LYS A 1 23  ? -9.400  7.708   -17.266 1.00 22.83 ? 23   LYS A N   1 
ATOM   146  C  CA  . LYS A 1 23  ? -8.072  8.056   -17.765 1.00 22.14 ? 23   LYS A CA  1 
ATOM   147  C  C   . LYS A 1 23  ? -6.951  7.566   -16.853 1.00 21.22 ? 23   LYS A C   1 
ATOM   148  O  O   . LYS A 1 23  ? -5.775  7.664   -17.206 1.00 20.84 ? 23   LYS A O   1 
ATOM   149  C  CB  . LYS A 1 23  ? -7.962  9.565   -17.938 1.00 23.72 ? 23   LYS A CB  1 
ATOM   150  N  N   . ASN A 1 24  ? -7.315  7.042   -15.687 1.00 18.87 ? 24   ASN A N   1 
ATOM   151  C  CA  . ASN A 1 24  ? -6.325  6.553   -14.729 1.00 17.51 ? 24   ASN A CA  1 
ATOM   152  C  C   . ASN A 1 24  ? -6.561  5.101   -14.326 1.00 16.90 ? 24   ASN A C   1 
ATOM   153  O  O   . ASN A 1 24  ? -7.702  4.660   -14.191 1.00 16.32 ? 24   ASN A O   1 
ATOM   154  C  CB  . ASN A 1 24  ? -6.337  7.415   -13.465 1.00 17.97 ? 24   ASN A CB  1 
ATOM   155  C  CG  . ASN A 1 24  ? -6.052  8.873   -13.746 1.00 19.24 ? 24   ASN A CG  1 
ATOM   156  O  OD1 . ASN A 1 24  ? -6.868  9.742   -13.443 1.00 21.38 ? 24   ASN A OD1 1 
ATOM   157  N  ND2 . ASN A 1 24  ? -4.890  9.150   -14.321 1.00 16.32 ? 24   ASN A ND2 1 
ATOM   158  N  N   . TYR A 1 25  ? -5.467  4.373   -14.124 1.00 17.19 ? 25   TYR A N   1 
ATOM   159  C  CA  . TYR A 1 25  ? -5.513  2.969   -13.713 1.00 16.98 ? 25   TYR A CA  1 
ATOM   160  C  C   . TYR A 1 25  ? -4.932  2.846   -12.314 1.00 15.69 ? 25   TYR A C   1 
ATOM   161  O  O   . TYR A 1 25  ? -3.959  3.515   -11.985 1.00 12.67 ? 25   TYR A O   1 
ATOM   162  C  CB  . TYR A 1 25  ? -4.671  2.103   -14.652 1.00 20.61 ? 25   TYR A CB  1 
ATOM   163  C  CG  . TYR A 1 25  ? -5.279  1.844   -16.007 1.00 23.72 ? 25   TYR A CG  1 
ATOM   164  C  CD1 . TYR A 1 25  ? -4.468  1.545   -17.104 1.00 25.19 ? 25   TYR A CD1 1 
ATOM   165  C  CD2 . TYR A 1 25  ? -6.663  1.861   -16.193 1.00 24.73 ? 25   TYR A CD2 1 
ATOM   166  C  CE1 . TYR A 1 25  ? -5.018  1.268   -18.350 1.00 27.48 ? 25   TYR A CE1 1 
ATOM   167  C  CE2 . TYR A 1 25  ? -7.224  1.584   -17.437 1.00 27.57 ? 25   TYR A CE2 1 
ATOM   168  C  CZ  . TYR A 1 25  ? -6.396  1.288   -18.509 1.00 28.73 ? 25   TYR A CZ  1 
ATOM   169  O  OH  . TYR A 1 25  ? -6.945  1.011   -19.740 1.00 31.77 ? 25   TYR A OH  1 
ATOM   170  N  N   . GLU A 1 26  ? -5.519  1.978   -11.500 1.00 13.07 ? 26   GLU A N   1 
ATOM   171  C  CA  . GLU A 1 26  ? -5.027  1.775   -10.144 1.00 13.44 ? 26   GLU A CA  1 
ATOM   172  C  C   . GLU A 1 26  ? -3.569  1.303   -10.140 1.00 12.22 ? 26   GLU A C   1 
ATOM   173  O  O   . GLU A 1 26  ? -2.779  1.723   -9.294  1.00 11.11 ? 26   GLU A O   1 
ATOM   174  C  CB  . GLU A 1 26  ? -5.893  0.739   -9.422  1.00 12.31 ? 26   GLU A CB  1 
ATOM   175  C  CG  . GLU A 1 26  ? -5.390  0.381   -8.031  1.00 12.22 ? 26   GLU A CG  1 
ATOM   176  C  CD  . GLU A 1 26  ? -6.057  -0.854  -7.471  1.00 12.29 ? 26   GLU A CD  1 
ATOM   177  O  OE1 . GLU A 1 26  ? -5.585  -1.361  -6.429  1.00 11.26 ? 26   GLU A OE1 1 
ATOM   178  O  OE2 . GLU A 1 26  ? -7.055  -1.318  -8.071  1.00 11.75 ? 26   GLU A OE2 1 
ATOM   179  N  N   . LYS A 1 27  ? -3.214  0.426   -11.078 1.00 12.16 ? 27   LYS A N   1 
ATOM   180  C  CA  . LYS A 1 27  ? -1.850  -0.095  -11.141 1.00 11.76 ? 27   LYS A CA  1 
ATOM   181  C  C   . LYS A 1 27  ? -0.817  1.018   -11.225 1.00 12.00 ? 27   LYS A C   1 
ATOM   182  O  O   . LYS A 1 27  ? 0.282   0.906   -10.673 1.00 13.01 ? 27   LYS A O   1 
ATOM   183  C  CB  . LYS A 1 27  ? -1.678  -1.043  -12.340 1.00 12.54 ? 27   LYS A CB  1 
ATOM   184  C  CG  . LYS A 1 27  ? -1.828  -0.386  -13.707 1.00 13.41 ? 27   LYS A CG  1 
ATOM   185  C  CD  . LYS A 1 27  ? -1.387  -1.336  -14.821 1.00 15.38 ? 27   LYS A CD  1 
ATOM   186  C  CE  . LYS A 1 27  ? -1.428  -0.655  -16.189 1.00 17.69 ? 27   LYS A CE  1 
ATOM   187  N  NZ  . LYS A 1 27  ? -0.847  -1.522  -17.269 1.00 16.95 ? 27   LYS A NZ  1 
ATOM   188  N  N   . THR A 1 28  ? -1.179  2.089   -11.921 1.00 12.27 ? 28   THR A N   1 
ATOM   189  C  CA  . THR A 1 28  ? -0.306  3.244   -12.101 1.00 11.62 ? 28   THR A CA  1 
ATOM   190  C  C   . THR A 1 28  ? -0.092  3.934   -10.759 1.00 12.02 ? 28   THR A C   1 
ATOM   191  O  O   . THR A 1 28  ? 1.033   4.280   -10.396 1.00 11.77 ? 28   THR A O   1 
ATOM   192  C  CB  . THR A 1 28  ? -0.940  4.242   -13.089 1.00 12.83 ? 28   THR A CB  1 
ATOM   193  O  OG1 . THR A 1 28  ? -1.320  3.544   -14.282 1.00 13.86 ? 28   THR A OG1 1 
ATOM   194  C  CG2 . THR A 1 28  ? 0.043   5.345   -13.445 1.00 12.87 ? 28   THR A CG2 1 
ATOM   195  N  N   . PHE A 1 29  ? -1.185  4.140   -10.033 1.00 10.37 ? 29   PHE A N   1 
ATOM   196  C  CA  . PHE A 1 29  ? -1.122  4.763   -8.718  1.00 10.10 ? 29   PHE A CA  1 
ATOM   197  C  C   . PHE A 1 29  ? -0.297  3.908   -7.757  1.00 10.00 ? 29   PHE A C   1 
ATOM   198  O  O   . PHE A 1 29  ? 0.574   4.417   -7.056  1.00 11.23 ? 29   PHE A O   1 
ATOM   199  C  CB  . PHE A 1 29  ? -2.532  4.937   -8.147  1.00 9.94  ? 29   PHE A CB  1 
ATOM   200  C  CG  . PHE A 1 29  ? -2.555  5.394   -6.711  1.00 11.72 ? 29   PHE A CG  1 
ATOM   201  C  CD1 . PHE A 1 29  ? -2.301  6.719   -6.382  1.00 11.47 ? 29   PHE A CD1 1 
ATOM   202  C  CD2 . PHE A 1 29  ? -2.810  4.486   -5.685  1.00 11.77 ? 29   PHE A CD2 1 
ATOM   203  C  CE1 . PHE A 1 29  ? -2.300  7.139   -5.054  1.00 11.71 ? 29   PHE A CE1 1 
ATOM   204  C  CE2 . PHE A 1 29  ? -2.812  4.895   -4.355  1.00 11.04 ? 29   PHE A CE2 1 
ATOM   205  C  CZ  . PHE A 1 29  ? -2.556  6.228   -4.039  1.00 13.67 ? 29   PHE A CZ  1 
ATOM   206  N  N   . ASN A 1 30  ? -0.576  2.608   -7.726  1.00 9.44  ? 30   ASN A N   1 
ATOM   207  C  CA  . ASN A 1 30  ? 0.131   1.707   -6.826  1.00 9.34  ? 30   ASN A CA  1 
ATOM   208  C  C   . ASN A 1 30  ? 1.638   1.730   -7.023  1.00 10.00 ? 30   ASN A C   1 
ATOM   209  O  O   . ASN A 1 30  ? 2.397   1.765   -6.055  1.00 9.18  ? 30   ASN A O   1 
ATOM   210  C  CB  . ASN A 1 30  ? -0.386  0.272   -6.987  1.00 10.30 ? 30   ASN A CB  1 
ATOM   211  C  CG  . ASN A 1 30  ? -1.855  0.136   -6.608  1.00 9.88  ? 30   ASN A CG  1 
ATOM   212  O  OD1 . ASN A 1 30  ? -2.402  0.978   -5.893  1.00 9.53  ? 30   ASN A OD1 1 
ATOM   213  N  ND2 . ASN A 1 30  ? -2.496  -0.934  -7.074  1.00 9.42  ? 30   ASN A ND2 1 
ATOM   214  N  N   . LEU A 1 31  ? 2.074   1.708   -8.276  1.00 10.86 ? 31   LEU A N   1 
ATOM   215  C  CA  . LEU A 1 31  ? 3.501   1.723   -8.570  1.00 11.59 ? 31   LEU A CA  1 
ATOM   216  C  C   . LEU A 1 31  ? 4.135   3.049   -8.155  1.00 10.79 ? 31   LEU A C   1 
ATOM   217  O  O   . LEU A 1 31  ? 5.174   3.067   -7.506  1.00 10.70 ? 31   LEU A O   1 
ATOM   218  C  CB  . LEU A 1 31  ? 3.731   1.481   -10.061 1.00 12.06 ? 31   LEU A CB  1 
ATOM   219  C  CG  . LEU A 1 31  ? 5.195   1.499   -10.506 1.00 11.51 ? 31   LEU A CG  1 
ATOM   220  C  CD1 . LEU A 1 31  ? 5.973   0.411   -9.777  1.00 12.26 ? 31   LEU A CD1 1 
ATOM   221  C  CD2 . LEU A 1 31  ? 5.258   1.279   -12.008 1.00 14.36 ? 31   LEU A CD2 1 
ATOM   222  N  N   . ALA A 1 32  ? 3.506   4.157   -8.535  1.00 12.24 ? 32   ALA A N   1 
ATOM   223  C  CA  . ALA A 1 32  ? 4.022   5.478   -8.189  1.00 11.45 ? 32   ALA A CA  1 
ATOM   224  C  C   . ALA A 1 32  ? 4.205   5.597   -6.677  1.00 13.35 ? 32   ALA A C   1 
ATOM   225  O  O   . ALA A 1 32  ? 5.197   6.154   -6.200  1.00 13.55 ? 32   ALA A O   1 
ATOM   226  C  CB  . ALA A 1 32  ? 3.066   6.568   -8.698  1.00 9.82  ? 32   ALA A CB  1 
ATOM   227  N  N   . MET A 1 33  ? 3.244   5.069   -5.925  1.00 11.97 ? 33   MET A N   1 
ATOM   228  C  CA  . MET A 1 33  ? 3.312   5.118   -4.468  1.00 11.71 ? 33   MET A CA  1 
ATOM   229  C  C   . MET A 1 33  ? 4.438   4.234   -3.938  1.00 10.74 ? 33   MET A C   1 
ATOM   230  O  O   . MET A 1 33  ? 5.212   4.655   -3.081  1.00 10.65 ? 33   MET A O   1 
ATOM   231  C  CB  . MET A 1 33  ? 1.981   4.669   -3.852  1.00 12.32 ? 33   MET A CB  1 
ATOM   232  C  CG  . MET A 1 33  ? 0.847   5.659   -4.051  1.00 13.32 ? 33   MET A CG  1 
ATOM   233  S  SD  . MET A 1 33  ? 1.257   7.281   -3.375  1.00 16.59 ? 33   MET A SD  1 
ATOM   234  C  CE  . MET A 1 33  ? 1.777   6.830   -1.731  1.00 11.90 ? 33   MET A CE  1 
ATOM   235  N  N   . ALA A 1 34  ? 4.521   3.010   -4.452  1.00 10.86 ? 34   ALA A N   1 
ATOM   236  C  CA  . ALA A 1 34  ? 5.557   2.078   -4.028  1.00 11.34 ? 34   ALA A CA  1 
ATOM   237  C  C   . ALA A 1 34  ? 6.946   2.657   -4.272  1.00 11.71 ? 34   ALA A C   1 
ATOM   238  O  O   . ALA A 1 34  ? 7.832   2.558   -3.420  1.00 11.95 ? 34   ALA A O   1 
ATOM   239  C  CB  . ALA A 1 34  ? 5.403   0.748   -4.765  1.00 11.87 ? 34   ALA A CB  1 
ATOM   240  N  N   . LEU A 1 35  ? 7.139   3.269   -5.434  1.00 12.00 ? 35   LEU A N   1 
ATOM   241  C  CA  . LEU A 1 35  ? 8.434   3.853   -5.768  1.00 12.88 ? 35   LEU A CA  1 
ATOM   242  C  C   . LEU A 1 35  ? 8.776   5.018   -4.841  1.00 13.39 ? 35   LEU A C   1 
ATOM   243  O  O   . LEU A 1 35  ? 9.929   5.190   -4.452  1.00 13.83 ? 35   LEU A O   1 
ATOM   244  C  CB  . LEU A 1 35  ? 8.443   4.323   -7.225  1.00 14.48 ? 35   LEU A CB  1 
ATOM   245  C  CG  . LEU A 1 35  ? 8.312   3.209   -8.268  1.00 15.53 ? 35   LEU A CG  1 
ATOM   246  C  CD1 . LEU A 1 35  ? 8.320   3.808   -9.658  1.00 17.97 ? 35   LEU A CD1 1 
ATOM   247  C  CD2 . LEU A 1 35  ? 9.452   2.207   -8.108  1.00 17.70 ? 35   LEU A CD2 1 
ATOM   248  N  N   . LYS A 1 36  ? 7.776   5.820   -4.492  1.00 13.06 ? 36   LYS A N   1 
ATOM   249  C  CA  . LYS A 1 36  ? 8.005   6.951   -3.598  1.00 13.07 ? 36   LYS A CA  1 
ATOM   250  C  C   . LYS A 1 36  ? 8.346   6.467   -2.191  1.00 13.16 ? 36   LYS A C   1 
ATOM   251  O  O   . LYS A 1 36  ? 9.238   7.012   -1.539  1.00 12.50 ? 36   LYS A O   1 
ATOM   252  C  CB  . LYS A 1 36  ? 6.779   7.866   -3.561  1.00 13.45 ? 36   LYS A CB  1 
ATOM   253  C  CG  . LYS A 1 36  ? 6.623   8.737   -4.798  1.00 15.14 ? 36   LYS A CG  1 
ATOM   254  C  CD  . LYS A 1 36  ? 5.327   9.530   -4.765  1.00 19.40 ? 36   LYS A CD  1 
ATOM   255  C  CE  . LYS A 1 36  ? 5.145   10.370  -6.031  1.00 18.38 ? 36   LYS A CE  1 
ATOM   256  N  NZ  . LYS A 1 36  ? 6.204   11.408  -6.156  1.00 21.63 ? 36   LYS A NZ  1 
ATOM   257  N  N   . VAL A 1 37  ? 7.641   5.442   -1.722  1.00 12.85 ? 37   VAL A N   1 
ATOM   258  C  CA  . VAL A 1 37  ? 7.911   4.912   -0.392  1.00 12.10 ? 37   VAL A CA  1 
ATOM   259  C  C   . VAL A 1 37  ? 9.321   4.329   -0.385  1.00 14.10 ? 37   VAL A C   1 
ATOM   260  O  O   . VAL A 1 37  ? 10.066  4.493   0.580   1.00 13.73 ? 37   VAL A O   1 
ATOM   261  C  CB  . VAL A 1 37  ? 6.874   3.829   -0.001  1.00 13.22 ? 37   VAL A CB  1 
ATOM   262  C  CG1 . VAL A 1 37  ? 7.274   3.156   1.310   1.00 11.92 ? 37   VAL A CG1 1 
ATOM   263  C  CG2 . VAL A 1 37  ? 5.503   4.468   0.148   1.00 10.41 ? 37   VAL A CG2 1 
ATOM   264  N  N   . GLU A 1 38  ? 9.693   3.677   -1.481  1.00 13.78 ? 38   GLU A N   1 
ATOM   265  C  CA  . GLU A 1 38  ? 11.018  3.088   -1.590  1.00 14.94 ? 38   GLU A CA  1 
ATOM   266  C  C   . GLU A 1 38  ? 12.097  4.161   -1.477  1.00 15.01 ? 38   GLU A C   1 
ATOM   267  O  O   . GLU A 1 38  ? 13.063  4.006   -0.730  1.00 14.73 ? 38   GLU A O   1 
ATOM   268  C  CB  . GLU A 1 38  ? 11.173  2.357   -2.921  1.00 14.81 ? 38   GLU A CB  1 
ATOM   269  C  CG  . GLU A 1 38  ? 12.458  1.548   -3.014  1.00 17.32 ? 38   GLU A CG  1 
ATOM   270  C  CD  . GLU A 1 38  ? 12.724  1.023   -4.406  1.00 16.96 ? 38   GLU A CD  1 
ATOM   271  O  OE1 . GLU A 1 38  ? 13.491  0.049   -4.534  1.00 20.92 ? 38   GLU A OE1 1 
ATOM   272  O  OE2 . GLU A 1 38  ? 12.174  1.588   -5.372  1.00 16.74 ? 38   GLU A OE2 1 
ATOM   273  N  N   . SER A 1 39  ? 11.932  5.246   -2.227  1.00 16.03 ? 39   SER A N   1 
ATOM   274  C  CA  . SER A 1 39  ? 12.904  6.338   -2.207  1.00 17.00 ? 39   SER A CA  1 
ATOM   275  C  C   . SER A 1 39  ? 13.107  6.893   -0.803  1.00 16.07 ? 39   SER A C   1 
ATOM   276  O  O   . SER A 1 39  ? 14.234  7.186   -0.396  1.00 16.52 ? 39   SER A O   1 
ATOM   277  C  CB  . SER A 1 39  ? 12.455  7.467   -3.137  1.00 19.19 ? 39   SER A CB  1 
ATOM   278  O  OG  . SER A 1 39  ? 12.300  6.998   -4.464  1.00 26.44 ? 39   SER A OG  1 
ATOM   279  N  N   . ILE A 1 40  ? 12.014  7.036   -0.063  1.00 13.92 ? 40   ILE A N   1 
ATOM   280  C  CA  . ILE A 1 40  ? 12.081  7.560   1.295   1.00 14.16 ? 40   ILE A CA  1 
ATOM   281  C  C   . ILE A 1 40  ? 12.786  6.587   2.236   1.00 15.16 ? 40   ILE A C   1 
ATOM   282  O  O   . ILE A 1 40  ? 13.684  6.977   2.976   1.00 15.18 ? 40   ILE A O   1 
ATOM   283  C  CB  . ILE A 1 40  ? 10.668  7.853   1.848   1.00 13.14 ? 40   ILE A CB  1 
ATOM   284  C  CG1 . ILE A 1 40  ? 10.000  8.938   1.000   1.00 13.09 ? 40   ILE A CG1 1 
ATOM   285  C  CG2 . ILE A 1 40  ? 10.749  8.295   3.304   1.00 11.37 ? 40   ILE A CG2 1 
ATOM   286  C  CD1 . ILE A 1 40  ? 8.525   9.115   1.288   1.00 13.24 ? 40   ILE A CD1 1 
ATOM   287  N  N   . LEU A 1 41  ? 12.383  5.320   2.198   1.00 14.84 ? 41   LEU A N   1 
ATOM   288  C  CA  . LEU A 1 41  ? 12.976  4.315   3.071   1.00 15.80 ? 41   LEU A CA  1 
ATOM   289  C  C   . LEU A 1 41  ? 14.418  3.961   2.713   1.00 17.49 ? 41   LEU A C   1 
ATOM   290  O  O   . LEU A 1 41  ? 15.170  3.489   3.567   1.00 16.92 ? 41   LEU A O   1 
ATOM   291  C  CB  . LEU A 1 41  ? 12.119  3.046   3.081   1.00 15.45 ? 41   LEU A CB  1 
ATOM   292  C  CG  . LEU A 1 41  ? 10.708  3.196   3.660   1.00 16.17 ? 41   LEU A CG  1 
ATOM   293  C  CD1 . LEU A 1 41  ? 9.991   1.853   3.617   1.00 14.66 ? 41   LEU A CD1 1 
ATOM   294  C  CD2 . LEU A 1 41  ? 10.782  3.707   5.090   1.00 15.91 ? 41   LEU A CD2 1 
ATOM   295  N  N   . LYS A 1 42  ? 14.797  4.183   1.459   1.00 17.32 ? 42   LYS A N   1 
ATOM   296  C  CA  . LYS A 1 42  ? 16.152  3.883   1.006   1.00 20.09 ? 42   LYS A CA  1 
ATOM   297  C  C   . LYS A 1 42  ? 17.192  4.701   1.769   1.00 21.56 ? 42   LYS A C   1 
ATOM   298  O  O   . LYS A 1 42  ? 18.349  4.292   1.885   1.00 22.63 ? 42   LYS A O   1 
ATOM   299  C  CB  . LYS A 1 42  ? 16.277  4.153   -0.492  1.00 20.12 ? 42   LYS A CB  1 
ATOM   300  N  N   . GLN A 1 43  ? 16.775  5.852   2.287   1.00 21.54 ? 43   GLN A N   1 
ATOM   301  C  CA  . GLN A 1 43  ? 17.678  6.724   3.031   1.00 23.00 ? 43   GLN A CA  1 
ATOM   302  C  C   . GLN A 1 43  ? 18.026  6.152   4.405   1.00 22.05 ? 43   GLN A C   1 
ATOM   303  O  O   . GLN A 1 43  ? 18.950  6.632   5.065   1.00 21.82 ? 43   GLN A O   1 
ATOM   304  C  CB  . GLN A 1 43  ? 17.057  8.114   3.209   1.00 25.68 ? 43   GLN A CB  1 
ATOM   305  C  CG  . GLN A 1 43  ? 16.516  8.733   1.930   1.00 32.17 ? 43   GLN A CG  1 
ATOM   306  C  CD  . GLN A 1 43  ? 16.308  10.230  2.054   1.00 35.95 ? 43   GLN A CD  1 
ATOM   307  O  OE1 . GLN A 1 43  ? 15.909  10.733  3.108   1.00 38.64 ? 43   GLN A OE1 1 
ATOM   308  N  NE2 . GLN A 1 43  ? 16.568  10.953  0.968   1.00 38.82 ? 43   GLN A NE2 1 
ATOM   309  N  N   . ASN A 1 44  ? 17.288  5.130   4.832   1.00 20.67 ? 44   ASN A N   1 
ATOM   310  C  CA  . ASN A 1 44  ? 17.522  4.504   6.129   1.00 19.16 ? 44   ASN A CA  1 
ATOM   311  C  C   . ASN A 1 44  ? 18.427  3.282   5.985   1.00 20.14 ? 44   ASN A C   1 
ATOM   312  O  O   . ASN A 1 44  ? 18.014  2.254   5.449   1.00 19.45 ? 44   ASN A O   1 
ATOM   313  C  CB  . ASN A 1 44  ? 16.193  4.076   6.755   1.00 18.17 ? 44   ASN A CB  1 
ATOM   314  C  CG  . ASN A 1 44  ? 16.317  3.768   8.233   1.00 18.95 ? 44   ASN A CG  1 
ATOM   315  O  OD1 . ASN A 1 44  ? 17.342  3.264   8.691   1.00 16.68 ? 44   ASN A OD1 1 
ATOM   316  N  ND2 . ASN A 1 44  ? 15.263  4.057   8.987   1.00 16.12 ? 44   ASN A ND2 1 
ATOM   317  N  N   . PRO A 1 45  ? 19.676  3.373   6.475   1.00 20.46 ? 45   PRO A N   1 
ATOM   318  C  CA  . PRO A 1 45  ? 20.621  2.257   6.382   1.00 19.35 ? 45   PRO A CA  1 
ATOM   319  C  C   . PRO A 1 45  ? 20.254  1.019   7.209   1.00 19.19 ? 45   PRO A C   1 
ATOM   320  O  O   . PRO A 1 45  ? 20.845  -0.042  7.032   1.00 18.82 ? 45   PRO A O   1 
ATOM   321  C  CB  . PRO A 1 45  ? 21.942  2.891   6.825   1.00 21.10 ? 45   PRO A CB  1 
ATOM   322  C  CG  . PRO A 1 45  ? 21.504  3.906   7.823   1.00 20.54 ? 45   PRO A CG  1 
ATOM   323  C  CD  . PRO A 1 45  ? 20.290  4.528   7.155   1.00 20.77 ? 45   PRO A CD  1 
ATOM   324  N  N   . LYS A 1 46  ? 19.283  1.153   8.104   1.00 19.82 ? 46   LYS A N   1 
ATOM   325  C  CA  . LYS A 1 46  ? 18.861  0.029   8.930   1.00 20.52 ? 46   LYS A CA  1 
ATOM   326  C  C   . LYS A 1 46  ? 17.824  -0.813  8.196   1.00 20.70 ? 46   LYS A C   1 
ATOM   327  O  O   . LYS A 1 46  ? 17.401  -1.864  8.683   1.00 21.50 ? 46   LYS A O   1 
ATOM   328  C  CB  . LYS A 1 46  ? 18.259  0.525   10.246  1.00 21.88 ? 46   LYS A CB  1 
ATOM   329  C  CG  . LYS A 1 46  ? 19.230  1.280   11.141  1.00 25.24 ? 46   LYS A CG  1 
ATOM   330  C  CD  . LYS A 1 46  ? 18.547  1.721   12.422  1.00 27.49 ? 46   LYS A CD  1 
ATOM   331  C  CE  . LYS A 1 46  ? 19.488  2.513   13.318  1.00 29.35 ? 46   LYS A CE  1 
ATOM   332  N  NZ  . LYS A 1 46  ? 18.805  2.915   14.581  1.00 33.81 ? 46   LYS A NZ  1 
ATOM   333  N  N   . LEU A 1 47  ? 17.422  -0.348  7.020   1.00 19.38 ? 47   LEU A N   1 
ATOM   334  C  CA  . LEU A 1 47  ? 16.416  -1.047  6.229   1.00 18.50 ? 47   LEU A CA  1 
ATOM   335  C  C   . LEU A 1 47  ? 16.896  -1.530  4.872   1.00 18.43 ? 47   LEU A C   1 
ATOM   336  O  O   . LEU A 1 47  ? 17.773  -0.935  4.249   1.00 18.75 ? 47   LEU A O   1 
ATOM   337  C  CB  . LEU A 1 47  ? 15.204  -0.139  6.006   1.00 18.54 ? 47   LEU A CB  1 
ATOM   338  C  CG  . LEU A 1 47  ? 14.422  0.346   7.228   1.00 18.27 ? 47   LEU A CG  1 
ATOM   339  C  CD1 . LEU A 1 47  ? 13.339  1.312   6.766   1.00 17.54 ? 47   LEU A CD1 1 
ATOM   340  C  CD2 . LEU A 1 47  ? 13.808  -0.843  7.965   1.00 19.23 ? 47   LEU A CD2 1 
ATOM   341  N  N   . GLU A 1 48  ? 16.294  -2.622  4.422   1.00 17.40 ? 48   GLU A N   1 
ATOM   342  C  CA  . GLU A 1 48  ? 16.583  -3.195  3.121   1.00 18.38 ? 48   GLU A CA  1 
ATOM   343  C  C   . GLU A 1 48  ? 15.214  -3.250  2.457   1.00 17.41 ? 48   GLU A C   1 
ATOM   344  O  O   . GLU A 1 48  ? 14.404  -4.120  2.766   1.00 17.15 ? 48   GLU A O   1 
ATOM   345  C  CB  . GLU A 1 48  ? 17.165  -4.601  3.269   1.00 20.97 ? 48   GLU A CB  1 
ATOM   346  C  CG  . GLU A 1 48  ? 17.455  -5.287  1.951   1.00 23.55 ? 48   GLU A CG  1 
ATOM   347  C  CD  . GLU A 1 48  ? 18.172  -6.610  2.133   1.00 28.06 ? 48   GLU A CD  1 
ATOM   348  O  OE1 . GLU A 1 48  ? 18.312  -7.345  1.136   1.00 29.47 ? 48   GLU A OE1 1 
ATOM   349  O  OE2 . GLU A 1 48  ? 18.600  -6.910  3.270   1.00 29.27 ? 48   GLU A OE2 1 
ATOM   350  N  N   . VAL A 1 49  ? 14.951  -2.301  1.563   1.00 16.98 ? 49   VAL A N   1 
ATOM   351  C  CA  . VAL A 1 49  ? 13.659  -2.223  0.890   1.00 15.88 ? 49   VAL A CA  1 
ATOM   352  C  C   . VAL A 1 49  ? 13.608  -3.005  -0.411  1.00 15.58 ? 49   VAL A C   1 
ATOM   353  O  O   . VAL A 1 49  ? 14.446  -2.827  -1.294  1.00 15.47 ? 49   VAL A O   1 
ATOM   354  C  CB  . VAL A 1 49  ? 13.287  -0.755  0.600   1.00 16.82 ? 49   VAL A CB  1 
ATOM   355  C  CG1 . VAL A 1 49  ? 11.889  -0.677  0.003   1.00 16.04 ? 49   VAL A CG1 1 
ATOM   356  C  CG2 . VAL A 1 49  ? 13.374  0.055   1.882   1.00 17.92 ? 49   VAL A CG2 1 
ATOM   357  N  N   . VAL A 1 50  ? 12.608  -3.871  -0.522  1.00 11.58 ? 50   VAL A N   1 
ATOM   358  C  CA  . VAL A 1 50  ? 12.438  -4.687  -1.711  1.00 10.79 ? 50   VAL A CA  1 
ATOM   359  C  C   . VAL A 1 50  ? 11.034  -4.506  -2.263  1.00 10.81 ? 50   VAL A C   1 
ATOM   360  O  O   . VAL A 1 50  ? 10.056  -4.643  -1.536  1.00 11.12 ? 50   VAL A O   1 
ATOM   361  C  CB  . VAL A 1 50  ? 12.644  -6.182  -1.396  1.00 11.35 ? 50   VAL A CB  1 
ATOM   362  C  CG1 . VAL A 1 50  ? 12.356  -7.020  -2.639  1.00 9.97  ? 50   VAL A CG1 1 
ATOM   363  C  CG2 . VAL A 1 50  ? 14.074  -6.423  -0.910  1.00 12.08 ? 50   VAL A CG2 1 
ATOM   364  N  N   . LEU A 1 51  ? 10.938  -4.192  -3.548  1.00 11.01 ? 51   LEU A N   1 
ATOM   365  C  CA  . LEU A 1 51  ? 9.637   -4.026  -4.178  1.00 11.11 ? 51   LEU A CA  1 
ATOM   366  C  C   . LEU A 1 51  ? 9.315   -5.252  -5.017  1.00 11.51 ? 51   LEU A C   1 
ATOM   367  O  O   . LEU A 1 51  ? 10.146  -5.701  -5.806  1.00 12.06 ? 51   LEU A O   1 
ATOM   368  C  CB  . LEU A 1 51  ? 9.620   -2.780  -5.071  1.00 12.62 ? 51   LEU A CB  1 
ATOM   369  C  CG  . LEU A 1 51  ? 9.155   -1.474  -4.418  1.00 13.90 ? 51   LEU A CG  1 
ATOM   370  C  CD1 . LEU A 1 51  ? 10.010  -1.155  -3.195  1.00 13.74 ? 51   LEU A CD1 1 
ATOM   371  C  CD2 . LEU A 1 51  ? 9.237   -0.356  -5.447  1.00 15.28 ? 51   LEU A CD2 1 
ATOM   372  N  N   . THR A 1 52  ? 8.115   -5.797  -4.852  1.00 11.25 ? 52   THR A N   1 
ATOM   373  C  CA  . THR A 1 52  ? 7.721   -6.959  -5.647  1.00 12.41 ? 52   THR A CA  1 
ATOM   374  C  C   . THR A 1 52  ? 7.776   -6.577  -7.125  1.00 13.75 ? 52   THR A C   1 
ATOM   375  O  O   . THR A 1 52  ? 8.125   -7.399  -7.972  1.00 13.29 ? 52   THR A O   1 
ATOM   376  C  CB  . THR A 1 52  ? 6.302   -7.436  -5.295  1.00 12.44 ? 52   THR A CB  1 
ATOM   377  O  OG1 . THR A 1 52  ? 5.381   -6.348  -5.431  1.00 12.28 ? 52   THR A OG1 1 
ATOM   378  C  CG2 . THR A 1 52  ? 6.263   -7.965  -3.869  1.00 12.87 ? 52   THR A CG2 1 
ATOM   379  N  N   . ARG A 1 53  ? 7.424   -5.331  -7.429  1.00 13.97 ? 53   ARG A N   1 
ATOM   380  C  CA  . ARG A 1 53  ? 7.489   -4.838  -8.800  1.00 14.91 ? 53   ARG A CA  1 
ATOM   381  C  C   . ARG A 1 53  ? 7.865   -3.364  -8.799  1.00 15.79 ? 53   ARG A C   1 
ATOM   382  O  O   . ARG A 1 53  ? 7.362   -2.573  -7.992  1.00 14.68 ? 53   ARG A O   1 
ATOM   383  C  CB  . ARG A 1 53  ? 6.167   -5.064  -9.543  1.00 18.21 ? 53   ARG A CB  1 
ATOM   384  C  CG  . ARG A 1 53  ? 5.059   -4.081  -9.249  1.00 16.40 ? 53   ARG A CG  1 
ATOM   385  C  CD  . ARG A 1 53  ? 3.868   -4.375  -10.155 1.00 15.80 ? 53   ARG A CD  1 
ATOM   386  N  NE  . ARG A 1 53  ? 2.711   -3.540  -9.846  1.00 14.91 ? 53   ARG A NE  1 
ATOM   387  C  CZ  . ARG A 1 53  ? 2.392   -2.419  -10.485 1.00 15.55 ? 53   ARG A CZ  1 
ATOM   388  N  NH1 . ARG A 1 53  ? 3.146   -1.977  -11.489 1.00 13.35 ? 53   ARG A NH1 1 
ATOM   389  N  NH2 . ARG A 1 53  ? 1.307   -1.747  -10.126 1.00 12.38 ? 53   ARG A NH2 1 
ATOM   390  N  N   . SER A 1 54  ? 8.767   -3.001  -9.704  1.00 14.15 ? 54   SER A N   1 
ATOM   391  C  CA  . SER A 1 54  ? 9.254   -1.634  -9.803  1.00 17.02 ? 54   SER A CA  1 
ATOM   392  C  C   . SER A 1 54  ? 8.900   -1.018  -11.145 1.00 15.52 ? 54   SER A C   1 
ATOM   393  O  O   . SER A 1 54  ? 9.304   0.101   -11.444 1.00 16.19 ? 54   SER A O   1 
ATOM   394  C  CB  . SER A 1 54  ? 10.769  -1.620  -9.611  1.00 19.15 ? 54   SER A CB  1 
ATOM   395  O  OG  . SER A 1 54  ? 11.117  -2.293  -8.413  1.00 22.15 ? 54   SER A OG  1 
ATOM   396  N  N   . ASP A 1 55  ? 8.151   -1.767  -11.946 1.00 16.86 ? 55   ASP A N   1 
ATOM   397  C  CA  . ASP A 1 55  ? 7.717   -1.313  -13.257 1.00 18.00 ? 55   ASP A CA  1 
ATOM   398  C  C   . ASP A 1 55  ? 6.357   -1.930  -13.560 1.00 17.81 ? 55   ASP A C   1 
ATOM   399  O  O   . ASP A 1 55  ? 5.783   -2.628  -12.721 1.00 17.75 ? 55   ASP A O   1 
ATOM   400  C  CB  . ASP A 1 55  ? 8.739   -1.705  -14.331 1.00 19.55 ? 55   ASP A CB  1 
ATOM   401  C  CG  . ASP A 1 55  ? 8.918   -3.203  -14.452 1.00 22.58 ? 55   ASP A CG  1 
ATOM   402  O  OD1 . ASP A 1 55  ? 9.761   -3.633  -15.271 1.00 24.63 ? 55   ASP A OD1 1 
ATOM   403  O  OD2 . ASP A 1 55  ? 8.223   -3.953  -13.735 1.00 18.89 ? 55   ASP A OD2 1 
ATOM   404  N  N   . ASP A 1 56  ? 5.842   -1.684  -14.757 1.00 16.84 ? 56   ASP A N   1 
ATOM   405  C  CA  . ASP A 1 56  ? 4.538   -2.204  -15.120 1.00 20.28 ? 56   ASP A CA  1 
ATOM   406  C  C   . ASP A 1 56  ? 4.568   -3.657  -15.572 1.00 21.75 ? 56   ASP A C   1 
ATOM   407  O  O   . ASP A 1 56  ? 4.285   -3.968  -16.728 1.00 22.21 ? 56   ASP A O   1 
ATOM   408  C  CB  . ASP A 1 56  ? 3.910   -1.325  -16.199 1.00 20.55 ? 56   ASP A CB  1 
ATOM   409  C  CG  . ASP A 1 56  ? 2.443   -1.620  -16.395 1.00 21.94 ? 56   ASP A CG  1 
ATOM   410  O  OD1 . ASP A 1 56  ? 1.779   -1.987  -15.401 1.00 19.59 ? 56   ASP A OD1 1 
ATOM   411  O  OD2 . ASP A 1 56  ? 1.956   -1.474  -17.534 1.00 21.68 ? 56   ASP A OD2 1 
ATOM   412  N  N   . THR A 1 57  ? 4.908   -4.544  -14.642 1.00 24.21 ? 57   THR A N   1 
ATOM   413  C  CA  . THR A 1 57  ? 4.975   -5.970  -14.935 1.00 26.15 ? 57   THR A CA  1 
ATOM   414  C  C   . THR A 1 57  ? 3.873   -6.703  -14.185 1.00 25.70 ? 57   THR A C   1 
ATOM   415  O  O   . THR A 1 57  ? 3.416   -6.251  -13.135 1.00 24.14 ? 57   THR A O   1 
ATOM   416  C  CB  . THR A 1 57  ? 6.319   -6.581  -14.499 1.00 28.15 ? 57   THR A CB  1 
ATOM   417  O  OG1 . THR A 1 57  ? 7.386   -5.683  -14.816 1.00 32.81 ? 57   THR A OG1 1 
ATOM   418  C  CG2 . THR A 1 57  ? 6.560   -7.900  -15.230 1.00 32.41 ? 57   THR A CG2 1 
ATOM   419  N  N   . PHE A 1 58  ? 3.460   -7.843  -14.729 1.00 25.57 ? 58   PHE A N   1 
ATOM   420  C  CA  . PHE A 1 58  ? 2.419   -8.649  -14.110 1.00 24.24 ? 58   PHE A CA  1 
ATOM   421  C  C   . PHE A 1 58  ? 3.020   -9.596  -13.083 1.00 22.79 ? 58   PHE A C   1 
ATOM   422  O  O   . PHE A 1 58  ? 4.093   -10.156 -13.293 1.00 21.04 ? 58   PHE A O   1 
ATOM   423  C  CB  . PHE A 1 58  ? 1.665   -9.451  -15.174 1.00 26.59 ? 58   PHE A CB  1 
ATOM   424  C  CG  . PHE A 1 58  ? 0.607   -10.359 -14.610 1.00 28.70 ? 58   PHE A CG  1 
ATOM   425  C  CD1 . PHE A 1 58  ? 0.910   -11.673 -14.261 1.00 28.96 ? 58   PHE A CD1 1 
ATOM   426  C  CD2 . PHE A 1 58  ? -0.685  -9.892  -14.403 1.00 29.82 ? 58   PHE A CD2 1 
ATOM   427  C  CE1 . PHE A 1 58  ? -0.060  -12.508 -13.712 1.00 29.36 ? 58   PHE A CE1 1 
ATOM   428  C  CE2 . PHE A 1 58  ? -1.664  -10.718 -13.854 1.00 30.93 ? 58   PHE A CE2 1 
ATOM   429  C  CZ  . PHE A 1 58  ? -1.350  -12.029 -13.507 1.00 31.04 ? 58   PHE A CZ  1 
ATOM   430  N  N   . LEU A 1 59  ? 2.320   -9.760  -11.966 1.00 21.28 ? 59   LEU A N   1 
ATOM   431  C  CA  . LEU A 1 59  ? 2.765   -10.639 -10.894 1.00 20.51 ? 59   LEU A CA  1 
ATOM   432  C  C   . LEU A 1 59  ? 1.576   -11.317 -10.242 1.00 18.95 ? 59   LEU A C   1 
ATOM   433  O  O   . LEU A 1 59  ? 0.635   -10.648 -9.824  1.00 18.53 ? 59   LEU A O   1 
ATOM   434  C  CB  . LEU A 1 59  ? 3.520   -9.852  -9.819  1.00 22.94 ? 59   LEU A CB  1 
ATOM   435  C  CG  . LEU A 1 59  ? 4.997   -9.546  -10.037 1.00 25.84 ? 59   LEU A CG  1 
ATOM   436  C  CD1 . LEU A 1 59  ? 5.529   -8.747  -8.862  1.00 28.23 ? 59   LEU A CD1 1 
ATOM   437  C  CD2 . LEU A 1 59  ? 5.759   -10.848 -10.180 1.00 26.89 ? 59   LEU A CD2 1 
ATOM   438  N  N   . GLU A 1 60  ? 1.620   -12.641 -10.157 1.00 17.03 ? 60   GLU A N   1 
ATOM   439  C  CA  . GLU A 1 60  ? 0.548   -13.396 -9.526  1.00 17.19 ? 60   GLU A CA  1 
ATOM   440  C  C   . GLU A 1 60  ? 0.608   -13.113 -8.029  1.00 15.63 ? 60   GLU A C   1 
ATOM   441  O  O   . GLU A 1 60  ? 1.659   -12.748 -7.507  1.00 14.60 ? 60   GLU A O   1 
ATOM   442  C  CB  . GLU A 1 60  ? 0.740   -14.894 -9.769  1.00 19.71 ? 60   GLU A CB  1 
ATOM   443  C  CG  . GLU A 1 60  ? 0.727   -15.283 -11.239 1.00 23.63 ? 60   GLU A CG  1 
ATOM   444  C  CD  . GLU A 1 60  ? -0.676  -15.400 -11.806 1.00 26.87 ? 60   GLU A CD  1 
ATOM   445  O  OE1 . GLU A 1 60  ? -1.585  -14.691 -11.325 1.00 26.30 ? 60   GLU A OE1 1 
ATOM   446  O  OE2 . GLU A 1 60  ? -0.866  -16.198 -12.748 1.00 30.58 ? 60   GLU A OE2 1 
ATOM   447  N  N   . LEU A 1 61  ? -0.516  -13.286 -7.339  1.00 14.26 ? 61   LEU A N   1 
ATOM   448  C  CA  . LEU A 1 61  ? -0.556  -13.049 -5.903  1.00 14.24 ? 61   LEU A CA  1 
ATOM   449  C  C   . LEU A 1 61  ? 0.447   -13.948 -5.183  1.00 14.02 ? 61   LEU A C   1 
ATOM   450  O  O   . LEU A 1 61  ? 1.154   -13.506 -4.278  1.00 12.54 ? 61   LEU A O   1 
ATOM   451  C  CB  . LEU A 1 61  ? -1.968  -13.306 -5.368  1.00 15.23 ? 61   LEU A CB  1 
ATOM   452  C  CG  . LEU A 1 61  ? -3.069  -12.436 -5.980  1.00 17.21 ? 61   LEU A CG  1 
ATOM   453  C  CD1 . LEU A 1 61  ? -4.428  -12.884 -5.447  1.00 18.73 ? 61   LEU A CD1 1 
ATOM   454  C  CD2 . LEU A 1 61  ? -2.813  -10.972 -5.651  1.00 18.17 ? 61   LEU A CD2 1 
ATOM   455  N  N   . LYS A 1 62  ? 0.513   -15.211 -5.597  1.00 15.08 ? 62   LYS A N   1 
ATOM   456  C  CA  . LYS A 1 62  ? 1.429   -16.168 -4.987  1.00 14.38 ? 62   LYS A CA  1 
ATOM   457  C  C   . LYS A 1 62  ? 2.881   -15.726 -5.133  1.00 14.67 ? 62   LYS A C   1 
ATOM   458  O  O   . LYS A 1 62  ? 3.699   -15.942 -4.239  1.00 14.61 ? 62   LYS A O   1 
ATOM   459  C  CB  . LYS A 1 62  ? 1.241   -17.540 -5.616  1.00 16.51 ? 62   LYS A CB  1 
ATOM   460  N  N   . GLN A 1 63  ? 3.192   -15.103 -6.266  1.00 15.05 ? 63   GLN A N   1 
ATOM   461  C  CA  . GLN A 1 63  ? 4.544   -14.635 -6.537  1.00 15.16 ? 63   GLN A CA  1 
ATOM   462  C  C   . GLN A 1 63  ? 4.946   -13.494 -5.603  1.00 14.21 ? 63   GLN A C   1 
ATOM   463  O  O   . GLN A 1 63  ? 6.087   -13.438 -5.142  1.00 13.00 ? 63   GLN A O   1 
ATOM   464  C  CB  . GLN A 1 63  ? 4.660   -14.188 -8.000  1.00 16.41 ? 63   GLN A CB  1 
ATOM   465  N  N   . ARG A 1 64  ? 4.011   -12.588 -5.332  1.00 12.60 ? 64   ARG A N   1 
ATOM   466  C  CA  . ARG A 1 64  ? 4.275   -11.454 -4.450  1.00 11.47 ? 64   ARG A CA  1 
ATOM   467  C  C   . ARG A 1 64  ? 4.559   -11.958 -3.040  1.00 11.96 ? 64   ARG A C   1 
ATOM   468  O  O   . ARG A 1 64  ? 5.463   -11.464 -2.358  1.00 12.01 ? 64   ARG A O   1 
ATOM   469  C  CB  . ARG A 1 64  ? 3.072   -10.509 -4.435  1.00 11.84 ? 64   ARG A CB  1 
ATOM   470  C  CG  . ARG A 1 64  ? 2.732   -9.937  -5.804  1.00 11.18 ? 64   ARG A CG  1 
ATOM   471  C  CD  . ARG A 1 64  ? 1.288   -9.480  -5.883  1.00 9.26  ? 64   ARG A CD  1 
ATOM   472  N  NE  . ARG A 1 64  ? 0.914   -9.142  -7.253  1.00 9.23  ? 64   ARG A NE  1 
ATOM   473  C  CZ  . ARG A 1 64  ? 1.031   -7.932  -7.790  1.00 11.66 ? 64   ARG A CZ  1 
ATOM   474  N  NH1 . ARG A 1 64  ? 1.510   -6.923  -7.073  1.00 10.68 ? 64   ARG A NH1 1 
ATOM   475  N  NH2 . ARG A 1 64  ? 0.665   -7.732  -9.050  1.00 11.46 ? 64   ARG A NH2 1 
ATOM   476  N  N   . VAL A 1 65  ? 3.779   -12.941 -2.603  1.00 10.85 ? 65   VAL A N   1 
ATOM   477  C  CA  . VAL A 1 65  ? 3.958   -13.511 -1.272  1.00 10.58 ? 65   VAL A CA  1 
ATOM   478  C  C   . VAL A 1 65  ? 5.287   -14.260 -1.192  1.00 12.01 ? 65   VAL A C   1 
ATOM   479  O  O   . VAL A 1 65  ? 6.027   -14.127 -0.215  1.00 10.94 ? 65   VAL A O   1 
ATOM   480  C  CB  . VAL A 1 65  ? 2.810   -14.492 -0.916  1.00 10.92 ? 65   VAL A CB  1 
ATOM   481  C  CG1 . VAL A 1 65  ? 3.132   -15.229 0.378   1.00 12.59 ? 65   VAL A CG1 1 
ATOM   482  C  CG2 . VAL A 1 65  ? 1.498   -13.736 -0.787  1.00 11.35 ? 65   VAL A CG2 1 
ATOM   483  N  N   . LYS A 1 66  ? 5.596   -15.030 -2.230  1.00 13.18 ? 66   LYS A N   1 
ATOM   484  C  CA  . LYS A 1 66  ? 6.831   -15.808 -2.245  1.00 14.32 ? 66   LYS A CA  1 
ATOM   485  C  C   . LYS A 1 66  ? 8.073   -14.950 -2.024  1.00 13.84 ? 66   LYS A C   1 
ATOM   486  O  O   . LYS A 1 66  ? 8.996   -15.352 -1.314  1.00 14.51 ? 66   LYS A O   1 
ATOM   487  C  CB  . LYS A 1 66  ? 6.958   -16.589 -3.555  1.00 18.28 ? 66   LYS A CB  1 
ATOM   488  C  CG  . LYS A 1 66  ? 8.133   -17.563 -3.561  1.00 23.27 ? 66   LYS A CG  1 
ATOM   489  C  CD  . LYS A 1 66  ? 7.932   -18.688 -4.569  1.00 28.74 ? 66   LYS A CD  1 
ATOM   490  C  CE  . LYS A 1 66  ? 7.799   -18.168 -5.987  1.00 30.22 ? 66   LYS A CE  1 
ATOM   491  N  NZ  . LYS A 1 66  ? 7.620   -19.286 -6.961  1.00 32.86 ? 66   LYS A NZ  1 
ATOM   492  N  N   . VAL A 1 67  ? 8.101   -13.767 -2.627  1.00 14.35 ? 67   VAL A N   1 
ATOM   493  C  CA  . VAL A 1 67  ? 9.237   -12.872 -2.455  1.00 15.21 ? 67   VAL A CA  1 
ATOM   494  C  C   . VAL A 1 67  ? 9.392   -12.516 -0.980  1.00 13.01 ? 67   VAL A C   1 
ATOM   495  O  O   . VAL A 1 67  ? 10.485  -12.584 -0.420  1.00 12.41 ? 67   VAL A O   1 
ATOM   496  C  CB  . VAL A 1 67  ? 9.049   -11.561 -3.249  1.00 16.36 ? 67   VAL A CB  1 
ATOM   497  C  CG1 . VAL A 1 67  ? 10.186  -10.595 -2.938  1.00 20.36 ? 67   VAL A CG1 1 
ATOM   498  C  CG2 . VAL A 1 67  ? 8.995   -11.860 -4.735  1.00 19.40 ? 67   VAL A CG2 1 
ATOM   499  N  N   . ALA A 1 68  ? 8.287   -12.127 -0.357  1.00 12.86 ? 68   ALA A N   1 
ATOM   500  C  CA  . ALA A 1 68  ? 8.303   -11.759 1.048   1.00 11.36 ? 68   ALA A CA  1 
ATOM   501  C  C   . ALA A 1 68  ? 8.768   -12.924 1.912   1.00 11.51 ? 68   ALA A C   1 
ATOM   502  O  O   . ALA A 1 68  ? 9.594   -12.746 2.802   1.00 12.51 ? 68   ALA A O   1 
ATOM   503  C  CB  . ALA A 1 68  ? 6.914   -11.296 1.486   1.00 10.97 ? 68   ALA A CB  1 
ATOM   504  N  N   . GLU A 1 69  ? 8.251   -14.120 1.645   1.00 10.85 ? 69   GLU A N   1 
ATOM   505  C  CA  . GLU A 1 69  ? 8.639   -15.286 2.433   1.00 11.45 ? 69   GLU A CA  1 
ATOM   506  C  C   . GLU A 1 69  ? 10.095  -15.674 2.216   1.00 12.16 ? 69   GLU A C   1 
ATOM   507  O  O   . GLU A 1 69  ? 10.836  -15.904 3.174   1.00 11.68 ? 69   GLU A O   1 
ATOM   508  C  CB  . GLU A 1 69  ? 7.740   -16.478 2.105   1.00 11.70 ? 69   GLU A CB  1 
ATOM   509  C  CG  . GLU A 1 69  ? 6.277   -16.226 2.424   1.00 12.07 ? 69   GLU A CG  1 
ATOM   510  C  CD  . GLU A 1 69  ? 6.078   -15.788 3.860   1.00 13.76 ? 69   GLU A CD  1 
ATOM   511  O  OE1 . GLU A 1 69  ? 5.359   -14.792 4.086   1.00 11.39 ? 69   GLU A OE1 1 
ATOM   512  O  OE2 . GLU A 1 69  ? 6.642   -16.441 4.764   1.00 15.40 ? 69   GLU A OE2 1 
ATOM   513  N  N   . ASN A 1 70  ? 10.503  -15.739 0.954   1.00 13.05 ? 70   ASN A N   1 
ATOM   514  C  CA  . ASN A 1 70  ? 11.871  -16.117 0.619   1.00 14.08 ? 70   ASN A CA  1 
ATOM   515  C  C   . ASN A 1 70  ? 12.928  -15.156 1.161   1.00 14.22 ? 70   ASN A C   1 
ATOM   516  O  O   . ASN A 1 70  ? 13.982  -15.589 1.623   1.00 14.36 ? 70   ASN A O   1 
ATOM   517  C  CB  . ASN A 1 70  ? 12.016  -16.264 -0.898  1.00 13.46 ? 70   ASN A CB  1 
ATOM   518  C  CG  . ASN A 1 70  ? 13.440  -16.586 -1.318  1.00 14.03 ? 70   ASN A CG  1 
ATOM   519  O  OD1 . ASN A 1 70  ? 14.176  -15.710 -1.769  1.00 12.33 ? 70   ASN A OD1 1 
ATOM   520  N  ND2 . ASN A 1 70  ? 13.840  -17.846 -1.155  1.00 14.19 ? 70   ASN A ND2 1 
ATOM   521  N  N   . LEU A 1 71  ? 12.654  -13.856 1.108   1.00 13.48 ? 71   LEU A N   1 
ATOM   522  C  CA  . LEU A 1 71  ? 13.605  -12.866 1.605   1.00 13.05 ? 71   LEU A CA  1 
ATOM   523  C  C   . LEU A 1 71  ? 13.440  -12.612 3.102   1.00 13.09 ? 71   LEU A C   1 
ATOM   524  O  O   . LEU A 1 71  ? 14.116  -11.752 3.677   1.00 13.49 ? 71   LEU A O   1 
ATOM   525  C  CB  . LEU A 1 71  ? 13.449  -11.554 0.829   1.00 13.56 ? 71   LEU A CB  1 
ATOM   526  C  CG  . LEU A 1 71  ? 13.613  -11.678 -0.690  1.00 12.75 ? 71   LEU A CG  1 
ATOM   527  C  CD1 . LEU A 1 71  ? 13.504  -10.292 -1.335  1.00 13.85 ? 71   LEU A CD1 1 
ATOM   528  C  CD2 . LEU A 1 71  ? 14.964  -12.309 -1.008  1.00 13.12 ? 71   LEU A CD2 1 
ATOM   529  N  N   . LYS A 1 72  ? 12.545  -13.375 3.722   1.00 13.61 ? 72   LYS A N   1 
ATOM   530  C  CA  . LYS A 1 72  ? 12.265  -13.264 5.150   1.00 14.09 ? 72   LYS A CA  1 
ATOM   531  C  C   . LYS A 1 72  ? 11.969  -11.825 5.554   1.00 13.29 ? 72   LYS A C   1 
ATOM   532  O  O   . LYS A 1 72  ? 12.598  -11.278 6.458   1.00 13.36 ? 72   LYS A O   1 
ATOM   533  C  CB  . LYS A 1 72  ? 13.445  -13.800 5.966   1.00 18.64 ? 72   LYS A CB  1 
ATOM   534  C  CG  . LYS A 1 72  ? 13.807  -15.245 5.655   1.00 21.43 ? 72   LYS A CG  1 
ATOM   535  C  CD  . LYS A 1 72  ? 14.900  -15.766 6.584   1.00 26.33 ? 72   LYS A CD  1 
ATOM   536  C  CE  . LYS A 1 72  ? 16.164  -14.923 6.504   1.00 29.33 ? 72   LYS A CE  1 
ATOM   537  N  NZ  . LYS A 1 72  ? 16.719  -14.862 5.125   1.00 31.17 ? 72   LYS A NZ  1 
ATOM   538  N  N   . ALA A 1 73  ? 11.002  -11.214 4.880   1.00 11.67 ? 73   ALA A N   1 
ATOM   539  C  CA  . ALA A 1 73  ? 10.642  -9.834  5.175   1.00 12.05 ? 73   ALA A CA  1 
ATOM   540  C  C   . ALA A 1 73  ? 10.204  -9.660  6.628   1.00 11.96 ? 73   ALA A C   1 
ATOM   541  O  O   . ALA A 1 73  ? 9.637   -10.570 7.229   1.00 12.12 ? 73   ALA A O   1 
ATOM   542  C  CB  . ALA A 1 73  ? 9.524   -9.378  4.235   1.00 8.99  ? 73   ALA A CB  1 
ATOM   543  N  N   . ASN A 1 74  ? 10.487  -8.491  7.192   1.00 11.71 ? 74   ASN A N   1 
ATOM   544  C  CA  . ASN A 1 74  ? 10.084  -8.195  8.556   1.00 11.69 ? 74   ASN A CA  1 
ATOM   545  C  C   . ASN A 1 74  ? 8.657   -7.659  8.496   1.00 11.48 ? 74   ASN A C   1 
ATOM   546  O  O   . ASN A 1 74  ? 7.874   -7.828  9.429   1.00 10.77 ? 74   ASN A O   1 
ATOM   547  C  CB  . ASN A 1 74  ? 11.025  -7.168  9.185   1.00 12.36 ? 74   ASN A CB  1 
ATOM   548  C  CG  . ASN A 1 74  ? 12.404  -7.740  9.459   1.00 14.58 ? 74   ASN A CG  1 
ATOM   549  O  OD1 . ASN A 1 74  ? 13.183  -7.989  8.538   1.00 15.75 ? 74   ASN A OD1 1 
ATOM   550  N  ND2 . ASN A 1 74  ? 12.706  -7.965  10.730  1.00 17.37 ? 74   ASN A ND2 1 
ATOM   551  N  N   . VAL A 1 75  ? 8.334   -7.004  7.386   1.00 12.44 ? 75   VAL A N   1 
ATOM   552  C  CA  . VAL A 1 75  ? 6.988   -6.485  7.165   1.00 11.65 ? 75   VAL A CA  1 
ATOM   553  C  C   . VAL A 1 75  ? 6.671   -6.514  5.681   1.00 11.14 ? 75   VAL A C   1 
ATOM   554  O  O   . VAL A 1 75  ? 7.567   -6.520  4.837   1.00 9.99  ? 75   VAL A O   1 
ATOM   555  C  CB  . VAL A 1 75  ? 6.810   -5.031  7.662   1.00 12.52 ? 75   VAL A CB  1 
ATOM   556  C  CG1 . VAL A 1 75  ? 6.997   -4.971  9.168   1.00 14.27 ? 75   VAL A CG1 1 
ATOM   557  C  CG2 . VAL A 1 75  ? 7.785   -4.105  6.948   1.00 14.36 ? 75   VAL A CG2 1 
ATOM   558  N  N   . PHE A 1 76  ? 5.380   -6.530  5.376   1.00 9.85  ? 76   PHE A N   1 
ATOM   559  C  CA  . PHE A 1 76  ? 4.904   -6.552  4.005   1.00 9.51  ? 76   PHE A CA  1 
ATOM   560  C  C   . PHE A 1 76  ? 3.782   -5.528  3.899   1.00 9.36  ? 76   PHE A C   1 
ATOM   561  O  O   . PHE A 1 76  ? 2.871   -5.508  4.720   1.00 11.13 ? 76   PHE A O   1 
ATOM   562  C  CB  . PHE A 1 76  ? 4.394   -7.956  3.668   1.00 9.51  ? 76   PHE A CB  1 
ATOM   563  C  CG  . PHE A 1 76  ? 3.815   -8.091  2.286   1.00 9.25  ? 76   PHE A CG  1 
ATOM   564  C  CD1 . PHE A 1 76  ? 2.465   -7.847  2.058   1.00 9.75  ? 76   PHE A CD1 1 
ATOM   565  C  CD2 . PHE A 1 76  ? 4.613   -8.502  1.219   1.00 10.43 ? 76   PHE A CD2 1 
ATOM   566  C  CE1 . PHE A 1 76  ? 1.911   -8.016  0.788   1.00 7.81  ? 76   PHE A CE1 1 
ATOM   567  C  CE2 . PHE A 1 76  ? 4.074   -8.674  -0.056  1.00 9.47  ? 76   PHE A CE2 1 
ATOM   568  C  CZ  . PHE A 1 76  ? 2.718   -8.430  -0.270  1.00 9.67  ? 76   PHE A CZ  1 
ATOM   569  N  N   . VAL A 1 77  ? 3.870   -4.659  2.903   1.00 9.55  ? 77   VAL A N   1 
ATOM   570  C  CA  . VAL A 1 77  ? 2.846   -3.645  2.702   1.00 9.06  ? 77   VAL A CA  1 
ATOM   571  C  C   . VAL A 1 77  ? 2.411   -3.664  1.249   1.00 7.40  ? 77   VAL A C   1 
ATOM   572  O  O   . VAL A 1 77  ? 3.225   -3.465  0.347   1.00 9.05  ? 77   VAL A O   1 
ATOM   573  C  CB  . VAL A 1 77  ? 3.362   -2.226  3.026   1.00 8.03  ? 77   VAL A CB  1 
ATOM   574  C  CG1 . VAL A 1 77  ? 2.255   -1.202  2.783   1.00 10.67 ? 77   VAL A CG1 1 
ATOM   575  C  CG2 . VAL A 1 77  ? 3.833   -2.154  4.477   1.00 9.32  ? 77   VAL A CG2 1 
ATOM   576  N  N   . SER A 1 78  ? 1.128   -3.916  1.028   1.00 8.41  ? 78   SER A N   1 
ATOM   577  C  CA  . SER A 1 78  ? 0.588   -3.926  -0.323  1.00 6.91  ? 78   SER A CA  1 
ATOM   578  C  C   . SER A 1 78  ? -0.181  -2.621  -0.484  1.00 8.50  ? 78   SER A C   1 
ATOM   579  O  O   . SER A 1 78  ? -1.003  -2.272  0.362   1.00 9.92  ? 78   SER A O   1 
ATOM   580  C  CB  . SER A 1 78  ? -0.335  -5.128  -0.526  1.00 7.92  ? 78   SER A CB  1 
ATOM   581  O  OG  . SER A 1 78  ? -0.706  -5.235  -1.889  1.00 8.68  ? 78   SER A OG  1 
ATOM   582  N  N   . ILE A 1 79  ? 0.113   -1.892  -1.556  1.00 8.28  ? 79   ILE A N   1 
ATOM   583  C  CA  . ILE A 1 79  ? -0.524  -0.610  -1.812  1.00 9.37  ? 79   ILE A CA  1 
ATOM   584  C  C   . ILE A 1 79  ? -1.545  -0.715  -2.938  1.00 8.33  ? 79   ILE A C   1 
ATOM   585  O  O   . ILE A 1 79  ? -1.247  -1.204  -4.026  1.00 10.45 ? 79   ILE A O   1 
ATOM   586  C  CB  . ILE A 1 79  ? 0.526   0.464   -2.159  1.00 9.52  ? 79   ILE A CB  1 
ATOM   587  C  CG1 . ILE A 1 79  ? 1.516   0.612   -0.997  1.00 11.30 ? 79   ILE A CG1 1 
ATOM   588  C  CG2 . ILE A 1 79  ? -0.165  1.791   -2.427  1.00 11.57 ? 79   ILE A CG2 1 
ATOM   589  C  CD1 . ILE A 1 79  ? 2.634   1.620   -1.262  1.00 11.15 ? 79   ILE A CD1 1 
ATOM   590  N  N   . HIS A 1 80  ? -2.753  -0.252  -2.646  1.00 9.46  ? 80   HIS A N   1 
ATOM   591  C  CA  . HIS A 1 80  ? -3.862  -0.309  -3.585  1.00 9.42  ? 80   HIS A CA  1 
ATOM   592  C  C   . HIS A 1 80  ? -4.703  0.962   -3.557  1.00 9.94  ? 80   HIS A C   1 
ATOM   593  O  O   . HIS A 1 80  ? -4.512  1.836   -2.715  1.00 10.36 ? 80   HIS A O   1 
ATOM   594  C  CB  . HIS A 1 80  ? -4.770  -1.491  -3.228  1.00 8.41  ? 80   HIS A CB  1 
ATOM   595  C  CG  . HIS A 1 80  ? -4.165  -2.830  -3.507  1.00 9.48  ? 80   HIS A CG  1 
ATOM   596  N  ND1 . HIS A 1 80  ? -4.526  -3.596  -4.592  1.00 9.43  ? 80   HIS A ND1 1 
ATOM   597  C  CD2 . HIS A 1 80  ? -3.227  -3.543  -2.838  1.00 6.20  ? 80   HIS A CD2 1 
ATOM   598  C  CE1 . HIS A 1 80  ? -3.841  -4.725  -4.583  1.00 10.07 ? 80   HIS A CE1 1 
ATOM   599  N  NE2 . HIS A 1 80  ? -3.044  -4.718  -3.528  1.00 8.83  ? 80   HIS A NE2 1 
ATOM   600  N  N   . ALA A 1 81  ? -5.632  1.044   -4.505  1.00 11.35 ? 81   ALA A N   1 
ATOM   601  C  CA  . ALA A 1 81  ? -6.577  2.151   -4.605  1.00 12.15 ? 81   ALA A CA  1 
ATOM   602  C  C   . ALA A 1 81  ? -7.909  1.417   -4.718  1.00 14.48 ? 81   ALA A C   1 
ATOM   603  O  O   . ALA A 1 81  ? -7.998  0.380   -5.384  1.00 14.00 ? 81   ALA A O   1 
ATOM   604  C  CB  . ALA A 1 81  ? -6.313  2.990   -5.848  1.00 14.91 ? 81   ALA A CB  1 
ATOM   605  N  N   . ASN A 1 82  ? -8.934  1.957   -4.069  1.00 13.72 ? 82   ASN A N   1 
ATOM   606  C  CA  . ASN A 1 82  ? -10.252 1.334   -4.013  1.00 13.16 ? 82   ASN A CA  1 
ATOM   607  C  C   . ASN A 1 82  ? -11.229 1.733   -5.119  1.00 13.21 ? 82   ASN A C   1 
ATOM   608  O  O   . ASN A 1 82  ? -10.987 2.664   -5.887  1.00 11.67 ? 82   ASN A O   1 
ATOM   609  C  CB  . ASN A 1 82  ? -10.868 1.658   -2.648  1.00 14.00 ? 82   ASN A CB  1 
ATOM   610  C  CG  . ASN A 1 82  ? -11.560 0.471   -2.012  1.00 15.26 ? 82   ASN A CG  1 
ATOM   611  O  OD1 . ASN A 1 82  ? -11.702 0.414   -0.788  1.00 20.35 ? 82   ASN A OD1 1 
ATOM   612  N  ND2 . ASN A 1 82  ? -12.001 -0.475  -2.827  1.00 15.62 ? 82   ASN A ND2 1 
ATOM   613  N  N   . SER A 1 83  ? -12.342 1.012   -5.186  1.00 13.66 ? 83   SER A N   1 
ATOM   614  C  CA  . SER A 1 83  ? -13.376 1.291   -6.170  1.00 14.29 ? 83   SER A CA  1 
ATOM   615  C  C   . SER A 1 83  ? -14.703 0.798   -5.627  1.00 15.01 ? 83   SER A C   1 
ATOM   616  O  O   . SER A 1 83  ? -14.766 -0.237  -4.959  1.00 15.28 ? 83   SER A O   1 
ATOM   617  C  CB  . SER A 1 83  ? -13.073 0.598   -7.495  1.00 15.65 ? 83   SER A CB  1 
ATOM   618  O  OG  . SER A 1 83  ? -13.946 1.067   -8.507  1.00 19.07 ? 83   SER A OG  1 
ATOM   619  N  N   . SER A 1 84  ? -15.760 1.550   -5.915  1.00 13.96 ? 84   SER A N   1 
ATOM   620  C  CA  . SER A 1 84  ? -17.100 1.215   -5.456  1.00 14.19 ? 84   SER A CA  1 
ATOM   621  C  C   . SER A 1 84  ? -18.119 1.426   -6.569  1.00 13.89 ? 84   SER A C   1 
ATOM   622  O  O   . SER A 1 84  ? -17.887 2.210   -7.482  1.00 14.94 ? 84   SER A O   1 
ATOM   623  C  CB  . SER A 1 84  ? -17.471 2.097   -4.265  1.00 14.68 ? 84   SER A CB  1 
ATOM   624  O  OG  . SER A 1 84  ? -18.851 1.981   -3.948  1.00 16.08 ? 84   SER A OG  1 
ATOM   625  N  N   . GLY A 1 85  ? -19.243 0.723   -6.477  1.00 14.81 ? 85   GLY A N   1 
ATOM   626  C  CA  . GLY A 1 85  ? -20.295 0.865   -7.468  1.00 15.03 ? 85   GLY A CA  1 
ATOM   627  C  C   . GLY A 1 85  ? -20.917 2.249   -7.397  1.00 17.00 ? 85   GLY A C   1 
ATOM   628  O  O   . GLY A 1 85  ? -21.585 2.686   -8.335  1.00 19.15 ? 85   GLY A O   1 
ATOM   629  N  N   . SER A 1 86  ? -20.711 2.936   -6.278  1.00 16.46 ? 86   SER A N   1 
ATOM   630  C  CA  . SER A 1 86  ? -21.229 4.291   -6.097  1.00 16.86 ? 86   SER A CA  1 
ATOM   631  C  C   . SER A 1 86  ? -20.072 5.284   -6.122  1.00 17.17 ? 86   SER A C   1 
ATOM   632  O  O   . SER A 1 86  ? -19.067 5.089   -5.435  1.00 15.36 ? 86   SER A O   1 
ATOM   633  C  CB  . SER A 1 86  ? -21.964 4.418   -4.763  1.00 16.25 ? 86   SER A CB  1 
ATOM   634  O  OG  . SER A 1 86  ? -22.276 5.778   -4.500  1.00 16.40 ? 86   SER A OG  1 
ATOM   635  N  N   . SER A 1 87  ? -20.218 6.355   -6.899  1.00 16.28 ? 87   SER A N   1 
ATOM   636  C  CA  . SER A 1 87  ? -19.162 7.362   -6.998  1.00 17.14 ? 87   SER A CA  1 
ATOM   637  C  C   . SER A 1 87  ? -19.049 8.180   -5.716  1.00 15.75 ? 87   SER A C   1 
ATOM   638  O  O   . SER A 1 87  ? -18.125 8.980   -5.559  1.00 16.44 ? 87   SER A O   1 
ATOM   639  C  CB  . SER A 1 87  ? -19.420 8.305   -8.179  1.00 18.12 ? 87   SER A CB  1 
ATOM   640  O  OG  . SER A 1 87  ? -20.405 9.272   -7.855  1.00 17.94 ? 87   SER A OG  1 
ATOM   641  N  N   . ALA A 1 88  ? -19.991 7.978   -4.802  1.00 15.95 ? 88   ALA A N   1 
ATOM   642  C  CA  . ALA A 1 88  ? -19.997 8.699   -3.538  1.00 15.32 ? 88   ALA A CA  1 
ATOM   643  C  C   . ALA A 1 88  ? -19.002 8.121   -2.533  1.00 15.00 ? 88   ALA A C   1 
ATOM   644  O  O   . ALA A 1 88  ? -18.485 8.840   -1.675  1.00 15.05 ? 88   ALA A O   1 
ATOM   645  C  CB  . ALA A 1 88  ? -21.403 8.684   -2.939  1.00 17.13 ? 88   ALA A CB  1 
ATOM   646  N  N   . SER A 1 89  ? -18.742 6.820   -2.634  1.00 14.63 ? 89   SER A N   1 
ATOM   647  C  CA  . SER A 1 89  ? -17.823 6.158   -1.709  1.00 14.10 ? 89   SER A CA  1 
ATOM   648  C  C   . SER A 1 89  ? -16.467 6.848   -1.680  1.00 13.81 ? 89   SER A C   1 
ATOM   649  O  O   . SER A 1 89  ? -15.942 7.247   -2.718  1.00 14.66 ? 89   SER A O   1 
ATOM   650  C  CB  . SER A 1 89  ? -17.668 4.687   -2.093  1.00 14.99 ? 89   SER A CB  1 
ATOM   651  O  OG  . SER A 1 89  ? -18.933 4.042   -2.083  1.00 14.98 ? 89   SER A OG  1 
ATOM   652  N  N   . ASN A 1 90  ? -15.900 6.982   -0.484  1.00 14.78 ? 90   ASN A N   1 
ATOM   653  C  CA  . ASN A 1 90  ? -14.621 7.658   -0.335  1.00 13.97 ? 90   ASN A CA  1 
ATOM   654  C  C   . ASN A 1 90  ? -13.954 7.338   0.994   1.00 12.26 ? 90   ASN A C   1 
ATOM   655  O  O   . ASN A 1 90  ? -14.611 6.965   1.969   1.00 12.88 ? 90   ASN A O   1 
ATOM   656  C  CB  . ASN A 1 90  ? -14.825 9.170   -0.404  1.00 14.21 ? 90   ASN A CB  1 
ATOM   657  C  CG  . ASN A 1 90  ? -15.703 9.684   0.728   1.00 15.91 ? 90   ASN A CG  1 
ATOM   658  O  OD1 . ASN A 1 90  ? -16.926 9.529   0.704   1.00 18.76 ? 90   ASN A OD1 1 
ATOM   659  N  ND2 . ASN A 1 90  ? -15.079 10.275  1.737   1.00 15.97 ? 90   ASN A ND2 1 
ATOM   660  N  N   . GLY A 1 91  ? -12.639 7.496   1.032   1.00 11.71 ? 91   GLY A N   1 
ATOM   661  C  CA  . GLY A 1 91  ? -11.935 7.243   2.269   1.00 10.75 ? 91   GLY A CA  1 
ATOM   662  C  C   . GLY A 1 91  ? -10.750 6.313   2.169   1.00 11.36 ? 91   GLY A C   1 
ATOM   663  O  O   . GLY A 1 91  ? -10.539 5.632   1.167   1.00 11.05 ? 91   GLY A O   1 
ATOM   664  N  N   . THR A 1 92  ? -9.985  6.296   3.253   1.00 11.59 ? 92   THR A N   1 
ATOM   665  C  CA  . THR A 1 92  ? -8.779  5.492   3.379   1.00 10.63 ? 92   THR A CA  1 
ATOM   666  C  C   . THR A 1 92  ? -9.017  4.314   4.324   1.00 11.11 ? 92   THR A C   1 
ATOM   667  O  O   . THR A 1 92  ? -9.578  4.483   5.411   1.00 11.21 ? 92   THR A O   1 
ATOM   668  C  CB  . THR A 1 92  ? -7.637  6.358   3.934   1.00 11.60 ? 92   THR A CB  1 
ATOM   669  O  OG1 . THR A 1 92  ? -7.404  7.453   3.041   1.00 10.43 ? 92   THR A OG1 1 
ATOM   670  C  CG2 . THR A 1 92  ? -6.378  5.543   4.093   1.00 10.51 ? 92   THR A CG2 1 
ATOM   671  N  N   . GLU A 1 93  ? -8.570  3.128   3.909   1.00 11.57 ? 93   GLU A N   1 
ATOM   672  C  CA  . GLU A 1 93  ? -8.729  1.918   4.707   1.00 12.10 ? 93   GLU A CA  1 
ATOM   673  C  C   . GLU A 1 93  ? -7.415  1.131   4.794   1.00 10.60 ? 93   GLU A C   1 
ATOM   674  O  O   . GLU A 1 93  ? -6.624  1.111   3.837   1.00 11.35 ? 93   GLU A O   1 
ATOM   675  C  CB  . GLU A 1 93  ? -9.811  1.022   4.087   1.00 16.08 ? 93   GLU A CB  1 
ATOM   676  C  CG  . GLU A 1 93  ? -10.941 1.793   3.404   1.00 22.44 ? 93   GLU A CG  1 
ATOM   677  C  CD  . GLU A 1 93  ? -11.903 0.899   2.631   1.00 26.33 ? 93   GLU A CD  1 
ATOM   678  O  OE1 . GLU A 1 93  ? -11.486 -0.189  2.165   1.00 25.42 ? 93   GLU A OE1 1 
ATOM   679  O  OE2 . GLU A 1 93  ? -13.086 1.286   2.465   1.00 28.89 ? 93   GLU A OE2 1 
ATOM   680  N  N   . THR A 1 94  ? -7.207  0.483   5.940   1.00 10.58 ? 94   THR A N   1 
ATOM   681  C  CA  . THR A 1 94  ? -6.019  -0.329  6.185   1.00 9.65  ? 94   THR A CA  1 
ATOM   682  C  C   . THR A 1 94  ? -6.534  -1.707  6.552   1.00 9.93  ? 94   THR A C   1 
ATOM   683  O  O   . THR A 1 94  ? -7.373  -1.828  7.436   1.00 11.80 ? 94   THR A O   1 
ATOM   684  C  CB  . THR A 1 94  ? -5.197  0.205   7.352   1.00 10.33 ? 94   THR A CB  1 
ATOM   685  O  OG1 . THR A 1 94  ? -4.674  1.498   7.014   1.00 11.25 ? 94   THR A OG1 1 
ATOM   686  C  CG2 . THR A 1 94  ? -4.043  -0.756  7.649   1.00 12.73 ? 94   THR A CG2 1 
ATOM   687  N  N   . TYR A 1 95  ? -6.052  -2.732  5.856   1.00 10.67 ? 95   TYR A N   1 
ATOM   688  C  CA  . TYR A 1 95  ? -6.483  -4.106  6.100   1.00 10.33 ? 95   TYR A CA  1 
ATOM   689  C  C   . TYR A 1 95  ? -5.403  -5.023  6.660   1.00 10.84 ? 95   TYR A C   1 
ATOM   690  O  O   . TYR A 1 95  ? -4.224  -4.888  6.336   1.00 11.52 ? 95   TYR A O   1 
ATOM   691  C  CB  . TYR A 1 95  ? -6.975  -4.746  4.805   1.00 11.00 ? 95   TYR A CB  1 
ATOM   692  C  CG  . TYR A 1 95  ? -8.243  -4.162  4.256   1.00 12.37 ? 95   TYR A CG  1 
ATOM   693  C  CD1 . TYR A 1 95  ? -8.220  -3.080  3.378   1.00 12.37 ? 95   TYR A CD1 1 
ATOM   694  C  CD2 . TYR A 1 95  ? -9.475  -4.705  4.607   1.00 13.03 ? 95   TYR A CD2 1 
ATOM   695  C  CE1 . TYR A 1 95  ? -9.402  -2.557  2.857   1.00 12.93 ? 95   TYR A CE1 1 
ATOM   696  C  CE2 . TYR A 1 95  ? -10.655 -4.196  4.096   1.00 12.29 ? 95   TYR A CE2 1 
ATOM   697  C  CZ  . TYR A 1 95  ? -10.615 -3.126  3.222   1.00 12.73 ? 95   TYR A CZ  1 
ATOM   698  O  OH  . TYR A 1 95  ? -11.789 -2.640  2.698   1.00 14.51 ? 95   TYR A OH  1 
ATOM   699  N  N   . TYR A 1 96  ? -5.830  -5.973  7.486   1.00 9.90  ? 96   TYR A N   1 
ATOM   700  C  CA  . TYR A 1 96  ? -4.946  -6.981  8.058   1.00 10.38 ? 96   TYR A CA  1 
ATOM   701  C  C   . TYR A 1 96  ? -5.774  -8.260  7.917   1.00 9.78  ? 96   TYR A C   1 
ATOM   702  O  O   . TYR A 1 96  ? -6.992  -8.184  7.732   1.00 10.50 ? 96   TYR A O   1 
ATOM   703  C  CB  . TYR A 1 96  ? -4.674  -6.720  9.545   1.00 10.11 ? 96   TYR A CB  1 
ATOM   704  C  CG  . TYR A 1 96  ? -5.859  -7.040  10.429  1.00 11.44 ? 96   TYR A CG  1 
ATOM   705  C  CD1 . TYR A 1 96  ? -6.903  -6.129  10.589  1.00 12.70 ? 96   TYR A CD1 1 
ATOM   706  C  CD2 . TYR A 1 96  ? -5.977  -8.289  11.042  1.00 13.50 ? 96   TYR A CD2 1 
ATOM   707  C  CE1 . TYR A 1 96  ? -8.036  -6.458  11.335  1.00 12.92 ? 96   TYR A CE1 1 
ATOM   708  C  CE2 . TYR A 1 96  ? -7.101  -8.626  11.783  1.00 14.55 ? 96   TYR A CE2 1 
ATOM   709  C  CZ  . TYR A 1 96  ? -8.127  -7.705  11.923  1.00 16.05 ? 96   TYR A CZ  1 
ATOM   710  O  OH  . TYR A 1 96  ? -9.244  -8.043  12.643  1.00 18.93 ? 96   TYR A OH  1 
ATOM   711  N  N   . GLN A 1 97  ? -5.135  -9.422  7.993   1.00 10.36 ? 97   GLN A N   1 
ATOM   712  C  CA  . GLN A 1 97  ? -5.870  -10.686 7.894   1.00 9.71  ? 97   GLN A CA  1 
ATOM   713  C  C   . GLN A 1 97  ? -5.514  -11.600 9.054   1.00 8.51  ? 97   GLN A C   1 
ATOM   714  O  O   . GLN A 1 97  ? -6.329  -12.416 9.482   1.00 11.00 ? 97   GLN A O   1 
ATOM   715  C  CB  . GLN A 1 97  ? -5.572  -11.398 6.568   1.00 10.41 ? 97   GLN A CB  1 
ATOM   716  C  CG  . GLN A 1 97  ? -6.537  -12.544 6.209   1.00 9.69  ? 97   GLN A CG  1 
ATOM   717  C  CD  . GLN A 1 97  ? -6.220  -13.868 6.898   1.00 12.34 ? 97   GLN A CD  1 
ATOM   718  O  OE1 . GLN A 1 97  ? -5.056  -14.227 7.090   1.00 11.46 ? 97   GLN A OE1 1 
ATOM   719  N  NE2 . GLN A 1 97  ? -7.265  -14.616 7.246   1.00 10.16 ? 97   GLN A NE2 1 
ATOM   720  N  N   . ARG A 1 98  ? -4.302  -11.449 9.574   1.00 10.17 ? 98   ARG A N   1 
ATOM   721  C  CA  . ARG A 1 98  ? -3.845  -12.277 10.685  1.00 9.73  ? 98   ARG A CA  1 
ATOM   722  C  C   . ARG A 1 98  ? -3.630  -11.478 11.959  1.00 9.07  ? 98   ARG A C   1 
ATOM   723  O  O   . ARG A 1 98  ? -3.285  -10.302 11.920  1.00 11.08 ? 98   ARG A O   1 
ATOM   724  C  CB  . ARG A 1 98  ? -2.546  -12.995 10.310  1.00 8.51  ? 98   ARG A CB  1 
ATOM   725  C  CG  . ARG A 1 98  ? -2.741  -14.095 9.288   1.00 10.74 ? 98   ARG A CG  1 
ATOM   726  C  CD  . ARG A 1 98  ? -1.425  -14.544 8.675   1.00 9.66  ? 98   ARG A CD  1 
ATOM   727  N  NE  . ARG A 1 98  ? -0.830  -13.510 7.833   1.00 11.24 ? 98   ARG A NE  1 
ATOM   728  C  CZ  . ARG A 1 98  ? 0.223   -12.773 8.171   1.00 10.43 ? 98   ARG A CZ  1 
ATOM   729  N  NH1 . ARG A 1 98  ? 0.812   -12.952 9.348   1.00 11.88 ? 98   ARG A NH1 1 
ATOM   730  N  NH2 . ARG A 1 98  ? 0.692   -11.858 7.328   1.00 10.20 ? 98   ARG A NH2 1 
ATOM   731  N  N   . SER A 1 99  ? -3.844  -12.131 13.094  1.00 10.60 ? 99   SER A N   1 
ATOM   732  C  CA  . SER A 1 99  ? -3.668  -11.482 14.384  1.00 11.29 ? 99   SER A CA  1 
ATOM   733  C  C   . SER A 1 99  ? -2.288  -10.840 14.522  1.00 11.82 ? 99   SER A C   1 
ATOM   734  O  O   . SER A 1 99  ? -2.164  -9.719  15.009  1.00 14.52 ? 99   SER A O   1 
ATOM   735  C  CB  . SER A 1 99  ? -3.868  -12.498 15.514  1.00 13.27 ? 99   SER A CB  1 
ATOM   736  O  OG  . SER A 1 99  ? -3.589  -11.906 16.771  1.00 14.12 ? 99   SER A OG  1 
ATOM   737  N  N   . ALA A 1 100 ? -1.255  -11.557 14.089  1.00 13.38 ? 100  ALA A N   1 
ATOM   738  C  CA  . ALA A 1 100 ? 0.120   -11.074 14.186  1.00 13.17 ? 100  ALA A CA  1 
ATOM   739  C  C   . ALA A 1 100 ? 0.400   -9.809  13.373  1.00 12.70 ? 100  ALA A C   1 
ATOM   740  O  O   . ALA A 1 100 ? 1.462   -9.198  13.517  1.00 13.44 ? 100  ALA A O   1 
ATOM   741  C  CB  . ALA A 1 100 ? 1.090   -12.184 13.774  1.00 13.84 ? 100  ALA A CB  1 
ATOM   742  N  N   . SER A 1 101 ? -0.551  -9.415  12.527  1.00 11.08 ? 101  SER A N   1 
ATOM   743  C  CA  . SER A 1 101 ? -0.401  -8.221  11.694  1.00 10.78 ? 101  SER A CA  1 
ATOM   744  C  C   . SER A 1 101 ? -1.150  -7.011  12.254  1.00 12.42 ? 101  SER A C   1 
ATOM   745  O  O   . SER A 1 101 ? -0.980  -5.893  11.770  1.00 12.44 ? 101  SER A O   1 
ATOM   746  C  CB  . SER A 1 101 ? -0.924  -8.492  10.276  1.00 8.28  ? 101  SER A CB  1 
ATOM   747  O  OG  . SER A 1 101 ? -0.202  -9.527  9.634   1.00 8.78  ? 101  SER A OG  1 
ATOM   748  N  N   . LYS A 1 102 ? -1.982  -7.229  13.268  1.00 13.41 ? 102  LYS A N   1 
ATOM   749  C  CA  . LYS A 1 102 ? -2.763  -6.130  13.829  1.00 13.40 ? 102  LYS A CA  1 
ATOM   750  C  C   . LYS A 1 102 ? -1.945  -4.985  14.418  1.00 13.42 ? 102  LYS A C   1 
ATOM   751  O  O   . LYS A 1 102 ? -2.278  -3.817  14.206  1.00 13.36 ? 102  LYS A O   1 
ATOM   752  C  CB  . LYS A 1 102 ? -3.743  -6.660  14.881  1.00 15.66 ? 102  LYS A CB  1 
ATOM   753  C  CG  . LYS A 1 102 ? -4.650  -7.763  14.358  1.00 21.48 ? 102  LYS A CG  1 
ATOM   754  C  CD  . LYS A 1 102 ? -5.750  -8.115  15.353  1.00 27.08 ? 102  LYS A CD  1 
ATOM   755  C  CE  . LYS A 1 102 ? -6.765  -6.987  15.474  1.00 29.66 ? 102  LYS A CE  1 
ATOM   756  N  NZ  . LYS A 1 102 ? -7.891  -7.341  16.384  1.00 32.14 ? 102  LYS A NZ  1 
ATOM   757  N  N   . ALA A 1 103 ? -0.881  -5.307  15.150  1.00 11.30 ? 103  ALA A N   1 
ATOM   758  C  CA  . ALA A 1 103 ? -0.049  -4.271  15.757  1.00 12.05 ? 103  ALA A CA  1 
ATOM   759  C  C   . ALA A 1 103 ? 0.505   -3.365  14.670  1.00 11.58 ? 103  ALA A C   1 
ATOM   760  O  O   . ALA A 1 103 ? 0.482   -2.143  14.788  1.00 13.15 ? 103  ALA A O   1 
ATOM   761  C  CB  . ALA A 1 103 ? 1.094   -4.901  16.543  1.00 11.69 ? 103  ALA A CB  1 
ATOM   762  N  N   . PHE A 1 104 ? 1.001   -3.981  13.606  1.00 11.54 ? 104  PHE A N   1 
ATOM   763  C  CA  . PHE A 1 104 ? 1.556   -3.235  12.490  1.00 11.95 ? 104  PHE A CA  1 
ATOM   764  C  C   . PHE A 1 104 ? 0.452   -2.410  11.821  1.00 10.98 ? 104  PHE A C   1 
ATOM   765  O  O   . PHE A 1 104 ? 0.662   -1.251  11.484  1.00 11.97 ? 104  PHE A O   1 
ATOM   766  C  CB  . PHE A 1 104 ? 2.204   -4.209  11.500  1.00 11.29 ? 104  PHE A CB  1 
ATOM   767  C  CG  . PHE A 1 104 ? 2.782   -3.553  10.273  1.00 10.24 ? 104  PHE A CG  1 
ATOM   768  C  CD1 . PHE A 1 104 ? 3.389   -2.301  10.344  1.00 10.46 ? 104  PHE A CD1 1 
ATOM   769  C  CD2 . PHE A 1 104 ? 2.748   -4.212  9.052   1.00 8.93  ? 104  PHE A CD2 1 
ATOM   770  C  CE1 . PHE A 1 104 ? 3.957   -1.718  9.203   1.00 9.49  ? 104  PHE A CE1 1 
ATOM   771  C  CE2 . PHE A 1 104 ? 3.311   -3.644  7.909   1.00 10.79 ? 104  PHE A CE2 1 
ATOM   772  C  CZ  . PHE A 1 104 ? 3.918   -2.391  7.986   1.00 8.62  ? 104  PHE A CZ  1 
ATOM   773  N  N   . ALA A 1 105 ? -0.724  -2.998  11.629  1.00 10.50 ? 105  ALA A N   1 
ATOM   774  C  CA  . ALA A 1 105 ? -1.819  -2.253  11.010  1.00 10.68 ? 105  ALA A CA  1 
ATOM   775  C  C   . ALA A 1 105 ? -2.142  -1.013  11.849  1.00 10.83 ? 105  ALA A C   1 
ATOM   776  O  O   . ALA A 1 105 ? -2.367  0.071   11.312  1.00 10.40 ? 105  ALA A O   1 
ATOM   777  C  CB  . ALA A 1 105 ? -3.060  -3.135  10.877  1.00 11.46 ? 105  ALA A CB  1 
ATOM   778  N  N   . ASN A 1 106 ? -2.156  -1.174  13.169  1.00 12.46 ? 106  ASN A N   1 
ATOM   779  C  CA  . ASN A 1 106 ? -2.443  -0.052  14.062  1.00 13.85 ? 106  ASN A CA  1 
ATOM   780  C  C   . ASN A 1 106 ? -1.402  1.055   13.912  1.00 13.31 ? 106  ASN A C   1 
ATOM   781  O  O   . ASN A 1 106 ? -1.750  2.225   13.769  1.00 15.33 ? 106  ASN A O   1 
ATOM   782  C  CB  . ASN A 1 106 ? -2.486  -0.514  15.524  1.00 15.64 ? 106  ASN A CB  1 
ATOM   783  C  CG  . ASN A 1 106 ? -3.695  -1.383  15.830  1.00 21.93 ? 106  ASN A CG  1 
ATOM   784  O  OD1 . ASN A 1 106 ? -4.810  -1.084  15.409  1.00 23.48 ? 106  ASN A OD1 1 
ATOM   785  N  ND2 . ASN A 1 106 ? -3.480  -2.456  16.585  1.00 26.30 ? 106  ASN A ND2 1 
ATOM   786  N  N   . VAL A 1 107 ? -0.125  0.691   13.950  1.00 12.45 ? 107  VAL A N   1 
ATOM   787  C  CA  . VAL A 1 107 ? 0.930   1.691   13.813  1.00 12.78 ? 107  VAL A CA  1 
ATOM   788  C  C   . VAL A 1 107 ? 0.868   2.310   12.420  1.00 12.54 ? 107  VAL A C   1 
ATOM   789  O  O   . VAL A 1 107 ? 0.890   3.532   12.275  1.00 12.55 ? 107  VAL A O   1 
ATOM   790  C  CB  . VAL A 1 107 ? 2.331   1.075   14.057  1.00 12.53 ? 107  VAL A CB  1 
ATOM   791  C  CG1 . VAL A 1 107 ? 3.427   2.116   13.807  1.00 13.51 ? 107  VAL A CG1 1 
ATOM   792  C  CG2 . VAL A 1 107 ? 2.418   0.559   15.491  1.00 13.78 ? 107  VAL A CG2 1 
ATOM   793  N  N   . MET A 1 108 ? 0.775   1.471   11.393  1.00 11.02 ? 108  MET A N   1 
ATOM   794  C  CA  . MET A 1 108 ? 0.705   1.981   10.027  1.00 11.67 ? 108  MET A CA  1 
ATOM   795  C  C   . MET A 1 108 ? -0.437  2.984   9.861   1.00 11.48 ? 108  MET A C   1 
ATOM   796  O  O   . MET A 1 108 ? -0.236  4.091   9.365   1.00 11.67 ? 108  MET A O   1 
ATOM   797  C  CB  . MET A 1 108 ? 0.519   0.830   9.034   1.00 11.65 ? 108  MET A CB  1 
ATOM   798  C  CG  . MET A 1 108 ? 0.271   1.282   7.602   1.00 11.87 ? 108  MET A CG  1 
ATOM   799  S  SD  . MET A 1 108 ? 1.615   2.301   6.939   1.00 11.24 ? 108  MET A SD  1 
ATOM   800  C  CE  . MET A 1 108 ? 2.758   1.020   6.453   1.00 11.01 ? 108  MET A CE  1 
ATOM   801  N  N   . HIS A 1 109 ? -1.633  2.602   10.286  1.00 11.86 ? 109  HIS A N   1 
ATOM   802  C  CA  . HIS A 1 109 ? -2.792  3.479   10.152  1.00 11.84 ? 109  HIS A CA  1 
ATOM   803  C  C   . HIS A 1 109 ? -2.587  4.811   10.867  1.00 12.06 ? 109  HIS A C   1 
ATOM   804  O  O   . HIS A 1 109 ? -3.025  5.852   10.390  1.00 12.40 ? 109  HIS A O   1 
ATOM   805  C  CB  . HIS A 1 109 ? -4.046  2.796   10.703  1.00 12.24 ? 109  HIS A CB  1 
ATOM   806  C  CG  . HIS A 1 109 ? -5.322  3.369   10.171  1.00 14.18 ? 109  HIS A CG  1 
ATOM   807  N  ND1 . HIS A 1 109 ? -5.690  3.259   8.847   1.00 15.81 ? 109  HIS A ND1 1 
ATOM   808  C  CD2 . HIS A 1 109 ? -6.308  4.073   10.779  1.00 13.07 ? 109  HIS A CD2 1 
ATOM   809  C  CE1 . HIS A 1 109 ? -6.847  3.869   8.663   1.00 15.84 ? 109  HIS A CE1 1 
ATOM   810  N  NE2 . HIS A 1 109 ? -7.243  4.371   9.819   1.00 14.93 ? 109  HIS A NE2 1 
ATOM   811  N  N   . LYS A 1 110 ? -1.919  4.763   12.016  1.00 12.44 ? 110  LYS A N   1 
ATOM   812  C  CA  . LYS A 1 110 ? -1.648  5.958   12.816  1.00 11.84 ? 110  LYS A CA  1 
ATOM   813  C  C   . LYS A 1 110 ? -0.955  7.059   12.006  1.00 12.56 ? 110  LYS A C   1 
ATOM   814  O  O   . LYS A 1 110 ? -1.266  8.242   12.153  1.00 14.98 ? 110  LYS A O   1 
ATOM   815  C  CB  . LYS A 1 110 ? -0.777  5.583   14.022  1.00 13.32 ? 110  LYS A CB  1 
ATOM   816  C  CG  . LYS A 1 110 ? -0.505  6.725   14.998  1.00 13.59 ? 110  LYS A CG  1 
ATOM   817  C  CD  . LYS A 1 110 ? 0.413   6.275   16.128  1.00 18.94 ? 110  LYS A CD  1 
ATOM   818  C  CE  . LYS A 1 110 ? 0.444   7.293   17.267  1.00 23.73 ? 110  LYS A CE  1 
ATOM   819  N  NZ  . LYS A 1 110 ? 0.734   8.674   16.796  1.00 27.38 ? 110  LYS A NZ  1 
ATOM   820  N  N   . TYR A 1 111 ? -0.025  6.672   11.142  1.00 12.85 ? 111  TYR A N   1 
ATOM   821  C  CA  . TYR A 1 111 ? 0.701   7.656   10.340  1.00 14.41 ? 111  TYR A CA  1 
ATOM   822  C  C   . TYR A 1 111 ? 0.200   7.773   8.911   1.00 14.56 ? 111  TYR A C   1 
ATOM   823  O  O   . TYR A 1 111 ? 0.254   8.842   8.296   1.00 15.27 ? 111  TYR A O   1 
ATOM   824  C  CB  . TYR A 1 111 ? 2.190   7.315   10.337  1.00 16.20 ? 111  TYR A CB  1 
ATOM   825  C  CG  . TYR A 1 111 ? 2.769   7.293   11.726  1.00 16.53 ? 111  TYR A CG  1 
ATOM   826  C  CD1 . TYR A 1 111 ? 2.823   6.108   12.462  1.00 16.81 ? 111  TYR A CD1 1 
ATOM   827  C  CD2 . TYR A 1 111 ? 3.198   8.471   12.337  1.00 17.13 ? 111  TYR A CD2 1 
ATOM   828  C  CE1 . TYR A 1 111 ? 3.287   6.101   13.778  1.00 17.63 ? 111  TYR A CE1 1 
ATOM   829  C  CE2 . TYR A 1 111 ? 3.659   8.474   13.644  1.00 17.05 ? 111  TYR A CE2 1 
ATOM   830  C  CZ  . TYR A 1 111 ? 3.700   7.288   14.359  1.00 17.67 ? 111  TYR A CZ  1 
ATOM   831  O  OH  . TYR A 1 111 ? 4.148   7.294   15.660  1.00 18.63 ? 111  TYR A OH  1 
ATOM   832  N  N   . PHE A 1 112 ? -0.295  6.662   8.391   1.00 14.18 ? 112  PHE A N   1 
ATOM   833  C  CA  . PHE A 1 112 ? -0.804  6.598   7.031   1.00 13.99 ? 112  PHE A CA  1 
ATOM   834  C  C   . PHE A 1 112 ? -2.128  7.349   6.836   1.00 14.26 ? 112  PHE A C   1 
ATOM   835  O  O   . PHE A 1 112 ? -2.244  8.205   5.957   1.00 12.97 ? 112  PHE A O   1 
ATOM   836  C  CB  . PHE A 1 112 ? -0.950  5.118   6.652   1.00 13.96 ? 112  PHE A CB  1 
ATOM   837  C  CG  . PHE A 1 112 ? -1.807  4.866   5.451   1.00 13.77 ? 112  PHE A CG  1 
ATOM   838  C  CD1 . PHE A 1 112 ? -2.865  3.963   5.527   1.00 11.67 ? 112  PHE A CD1 1 
ATOM   839  C  CD2 . PHE A 1 112 ? -1.546  5.494   4.239   1.00 13.54 ? 112  PHE A CD2 1 
ATOM   840  C  CE1 . PHE A 1 112 ? -3.647  3.688   4.414   1.00 11.39 ? 112  PHE A CE1 1 
ATOM   841  C  CE2 . PHE A 1 112 ? -2.325  5.223   3.119   1.00 10.99 ? 112  PHE A CE2 1 
ATOM   842  C  CZ  . PHE A 1 112 ? -3.374  4.321   3.204   1.00 11.27 ? 112  PHE A CZ  1 
ATOM   843  N  N   . ALA A 1 113 ? -3.118  7.035   7.665   1.00 14.40 ? 113  ALA A N   1 
ATOM   844  C  CA  . ALA A 1 113 ? -4.434  7.653   7.551   1.00 15.26 ? 113  ALA A CA  1 
ATOM   845  C  C   . ALA A 1 113 ? -4.447  9.185   7.563   1.00 14.49 ? 113  ALA A C   1 
ATOM   846  O  O   . ALA A 1 113 ? -5.012  9.810   6.666   1.00 15.07 ? 113  ALA A O   1 
ATOM   847  C  CB  . ALA A 1 113 ? -5.355  7.107   8.646   1.00 16.42 ? 113  ALA A CB  1 
ATOM   848  N  N   . PRO A 1 114 ? -3.833  9.812   8.578   1.00 15.15 ? 114  PRO A N   1 
ATOM   849  C  CA  . PRO A 1 114 ? -3.823  11.280  8.629   1.00 14.80 ? 114  PRO A CA  1 
ATOM   850  C  C   . PRO A 1 114 ? -3.140  11.903  7.417   1.00 14.46 ? 114  PRO A C   1 
ATOM   851  O  O   . PRO A 1 114 ? -3.483  13.010  7.004   1.00 15.66 ? 114  PRO A O   1 
ATOM   852  C  CB  . PRO A 1 114 ? -3.067  11.575  9.923   1.00 15.38 ? 114  PRO A CB  1 
ATOM   853  C  CG  . PRO A 1 114 ? -3.379  10.381  10.775  1.00 16.80 ? 114  PRO A CG  1 
ATOM   854  C  CD  . PRO A 1 114 ? -3.224  9.247   9.794   1.00 15.63 ? 114  PRO A CD  1 
ATOM   855  N  N   . ALA A 1 115 ? -2.174  11.188  6.848   1.00 14.01 ? 115  ALA A N   1 
ATOM   856  C  CA  . ALA A 1 115 ? -1.445  11.687  5.688   1.00 14.80 ? 115  ALA A CA  1 
ATOM   857  C  C   . ALA A 1 115 ? -2.316  11.824  4.441   1.00 13.92 ? 115  ALA A C   1 
ATOM   858  O  O   . ALA A 1 115 ? -2.094  12.719  3.631   1.00 12.90 ? 115  ALA A O   1 
ATOM   859  C  CB  . ALA A 1 115 ? -0.239  10.790  5.395   1.00 12.52 ? 115  ALA A CB  1 
ATOM   860  N  N   . THR A 1 116 ? -3.299  10.945  4.267   1.00 14.86 ? 116  THR A N   1 
ATOM   861  C  CA  . THR A 1 116 ? -4.160  11.047  3.092   1.00 15.62 ? 116  THR A CA  1 
ATOM   862  C  C   . THR A 1 116 ? -5.119  12.223  3.251   1.00 17.31 ? 116  THR A C   1 
ATOM   863  O  O   . THR A 1 116 ? -5.516  12.852  2.269   1.00 17.43 ? 116  THR A O   1 
ATOM   864  C  CB  . THR A 1 116 ? -5.003  9.772   2.861   1.00 13.69 ? 116  THR A CB  1 
ATOM   865  O  OG1 . THR A 1 116 ? -6.031  9.683   3.855   1.00 15.10 ? 116  THR A OG1 1 
ATOM   866  C  CG2 . THR A 1 116 ? -4.122  8.529   2.924   1.00 12.24 ? 116  THR A CG2 1 
ATOM   867  N  N   . GLY A 1 117 ? -5.484  12.513  4.497   1.00 19.05 ? 117  GLY A N   1 
ATOM   868  C  CA  . GLY A 1 117 ? -6.401  13.607  4.759   1.00 19.20 ? 117  GLY A CA  1 
ATOM   869  C  C   . GLY A 1 117 ? -7.799  13.280  4.271   1.00 18.82 ? 117  GLY A C   1 
ATOM   870  O  O   . GLY A 1 117 ? -8.678  14.139  4.263   1.00 20.75 ? 117  GLY A O   1 
ATOM   871  N  N   . LEU A 1 118 ? -8.004  12.034  3.855   1.00 16.16 ? 118  LEU A N   1 
ATOM   872  C  CA  . LEU A 1 118 ? -9.305  11.597  3.367   1.00 14.63 ? 118  LEU A CA  1 
ATOM   873  C  C   . LEU A 1 118 ? -10.096 11.013  4.531   1.00 15.02 ? 118  LEU A C   1 
ATOM   874  O  O   . LEU A 1 118 ? -9.575  10.883  5.641   1.00 14.10 ? 118  LEU A O   1 
ATOM   875  C  CB  . LEU A 1 118 ? -9.128  10.545  2.273   1.00 14.51 ? 118  LEU A CB  1 
ATOM   876  C  CG  . LEU A 1 118 ? -8.207  10.947  1.114   1.00 13.63 ? 118  LEU A CG  1 
ATOM   877  C  CD1 . LEU A 1 118 ? -8.036  9.763   0.170   1.00 13.95 ? 118  LEU A CD1 1 
ATOM   878  C  CD2 . LEU A 1 118 ? -8.791  12.148  0.374   1.00 13.36 ? 118  LEU A CD2 1 
ATOM   879  N  N   . THR A 1 119 ? -11.353 10.663  4.287   1.00 15.74 ? 119  THR A N   1 
ATOM   880  C  CA  . THR A 1 119 ? -12.170 10.110  5.354   1.00 15.84 ? 119  THR A CA  1 
ATOM   881  C  C   . THR A 1 119 ? -11.531 8.843   5.904   1.00 17.27 ? 119  THR A C   1 
ATOM   882  O  O   . THR A 1 119 ? -11.211 7.918   5.158   1.00 15.65 ? 119  THR A O   1 
ATOM   883  C  CB  . THR A 1 119 ? -13.590 9.794   4.872   1.00 17.59 ? 119  THR A CB  1 
ATOM   884  O  OG1 . THR A 1 119 ? -14.217 11.004  4.429   1.00 16.59 ? 119  THR A OG1 1 
ATOM   885  C  CG2 . THR A 1 119 ? -14.412 9.185   6.004   1.00 17.98 ? 119  THR A CG2 1 
ATOM   886  N  N   . ASP A 1 120 ? -11.344 8.822   7.219   1.00 16.48 ? 120  ASP A N   1 
ATOM   887  C  CA  . ASP A 1 120 ? -10.736 7.686   7.894   1.00 15.64 ? 120  ASP A CA  1 
ATOM   888  C  C   . ASP A 1 120 ? -11.724 6.539   8.028   1.00 16.67 ? 120  ASP A C   1 
ATOM   889  O  O   . ASP A 1 120 ? -12.601 6.560   8.893   1.00 15.46 ? 120  ASP A O   1 
ATOM   890  C  CB  . ASP A 1 120 ? -10.247 8.114   9.276   1.00 17.04 ? 120  ASP A CB  1 
ATOM   891  C  CG  . ASP A 1 120 ? -9.593  6.988   10.040  1.00 16.26 ? 120  ASP A CG  1 
ATOM   892  O  OD1 . ASP A 1 120 ? -9.155  7.231   11.181  1.00 18.03 ? 120  ASP A OD1 1 
ATOM   893  O  OD2 . ASP A 1 120 ? -9.515  5.862   9.507   1.00 15.72 ? 120  ASP A OD2 1 
ATOM   894  N  N   . ARG A 1 121 ? -11.578 5.531   7.174   1.00 14.56 ? 121  ARG A N   1 
ATOM   895  C  CA  . ARG A 1 121 ? -12.468 4.381   7.215   1.00 15.26 ? 121  ARG A CA  1 
ATOM   896  C  C   . ARG A 1 121 ? -11.942 3.294   8.153   1.00 16.02 ? 121  ARG A C   1 
ATOM   897  O  O   . ARG A 1 121 ? -12.501 2.200   8.231   1.00 14.41 ? 121  ARG A O   1 
ATOM   898  C  CB  . ARG A 1 121 ? -12.677 3.828   5.805   1.00 17.33 ? 121  ARG A CB  1 
ATOM   899  C  CG  . ARG A 1 121 ? -13.313 4.824   4.832   1.00 18.80 ? 121  ARG A CG  1 
ATOM   900  C  CD  . ARG A 1 121 ? -13.445 4.191   3.456   1.00 23.28 ? 121  ARG A CD  1 
ATOM   901  N  NE  . ARG A 1 121 ? -14.301 3.013   3.517   1.00 23.88 ? 121  ARG A NE  1 
ATOM   902  C  CZ  . ARG A 1 121 ? -15.579 2.996   3.160   1.00 26.71 ? 121  ARG A CZ  1 
ATOM   903  N  NH1 . ARG A 1 121 ? -16.157 4.101   2.699   1.00 27.17 ? 121  ARG A NH1 1 
ATOM   904  N  NH2 . ARG A 1 121 ? -16.286 1.882   3.294   1.00 26.33 ? 121  ARG A NH2 1 
ATOM   905  N  N   . GLY A 1 122 ? -10.860 3.610   8.860   1.00 14.80 ? 122  GLY A N   1 
ATOM   906  C  CA  . GLY A 1 122 ? -10.288 2.696   9.832   1.00 14.18 ? 122  GLY A CA  1 
ATOM   907  C  C   . GLY A 1 122 ? -9.528  1.467   9.378   1.00 13.22 ? 122  GLY A C   1 
ATOM   908  O  O   . GLY A 1 122 ? -9.187  1.306   8.202   1.00 13.38 ? 122  GLY A O   1 
ATOM   909  N  N   . ILE A 1 123 ? -9.258  0.600   10.352  1.00 13.56 ? 123  ILE A N   1 
ATOM   910  C  CA  . ILE A 1 123 ? -8.542  -0.652  10.145  1.00 12.87 ? 123  ILE A CA  1 
ATOM   911  C  C   . ILE A 1 123 ? -9.581  -1.761  10.094  1.00 14.06 ? 123  ILE A C   1 
ATOM   912  O  O   . ILE A 1 123 ? -10.413 -1.881  10.991  1.00 12.10 ? 123  ILE A O   1 
ATOM   913  C  CB  . ILE A 1 123 ? -7.555  -0.903  11.299  1.00 13.93 ? 123  ILE A CB  1 
ATOM   914  C  CG1 . ILE A 1 123 ? -6.564  0.264   11.376  1.00 15.04 ? 123  ILE A CG1 1 
ATOM   915  C  CG2 . ILE A 1 123 ? -6.820  -2.216  11.088  1.00 14.54 ? 123  ILE A CG2 1 
ATOM   916  C  CD1 . ILE A 1 123 ? -5.722  0.288   12.640  1.00 16.04 ? 123  ILE A CD1 1 
ATOM   917  N  N   . ARG A 1 124 ? -9.529  -2.569  9.042   1.00 13.15 ? 124  ARG A N   1 
ATOM   918  C  CA  . ARG A 1 124 ? -10.511 -3.631  8.865   1.00 16.12 ? 124  ARG A CA  1 
ATOM   919  C  C   . ARG A 1 124 ? -9.895  -4.975  8.517   1.00 15.28 ? 124  ARG A C   1 
ATOM   920  O  O   . ARG A 1 124 ? -8.765  -5.053  8.040   1.00 12.43 ? 124  ARG A O   1 
ATOM   921  C  CB  . ARG A 1 124 ? -11.473 -3.236  7.743   1.00 18.93 ? 124  ARG A CB  1 
ATOM   922  C  CG  . ARG A 1 124 ? -11.903 -1.777  7.792   1.00 22.41 ? 124  ARG A CG  1 
ATOM   923  C  CD  . ARG A 1 124 ? -12.817 -1.428  6.629   1.00 25.89 ? 124  ARG A CD  1 
ATOM   924  N  NE  . ARG A 1 124 ? -13.500 -0.161  6.863   1.00 28.72 ? 124  ARG A NE  1 
ATOM   925  C  CZ  . ARG A 1 124 ? -14.698 0.142   6.376   1.00 28.42 ? 124  ARG A CZ  1 
ATOM   926  N  NH1 . ARG A 1 124 ? -15.344 -0.735  5.621   1.00 30.34 ? 124  ARG A NH1 1 
ATOM   927  N  NH2 . ARG A 1 124 ? -15.255 1.313   6.655   1.00 29.05 ? 124  ARG A NH2 1 
ATOM   928  N  N   . TYR A 1 125 ? -10.657 -6.036  8.758   1.00 14.62 ? 125  TYR A N   1 
ATOM   929  C  CA  . TYR A 1 125 ? -10.204 -7.369  8.421   1.00 12.41 ? 125  TYR A CA  1 
ATOM   930  C  C   . TYR A 1 125 ? -10.468 -7.539  6.935   1.00 12.43 ? 125  TYR A C   1 
ATOM   931  O  O   . TYR A 1 125 ? -11.515 -7.130  6.432   1.00 11.23 ? 125  TYR A O   1 
ATOM   932  C  CB  . TYR A 1 125 ? -10.979 -8.436  9.202   1.00 12.02 ? 125  TYR A CB  1 
ATOM   933  C  CG  . TYR A 1 125 ? -10.752 -9.837  8.675   1.00 9.80  ? 125  TYR A CG  1 
ATOM   934  C  CD1 . TYR A 1 125 ? -11.601 -10.393 7.717   1.00 10.28 ? 125  TYR A CD1 1 
ATOM   935  C  CD2 . TYR A 1 125 ? -9.669  -10.592 9.108   1.00 10.40 ? 125  TYR A CD2 1 
ATOM   936  C  CE1 . TYR A 1 125 ? -11.375 -11.671 7.206   1.00 9.00  ? 125  TYR A CE1 1 
ATOM   937  C  CE2 . TYR A 1 125 ? -9.431  -11.869 8.604   1.00 9.57  ? 125  TYR A CE2 1 
ATOM   938  C  CZ  . TYR A 1 125 ? -10.288 -12.401 7.655   1.00 10.04 ? 125  TYR A CZ  1 
ATOM   939  O  OH  . TYR A 1 125 ? -10.052 -13.659 7.161   1.00 10.61 ? 125  TYR A OH  1 
ATOM   940  N  N   . GLY A 1 126 ? -9.506  -8.120  6.233   1.00 12.13 ? 126  GLY A N   1 
ATOM   941  C  CA  . GLY A 1 126 ? -9.664  -8.349  4.812   1.00 11.39 ? 126  GLY A CA  1 
ATOM   942  C  C   . GLY A 1 126 ? -9.023  -9.671  4.444   1.00 12.23 ? 126  GLY A C   1 
ATOM   943  O  O   . GLY A 1 126 ? -7.834  -9.879  4.693   1.00 11.89 ? 126  GLY A O   1 
ATOM   944  N  N   . ASN A 1 127 ? -9.806  -10.578 3.872   1.00 10.59 ? 127  ASN A N   1 
ATOM   945  C  CA  . ASN A 1 127 ? -9.274  -11.870 3.478   1.00 11.99 ? 127  ASN A CA  1 
ATOM   946  C  C   . ASN A 1 127 ? -8.636  -11.770 2.101   1.00 12.35 ? 127  ASN A C   1 
ATOM   947  O  O   . ASN A 1 127 ? -9.172  -12.267 1.114   1.00 13.24 ? 127  ASN A O   1 
ATOM   948  C  CB  . ASN A 1 127 ? -10.372 -12.935 3.476   1.00 10.75 ? 127  ASN A CB  1 
ATOM   949  C  CG  . ASN A 1 127 ? -9.833  -14.315 3.155   1.00 14.51 ? 127  ASN A CG  1 
ATOM   950  O  OD1 . ASN A 1 127 ? -8.733  -14.675 3.580   1.00 16.06 ? 127  ASN A OD1 1 
ATOM   951  N  ND2 . ASN A 1 127 ? -10.605 -15.099 2.416   1.00 15.04 ? 127  ASN A ND2 1 
ATOM   952  N  N   . PHE A 1 128 ? -7.477  -11.122 2.051   1.00 13.31 ? 128  PHE A N   1 
ATOM   953  C  CA  . PHE A 1 128 ? -6.747  -10.929 0.803   1.00 11.58 ? 128  PHE A CA  1 
ATOM   954  C  C   . PHE A 1 128 ? -5.499  -11.801 0.802   1.00 11.27 ? 128  PHE A C   1 
ATOM   955  O  O   . PHE A 1 128 ? -4.735  -11.811 1.766   1.00 10.86 ? 128  PHE A O   1 
ATOM   956  C  CB  . PHE A 1 128 ? -6.372  -9.453  0.654   1.00 12.77 ? 128  PHE A CB  1 
ATOM   957  C  CG  . PHE A 1 128 ? -7.548  -8.516  0.768   1.00 15.59 ? 128  PHE A CG  1 
ATOM   958  C  CD1 . PHE A 1 128 ? -7.446  -7.339  1.501   1.00 16.08 ? 128  PHE A CD1 1 
ATOM   959  C  CD2 . PHE A 1 128 ? -8.761  -8.819  0.154   1.00 19.27 ? 128  PHE A CD2 1 
ATOM   960  C  CE1 . PHE A 1 128 ? -8.531  -6.476  1.626   1.00 15.83 ? 128  PHE A CE1 1 
ATOM   961  C  CE2 . PHE A 1 128 ? -9.856  -7.961  0.274   1.00 20.36 ? 128  PHE A CE2 1 
ATOM   962  C  CZ  . PHE A 1 128 ? -9.740  -6.789  1.011   1.00 19.66 ? 128  PHE A CZ  1 
ATOM   963  N  N   . HIS A 1 129 ? -5.300  -12.521 -0.295  1.00 10.84 ? 129  HIS A N   1 
ATOM   964  C  CA  . HIS A 1 129 ? -4.177  -13.436 -0.449  1.00 11.25 ? 129  HIS A CA  1 
ATOM   965  C  C   . HIS A 1 129 ? -2.832  -12.928 0.066   1.00 9.45  ? 129  HIS A C   1 
ATOM   966  O  O   . HIS A 1 129 ? -2.201  -13.572 0.898   1.00 10.02 ? 129  HIS A O   1 
ATOM   967  C  CB  . HIS A 1 129 ? -4.037  -13.830 -1.925  1.00 12.19 ? 129  HIS A CB  1 
ATOM   968  C  CG  . HIS A 1 129 ? -3.036  -14.918 -2.173  1.00 14.48 ? 129  HIS A CG  1 
ATOM   969  N  ND1 . HIS A 1 129 ? -3.384  -16.135 -2.714  1.00 17.10 ? 129  HIS A ND1 1 
ATOM   970  C  CD2 . HIS A 1 129 ? -1.700  -14.971 -1.956  1.00 16.07 ? 129  HIS A CD2 1 
ATOM   971  C  CE1 . HIS A 1 129 ? -2.306  -16.894 -2.819  1.00 16.75 ? 129  HIS A CE1 1 
ATOM   972  N  NE2 . HIS A 1 129 ? -1.272  -16.210 -2.367  1.00 15.51 ? 129  HIS A NE2 1 
ATOM   973  N  N   . VAL A 1 130 ? -2.391  -11.775 -0.422  1.00 10.54 ? 130  VAL A N   1 
ATOM   974  C  CA  . VAL A 1 130 ? -1.087  -11.263 -0.011  1.00 9.13  ? 130  VAL A CA  1 
ATOM   975  C  C   . VAL A 1 130 ? -0.896  -10.998 1.481   1.00 7.65  ? 130  VAL A C   1 
ATOM   976  O  O   . VAL A 1 130 ? 0.233   -11.055 1.968   1.00 8.62  ? 130  VAL A O   1 
ATOM   977  C  CB  . VAL A 1 130 ? -0.699  -9.997  -0.819  1.00 9.26  ? 130  VAL A CB  1 
ATOM   978  C  CG1 . VAL A 1 130 ? -0.689  -10.328 -2.310  1.00 10.24 ? 130  VAL A CG1 1 
ATOM   979  C  CG2 . VAL A 1 130 ? -1.662  -8.866  -0.530  1.00 11.39 ? 130  VAL A CG2 1 
ATOM   980  N  N   . ILE A 1 131 ? -1.970  -10.718 2.217   1.00 8.74  ? 131  ILE A N   1 
ATOM   981  C  CA  . ILE A 1 131 ? -1.814  -10.483 3.651   1.00 9.05  ? 131  ILE A CA  1 
ATOM   982  C  C   . ILE A 1 131 ? -2.210  -11.718 4.469   1.00 8.61  ? 131  ILE A C   1 
ATOM   983  O  O   . ILE A 1 131 ? -1.972  -11.788 5.676   1.00 9.20  ? 131  ILE A O   1 
ATOM   984  C  CB  . ILE A 1 131 ? -2.610  -9.224  4.126   1.00 9.26  ? 131  ILE A CB  1 
ATOM   985  C  CG1 . ILE A 1 131 ? -4.088  -9.313  3.724   1.00 8.35  ? 131  ILE A CG1 1 
ATOM   986  C  CG2 . ILE A 1 131 ? -1.992  -7.970  3.504   1.00 8.81  ? 131  ILE A CG2 1 
ATOM   987  C  CD1 . ILE A 1 131 ? -4.940  -8.159  4.279   1.00 7.59  ? 131  ILE A CD1 1 
ATOM   988  N  N   . ARG A 1 132 ? -2.791  -12.702 3.789   1.00 10.02 ? 132  ARG A N   1 
ATOM   989  C  CA  . ARG A 1 132 ? -3.209  -13.946 4.429   1.00 10.07 ? 132  ARG A CA  1 
ATOM   990  C  C   . ARG A 1 132 ? -2.114  -15.006 4.386   1.00 11.86 ? 132  ARG A C   1 
ATOM   991  O  O   . ARG A 1 132 ? -1.826  -15.654 5.391   1.00 12.42 ? 132  ARG A O   1 
ATOM   992  C  CB  . ARG A 1 132 ? -4.441  -14.517 3.726   1.00 11.88 ? 132  ARG A CB  1 
ATOM   993  C  CG  . ARG A 1 132 ? -4.831  -15.902 4.226   1.00 14.63 ? 132  ARG A CG  1 
ATOM   994  C  CD  . ARG A 1 132 ? -5.995  -16.474 3.435   1.00 14.89 ? 132  ARG A CD  1 
ATOM   995  N  NE  . ARG A 1 132 ? -5.635  -16.756 2.048   1.00 15.50 ? 132  ARG A NE  1 
ATOM   996  C  CZ  . ARG A 1 132 ? -6.237  -16.217 0.992   1.00 16.95 ? 132  ARG A CZ  1 
ATOM   997  N  NH1 . ARG A 1 132 ? -7.234  -15.359 1.158   1.00 15.72 ? 132  ARG A NH1 1 
ATOM   998  N  NH2 . ARG A 1 132 ? -5.845  -16.539 -0.233  1.00 16.29 ? 132  ARG A NH2 1 
ATOM   999  N  N   . GLU A 1 133 ? -1.520  -15.180 3.208   1.00 11.10 ? 133  GLU A N   1 
ATOM   1000 C  CA  . GLU A 1 133 ? -0.488  -16.188 2.994   1.00 12.51 ? 133  GLU A CA  1 
ATOM   1001 C  C   . GLU A 1 133 ? 0.901   -15.792 3.475   1.00 13.07 ? 133  GLU A C   1 
ATOM   1002 O  O   . GLU A 1 133 ? 1.786   -16.640 3.583   1.00 12.03 ? 133  GLU A O   1 
ATOM   1003 C  CB  . GLU A 1 133 ? -0.453  -16.579 1.516   1.00 12.75 ? 133  GLU A CB  1 
ATOM   1004 C  CG  . GLU A 1 133 ? -1.785  -17.142 1.028   1.00 14.43 ? 133  GLU A CG  1 
ATOM   1005 C  CD  . GLU A 1 133 ? -2.225  -18.372 1.812   1.00 16.98 ? 133  GLU A CD  1 
ATOM   1006 O  OE1 . GLU A 1 133 ? -3.441  -18.526 2.062   1.00 16.08 ? 133  GLU A OE1 1 
ATOM   1007 O  OE2 . GLU A 1 133 ? -1.356  -19.190 2.173   1.00 17.91 ? 133  GLU A OE2 1 
ATOM   1008 N  N   . THR A 1 134 ? 1.090   -14.509 3.760   1.00 12.42 ? 134  THR A N   1 
ATOM   1009 C  CA  . THR A 1 134 ? 2.371   -14.035 4.270   1.00 13.07 ? 134  THR A CA  1 
ATOM   1010 C  C   . THR A 1 134 ? 2.459   -14.476 5.727   1.00 12.64 ? 134  THR A C   1 
ATOM   1011 O  O   . THR A 1 134 ? 1.431   -14.704 6.371   1.00 11.84 ? 134  THR A O   1 
ATOM   1012 C  CB  . THR A 1 134 ? 2.470   -12.504 4.187   1.00 12.82 ? 134  THR A CB  1 
ATOM   1013 O  OG1 . THR A 1 134 ? 1.160   -11.935 4.301   1.00 11.69 ? 134  THR A OG1 1 
ATOM   1014 C  CG2 . THR A 1 134 ? 3.101   -12.085 2.861   1.00 9.43  ? 134  THR A CG2 1 
ATOM   1015 N  N   . THR A 1 135 ? 3.678   -14.603 6.244   1.00 12.89 ? 135  THR A N   1 
ATOM   1016 C  CA  . THR A 1 135 ? 3.871   -15.036 7.625   1.00 12.66 ? 135  THR A CA  1 
ATOM   1017 C  C   . THR A 1 135 ? 4.417   -13.944 8.534   1.00 12.10 ? 135  THR A C   1 
ATOM   1018 O  O   . THR A 1 135 ? 4.540   -14.148 9.741   1.00 12.78 ? 135  THR A O   1 
ATOM   1019 C  CB  . THR A 1 135 ? 4.825   -16.239 7.709   1.00 14.17 ? 135  THR A CB  1 
ATOM   1020 O  OG1 . THR A 1 135 ? 6.124   -15.845 7.251   1.00 13.44 ? 135  THR A OG1 1 
ATOM   1021 C  CG2 . THR A 1 135 ? 4.313   -17.388 6.848   1.00 15.60 ? 135  THR A CG2 1 
ATOM   1022 N  N   . MET A 1 136 ? 4.771   -12.798 7.957   1.00 10.38 ? 136  MET A N   1 
ATOM   1023 C  CA  . MET A 1 136 ? 5.270   -11.683 8.750   1.00 10.09 ? 136  MET A CA  1 
ATOM   1024 C  C   . MET A 1 136 ? 4.151   -10.645 8.806   1.00 9.21  ? 136  MET A C   1 
ATOM   1025 O  O   . MET A 1 136 ? 3.158   -10.765 8.084   1.00 9.80  ? 136  MET A O   1 
ATOM   1026 C  CB  . MET A 1 136 ? 6.528   -11.068 8.107   1.00 10.00 ? 136  MET A CB  1 
ATOM   1027 C  CG  . MET A 1 136 ? 6.296   -10.283 6.807   1.00 9.29  ? 136  MET A CG  1 
ATOM   1028 S  SD  . MET A 1 136 ? 5.858   -11.286 5.363   1.00 10.88 ? 136  MET A SD  1 
ATOM   1029 C  CE  . MET A 1 136 ? 7.238   -12.494 5.336   1.00 11.21 ? 136  MET A CE  1 
ATOM   1030 N  N   . PRO A 1 137 ? 4.282   -9.622  9.669   1.00 9.71  ? 137  PRO A N   1 
ATOM   1031 C  CA  . PRO A 1 137 ? 3.217   -8.615  9.732   1.00 9.25  ? 137  PRO A CA  1 
ATOM   1032 C  C   . PRO A 1 137 ? 2.956   -8.085  8.331   1.00 9.50  ? 137  PRO A C   1 
ATOM   1033 O  O   . PRO A 1 137 ? 3.875   -7.630  7.654   1.00 8.73  ? 137  PRO A O   1 
ATOM   1034 C  CB  . PRO A 1 137 ? 3.800   -7.564  10.670  1.00 9.77  ? 137  PRO A CB  1 
ATOM   1035 C  CG  . PRO A 1 137 ? 4.579   -8.405  11.637  1.00 10.95 ? 137  PRO A CG  1 
ATOM   1036 C  CD  . PRO A 1 137 ? 5.297   -9.383  10.711  1.00 10.72 ? 137  PRO A CD  1 
ATOM   1037 N  N   . ALA A 1 138 ? 1.704   -8.153  7.893   1.00 10.67 ? 138  ALA A N   1 
ATOM   1038 C  CA  . ALA A 1 138 ? 1.368   -7.716  6.548   1.00 9.31  ? 138  ALA A CA  1 
ATOM   1039 C  C   . ALA A 1 138 ? 0.048   -6.982  6.480   1.00 7.87  ? 138  ALA A C   1 
ATOM   1040 O  O   . ALA A 1 138 ? -0.963  -7.444  7.005   1.00 11.06 ? 138  ALA A O   1 
ATOM   1041 C  CB  . ALA A 1 138 ? 1.335   -8.923  5.602   1.00 8.36  ? 138  ALA A CB  1 
ATOM   1042 N  N   . VAL A 1 139 ? 0.057   -5.836  5.818   1.00 8.39  ? 139  VAL A N   1 
ATOM   1043 C  CA  . VAL A 1 139 ? -1.163  -5.062  5.677   1.00 8.22  ? 139  VAL A CA  1 
ATOM   1044 C  C   . VAL A 1 139 ? -1.360  -4.640  4.234   1.00 8.72  ? 139  VAL A C   1 
ATOM   1045 O  O   . VAL A 1 139 ? -0.409  -4.582  3.451   1.00 9.04  ? 139  VAL A O   1 
ATOM   1046 C  CB  . VAL A 1 139 ? -1.142  -3.805  6.570   1.00 9.00  ? 139  VAL A CB  1 
ATOM   1047 C  CG1 . VAL A 1 139 ? -1.022  -4.215  8.042   1.00 7.92  ? 139  VAL A CG1 1 
ATOM   1048 C  CG2 . VAL A 1 139 ? 0.012   -2.895  6.170   1.00 10.39 ? 139  VAL A CG2 1 
ATOM   1049 N  N   . LEU A 1 140 ? -2.609  -4.375  3.882   1.00 8.08  ? 140  LEU A N   1 
ATOM   1050 C  CA  . LEU A 1 140 ? -2.939  -3.930  2.539   1.00 9.33  ? 140  LEU A CA  1 
ATOM   1051 C  C   . LEU A 1 140 ? -3.625  -2.587  2.714   1.00 8.77  ? 140  LEU A C   1 
ATOM   1052 O  O   . LEU A 1 140 ? -4.581  -2.456  3.480   1.00 8.70  ? 140  LEU A O   1 
ATOM   1053 C  CB  . LEU A 1 140 ? -3.866  -4.929  1.845   1.00 7.70  ? 140  LEU A CB  1 
ATOM   1054 C  CG  . LEU A 1 140 ? -4.171  -4.611  0.379   1.00 9.21  ? 140  LEU A CG  1 
ATOM   1055 C  CD1 . LEU A 1 140 ? -4.365  -5.906  -0.406  1.00 10.08 ? 140  LEU A CD1 1 
ATOM   1056 C  CD2 . LEU A 1 140 ? -5.409  -3.722  0.297   1.00 8.65  ? 140  LEU A CD2 1 
ATOM   1057 N  N   . LEU A 1 141 ? -3.115  -1.583  2.019   1.00 8.70  ? 141  LEU A N   1 
ATOM   1058 C  CA  . LEU A 1 141 ? -3.664  -0.247  2.128   1.00 9.42  ? 141  LEU A CA  1 
ATOM   1059 C  C   . LEU A 1 141 ? -4.485  0.129   0.908   1.00 8.97  ? 141  LEU A C   1 
ATOM   1060 O  O   . LEU A 1 141 ? -4.029  -0.018  -0.219  1.00 10.43 ? 141  LEU A O   1 
ATOM   1061 C  CB  . LEU A 1 141 ? -2.525  0.764   2.301   1.00 9.68  ? 141  LEU A CB  1 
ATOM   1062 C  CG  . LEU A 1 141 ? -1.445  0.419   3.333   1.00 9.50  ? 141  LEU A CG  1 
ATOM   1063 C  CD1 . LEU A 1 141 ? -0.383  1.516   3.324   1.00 9.15  ? 141  LEU A CD1 1 
ATOM   1064 C  CD2 . LEU A 1 141 ? -2.063  0.280   4.719   1.00 10.11 ? 141  LEU A CD2 1 
ATOM   1065 N  N   . GLU A 1 142 ? -5.711  0.579   1.143   1.00 9.17  ? 142  GLU A N   1 
ATOM   1066 C  CA  . GLU A 1 142 ? -6.575  1.047   0.065   1.00 11.02 ? 142  GLU A CA  1 
ATOM   1067 C  C   . GLU A 1 142 ? -6.547  2.544   0.348   1.00 10.65 ? 142  GLU A C   1 
ATOM   1068 O  O   . GLU A 1 142 ? -7.292  3.046   1.187   1.00 11.35 ? 142  GLU A O   1 
ATOM   1069 C  CB  . GLU A 1 142 ? -7.983  0.470   0.214   1.00 11.23 ? 142  GLU A CB  1 
ATOM   1070 C  CG  . GLU A 1 142 ? -8.088  -0.999  -0.193  1.00 13.13 ? 142  GLU A CG  1 
ATOM   1071 C  CD  . GLU A 1 142 ? -7.928  -1.208  -1.690  1.00 17.20 ? 142  GLU A CD  1 
ATOM   1072 O  OE1 . GLU A 1 142 ? -7.875  -2.379  -2.133  1.00 18.93 ? 142  GLU A OE1 1 
ATOM   1073 O  OE2 . GLU A 1 142 ? -7.863  -0.204  -2.430  1.00 18.10 ? 142  GLU A OE2 1 
ATOM   1074 N  N   . VAL A 1 143 ? -5.655  3.244   -0.345  1.00 10.50 ? 143  VAL A N   1 
ATOM   1075 C  CA  . VAL A 1 143 ? -5.450  4.670   -0.125  1.00 10.67 ? 143  VAL A CA  1 
ATOM   1076 C  C   . VAL A 1 143 ? -6.667  5.567   -0.278  1.00 11.57 ? 143  VAL A C   1 
ATOM   1077 O  O   . VAL A 1 143 ? -6.895  6.444   0.548   1.00 11.55 ? 143  VAL A O   1 
ATOM   1078 C  CB  . VAL A 1 143 ? -4.321  5.202   -1.029  1.00 10.95 ? 143  VAL A CB  1 
ATOM   1079 C  CG1 . VAL A 1 143 ? -4.004  6.648   -0.669  1.00 11.38 ? 143  VAL A CG1 1 
ATOM   1080 C  CG2 . VAL A 1 143 ? -3.076  4.332   -0.863  1.00 11.71 ? 143  VAL A CG2 1 
ATOM   1081 N  N   . GLY A 1 144 ? -7.434  5.348   -1.337  1.00 11.01 ? 144  GLY A N   1 
ATOM   1082 C  CA  . GLY A 1 144 ? -8.618  6.150   -1.580  1.00 11.00 ? 144  GLY A CA  1 
ATOM   1083 C  C   . GLY A 1 144 ? -9.422  5.523   -2.699  1.00 10.95 ? 144  GLY A C   1 
ATOM   1084 O  O   . GLY A 1 144 ? -9.003  4.512   -3.266  1.00 11.75 ? 144  GLY A O   1 
ATOM   1085 N  N   . TYR A 1 145 ? -10.565 6.117   -3.029  1.00 10.28 ? 145  TYR A N   1 
ATOM   1086 C  CA  . TYR A 1 145 ? -11.432 5.585   -4.082  1.00 11.15 ? 145  TYR A CA  1 
ATOM   1087 C  C   . TYR A 1 145 ? -11.256 6.259   -5.430  1.00 12.20 ? 145  TYR A C   1 
ATOM   1088 O  O   . TYR A 1 145 ? -11.408 7.472   -5.553  1.00 12.36 ? 145  TYR A O   1 
ATOM   1089 C  CB  . TYR A 1 145 ? -12.901 5.691   -3.652  1.00 11.74 ? 145  TYR A CB  1 
ATOM   1090 C  CG  . TYR A 1 145 ? -13.294 4.650   -2.638  1.00 11.79 ? 145  TYR A CG  1 
ATOM   1091 C  CD1 . TYR A 1 145 ? -14.058 3.545   -3.009  1.00 11.39 ? 145  TYR A CD1 1 
ATOM   1092 C  CD2 . TYR A 1 145 ? -12.859 4.743   -1.315  1.00 12.57 ? 145  TYR A CD2 1 
ATOM   1093 C  CE1 . TYR A 1 145 ? -14.382 2.551   -2.084  1.00 11.71 ? 145  TYR A CE1 1 
ATOM   1094 C  CE2 . TYR A 1 145 ? -13.170 3.758   -0.386  1.00 12.65 ? 145  TYR A CE2 1 
ATOM   1095 C  CZ  . TYR A 1 145 ? -13.931 2.667   -0.775  1.00 12.89 ? 145  TYR A CZ  1 
ATOM   1096 O  OH  . TYR A 1 145 ? -14.235 1.697   0.150   1.00 13.89 ? 145  TYR A OH  1 
ATOM   1097 N  N   . LEU A 1 146 ? -10.943 5.456   -6.442  1.00 12.46 ? 146  LEU A N   1 
ATOM   1098 C  CA  . LEU A 1 146 ? -10.756 5.956   -7.795  1.00 14.29 ? 146  LEU A CA  1 
ATOM   1099 C  C   . LEU A 1 146 ? -12.105 6.124   -8.482  1.00 13.47 ? 146  LEU A C   1 
ATOM   1100 O  O   . LEU A 1 146 ? -12.185 6.662   -9.583  1.00 14.01 ? 146  LEU A O   1 
ATOM   1101 C  CB  . LEU A 1 146 ? -9.898  4.981   -8.604  1.00 14.03 ? 146  LEU A CB  1 
ATOM   1102 C  CG  . LEU A 1 146 ? -8.480  4.781   -8.067  1.00 16.17 ? 146  LEU A CG  1 
ATOM   1103 C  CD1 . LEU A 1 146 ? -7.723  3.803   -8.958  1.00 16.39 ? 146  LEU A CD1 1 
ATOM   1104 C  CD2 . LEU A 1 146 ? -7.764  6.125   -8.026  1.00 17.49 ? 146  LEU A CD2 1 
ATOM   1105 N  N   . SER A 1 147 ? -13.155 5.645   -7.822  1.00 14.41 ? 147  SER A N   1 
ATOM   1106 C  CA  . SER A 1 147 ? -14.514 5.724   -8.349  1.00 15.56 ? 147  SER A CA  1 
ATOM   1107 C  C   . SER A 1 147 ? -15.188 7.053   -8.013  1.00 15.09 ? 147  SER A C   1 
ATOM   1108 O  O   . SER A 1 147 ? -16.297 7.334   -8.471  1.00 16.22 ? 147  SER A O   1 
ATOM   1109 C  CB  . SER A 1 147 ? -15.347 4.556   -7.807  1.00 14.39 ? 147  SER A CB  1 
ATOM   1110 O  OG  . SER A 1 147 ? -15.060 4.320   -6.442  1.00 15.87 ? 147  SER A OG  1 
ATOM   1111 N  N   . ASN A 1 148 ? -14.516 7.861   -7.199  1.00 16.16 ? 148  ASN A N   1 
ATOM   1112 C  CA  . ASN A 1 148 ? -15.018 9.175   -6.815  1.00 17.15 ? 148  ASN A CA  1 
ATOM   1113 C  C   . ASN A 1 148 ? -14.194 10.191  -7.601  1.00 17.31 ? 148  ASN A C   1 
ATOM   1114 O  O   . ASN A 1 148 ? -12.969 10.174  -7.552  1.00 16.93 ? 148  ASN A O   1 
ATOM   1115 C  CB  . ASN A 1 148 ? -14.851 9.390   -5.305  1.00 17.26 ? 148  ASN A CB  1 
ATOM   1116 C  CG  . ASN A 1 148 ? -15.207 10.798  -4.867  1.00 19.01 ? 148  ASN A CG  1 
ATOM   1117 O  OD1 . ASN A 1 148 ? -14.405 11.723  -4.995  1.00 17.75 ? 148  ASN A OD1 1 
ATOM   1118 N  ND2 . ASN A 1 148 ? -16.420 10.970  -4.350  1.00 20.21 ? 148  ASN A ND2 1 
ATOM   1119 N  N   . ALA A 1 149 ? -14.872 11.063  -8.339  1.00 17.82 ? 149  ALA A N   1 
ATOM   1120 C  CA  . ALA A 1 149 ? -14.197 12.059  -9.165  1.00 17.89 ? 149  ALA A CA  1 
ATOM   1121 C  C   . ALA A 1 149 ? -13.145 12.892  -8.441  1.00 15.79 ? 149  ALA A C   1 
ATOM   1122 O  O   . ALA A 1 149 ? -11.999 12.980  -8.889  1.00 16.86 ? 149  ALA A O   1 
ATOM   1123 C  CB  . ALA A 1 149 ? -15.225 12.979  -9.814  1.00 17.34 ? 149  ALA A CB  1 
ATOM   1124 N  N   . LYS A 1 150 ? -13.529 13.512  -7.331  1.00 16.48 ? 150  LYS A N   1 
ATOM   1125 C  CA  . LYS A 1 150 ? -12.593 14.343  -6.579  1.00 18.22 ? 150  LYS A CA  1 
ATOM   1126 C  C   . LYS A 1 150 ? -11.449 13.531  -5.982  1.00 17.72 ? 150  LYS A C   1 
ATOM   1127 O  O   . LYS A 1 150 ? -10.286 13.927  -6.065  1.00 17.57 ? 150  LYS A O   1 
ATOM   1128 C  CB  . LYS A 1 150 ? -13.328 15.099  -5.462  1.00 19.25 ? 150  LYS A CB  1 
ATOM   1129 C  CG  . LYS A 1 150 ? -13.946 16.438  -5.889  1.00 24.44 ? 150  LYS A CG  1 
ATOM   1130 C  CD  . LYS A 1 150 ? -14.765 17.052  -4.753  1.00 26.69 ? 150  LYS A CD  1 
ATOM   1131 C  CE  . LYS A 1 150 ? -15.016 18.545  -4.948  1.00 29.33 ? 150  LYS A CE  1 
ATOM   1132 N  NZ  . LYS A 1 150 ? -13.766 19.360  -4.954  1.00 31.96 ? 150  LYS A NZ  1 
ATOM   1133 N  N   . GLU A 1 151 ? -11.782 12.390  -5.388  1.00 15.74 ? 151  GLU A N   1 
ATOM   1134 C  CA  . GLU A 1 151 ? -10.769 11.551  -4.770  1.00 14.69 ? 151  GLU A CA  1 
ATOM   1135 C  C   . GLU A 1 151 ? -9.785  10.974  -5.785  1.00 14.45 ? 151  GLU A C   1 
ATOM   1136 O  O   . GLU A 1 151 ? -8.589  10.876  -5.507  1.00 13.70 ? 151  GLU A O   1 
ATOM   1137 C  CB  . GLU A 1 151 ? -11.428 10.433  -3.963  1.00 13.35 ? 151  GLU A CB  1 
ATOM   1138 C  CG  . GLU A 1 151 ? -10.510 9.857   -2.906  1.00 13.53 ? 151  GLU A CG  1 
ATOM   1139 C  CD  . GLU A 1 151 ? -11.263 9.404   -1.673  1.00 15.03 ? 151  GLU A CD  1 
ATOM   1140 O  OE1 . GLU A 1 151 ? -11.373 8.180   -1.456  1.00 15.14 ? 151  GLU A OE1 1 
ATOM   1141 O  OE2 . GLU A 1 151 ? -11.744 10.278  -0.915  1.00 15.18 ? 151  GLU A OE2 1 
ATOM   1142 N  N   . GLU A 1 152 ? -10.277 10.591  -6.959  1.00 12.88 ? 152  GLU A N   1 
ATOM   1143 C  CA  . GLU A 1 152 ? -9.389  10.061  -7.991  1.00 15.24 ? 152  GLU A CA  1 
ATOM   1144 C  C   . GLU A 1 152 ? -8.352  11.124  -8.353  1.00 16.39 ? 152  GLU A C   1 
ATOM   1145 O  O   . GLU A 1 152 ? -7.160  10.836  -8.451  1.00 15.50 ? 152  GLU A O   1 
ATOM   1146 C  CB  . GLU A 1 152 ? -10.166 9.685   -9.257  1.00 14.78 ? 152  GLU A CB  1 
ATOM   1147 C  CG  . GLU A 1 152 ? -9.264  9.171   -10.372 1.00 17.48 ? 152  GLU A CG  1 
ATOM   1148 C  CD  . GLU A 1 152 ? -9.952  9.095   -11.717 1.00 19.09 ? 152  GLU A CD  1 
ATOM   1149 O  OE1 . GLU A 1 152 ? -9.325  8.579   -12.665 1.00 20.41 ? 152  GLU A OE1 1 
ATOM   1150 O  OE2 . GLU A 1 152 ? -11.107 9.555   -11.835 1.00 18.40 ? 152  GLU A OE2 1 
ATOM   1151 N  N   . ALA A 1 153 ? -8.814  12.353  -8.564  1.00 16.55 ? 153  ALA A N   1 
ATOM   1152 C  CA  . ALA A 1 153 ? -7.913  13.451  -8.908  1.00 17.28 ? 153  ALA A CA  1 
ATOM   1153 C  C   . ALA A 1 153 ? -6.871  13.623  -7.808  1.00 16.01 ? 153  ALA A C   1 
ATOM   1154 O  O   . ALA A 1 153 ? -5.682  13.802  -8.079  1.00 16.88 ? 153  ALA A O   1 
ATOM   1155 C  CB  . ALA A 1 153 ? -8.706  14.745  -9.084  1.00 16.48 ? 153  ALA A CB  1 
ATOM   1156 N  N   . THR A 1 154 ? -7.327  13.561  -6.564  1.00 16.01 ? 154  THR A N   1 
ATOM   1157 C  CA  . THR A 1 154 ? -6.446  13.706  -5.417  1.00 16.16 ? 154  THR A CA  1 
ATOM   1158 C  C   . THR A 1 154 ? -5.391  12.604  -5.365  1.00 15.63 ? 154  THR A C   1 
ATOM   1159 O  O   . THR A 1 154 ? -4.216  12.878  -5.132  1.00 15.20 ? 154  THR A O   1 
ATOM   1160 C  CB  . THR A 1 154 ? -7.252  13.691  -4.105  1.00 17.99 ? 154  THR A CB  1 
ATOM   1161 O  OG1 . THR A 1 154 ? -8.107  14.840  -4.061  1.00 20.21 ? 154  THR A OG1 1 
ATOM   1162 C  CG2 . THR A 1 154 ? -6.325  13.707  -2.903  1.00 19.26 ? 154  THR A CG2 1 
ATOM   1163 N  N   . LEU A 1 155 ? -5.803  11.357  -5.582  1.00 15.09 ? 155  LEU A N   1 
ATOM   1164 C  CA  . LEU A 1 155 ? -4.851  10.253  -5.540  1.00 14.58 ? 155  LEU A CA  1 
ATOM   1165 C  C   . LEU A 1 155 ? -3.767  10.387  -6.603  1.00 15.81 ? 155  LEU A C   1 
ATOM   1166 O  O   . LEU A 1 155 ? -2.652  9.899   -6.419  1.00 15.25 ? 155  LEU A O   1 
ATOM   1167 C  CB  . LEU A 1 155 ? -5.568  8.903   -5.681  1.00 14.52 ? 155  LEU A CB  1 
ATOM   1168 C  CG  . LEU A 1 155 ? -5.736  8.142   -4.356  1.00 15.81 ? 155  LEU A CG  1 
ATOM   1169 C  CD1 . LEU A 1 155 ? -6.636  8.937   -3.418  1.00 18.96 ? 155  LEU A CD1 1 
ATOM   1170 C  CD2 . LEU A 1 155 ? -6.321  6.762   -4.618  1.00 17.29 ? 155  LEU A CD2 1 
ATOM   1171 N  N   . PHE A 1 156 ? -4.086  11.046  -7.714  1.00 16.29 ? 156  PHE A N   1 
ATOM   1172 C  CA  . PHE A 1 156 ? -3.090  11.226  -8.758  1.00 17.07 ? 156  PHE A CA  1 
ATOM   1173 C  C   . PHE A 1 156 ? -2.410  12.583  -8.691  1.00 17.65 ? 156  PHE A C   1 
ATOM   1174 O  O   . PHE A 1 156 ? -1.760  13.010  -9.644  1.00 18.95 ? 156  PHE A O   1 
ATOM   1175 C  CB  . PHE A 1 156 ? -3.695  10.986  -10.141 1.00 17.24 ? 156  PHE A CB  1 
ATOM   1176 C  CG  . PHE A 1 156 ? -3.831  9.531   -10.480 1.00 17.44 ? 156  PHE A CG  1 
ATOM   1177 C  CD1 . PHE A 1 156 ? -4.903  8.788   -10.003 1.00 17.30 ? 156  PHE A CD1 1 
ATOM   1178 C  CD2 . PHE A 1 156 ? -2.846  8.885   -11.216 1.00 19.40 ? 156  PHE A CD2 1 
ATOM   1179 C  CE1 . PHE A 1 156 ? -4.991  7.418   -10.251 1.00 16.53 ? 156  PHE A CE1 1 
ATOM   1180 C  CE2 . PHE A 1 156 ? -2.923  7.516   -11.471 1.00 19.19 ? 156  PHE A CE2 1 
ATOM   1181 C  CZ  . PHE A 1 156 ? -3.996  6.783   -10.986 1.00 18.80 ? 156  PHE A CZ  1 
ATOM   1182 N  N   . ASP A 1 157 ? -2.559  13.250  -7.553  1.00 19.19 ? 157  ASP A N   1 
ATOM   1183 C  CA  . ASP A 1 157 ? -1.922  14.541  -7.332  1.00 20.57 ? 157  ASP A CA  1 
ATOM   1184 C  C   . ASP A 1 157 ? -0.549  14.252  -6.729  1.00 20.31 ? 157  ASP A C   1 
ATOM   1185 O  O   . ASP A 1 157 ? -0.437  13.526  -5.740  1.00 17.62 ? 157  ASP A O   1 
ATOM   1186 C  CB  . ASP A 1 157 ? -2.756  15.395  -6.372  1.00 22.11 ? 157  ASP A CB  1 
ATOM   1187 C  CG  . ASP A 1 157 ? -2.080  16.713  -6.023  1.00 25.52 ? 157  ASP A CG  1 
ATOM   1188 O  OD1 . ASP A 1 157 ? -1.194  16.723  -5.140  1.00 24.43 ? 157  ASP A OD1 1 
ATOM   1189 O  OD2 . ASP A 1 157 ? -2.430  17.739  -6.640  1.00 26.99 ? 157  ASP A OD2 1 
ATOM   1190 N  N   . GLU A 1 158 ? 0.492   14.816  -7.331  1.00 20.42 ? 158  GLU A N   1 
ATOM   1191 C  CA  . GLU A 1 158 ? 1.855   14.597  -6.861  1.00 23.52 ? 158  GLU A CA  1 
ATOM   1192 C  C   . GLU A 1 158 ? 2.109   14.913  -5.399  1.00 21.94 ? 158  GLU A C   1 
ATOM   1193 O  O   . GLU A 1 158 ? 2.750   14.129  -4.701  1.00 20.81 ? 158  GLU A O   1 
ATOM   1194 C  CB  . GLU A 1 158 ? 2.844   15.375  -7.732  1.00 27.87 ? 158  GLU A CB  1 
ATOM   1195 C  CG  . GLU A 1 158 ? 3.390   14.542  -8.868  1.00 34.92 ? 158  GLU A CG  1 
ATOM   1196 C  CD  . GLU A 1 158 ? 4.052   13.273  -8.363  1.00 37.89 ? 158  GLU A CD  1 
ATOM   1197 O  OE1 . GLU A 1 158 ? 5.300   13.234  -8.279  1.00 38.94 ? 158  GLU A OE1 1 
ATOM   1198 O  OE2 . GLU A 1 158 ? 3.315   12.319  -8.037  1.00 42.48 ? 158  GLU A OE2 1 
ATOM   1199 N  N   . ASP A 1 159 ? 1.615   16.053  -4.930  1.00 21.12 ? 159  ASP A N   1 
ATOM   1200 C  CA  . ASP A 1 159 ? 1.831   16.432  -3.541  1.00 21.89 ? 159  ASP A CA  1 
ATOM   1201 C  C   . ASP A 1 159 ? 1.154   15.447  -2.598  1.00 19.56 ? 159  ASP A C   1 
ATOM   1202 O  O   . ASP A 1 159 ? 1.713   15.080  -1.566  1.00 19.24 ? 159  ASP A O   1 
ATOM   1203 C  CB  . ASP A 1 159 ? 1.323   17.853  -3.286  1.00 24.46 ? 159  ASP A CB  1 
ATOM   1204 C  CG  . ASP A 1 159 ? 2.033   18.881  -4.145  1.00 28.87 ? 159  ASP A CG  1 
ATOM   1205 O  OD1 . ASP A 1 159 ? 3.266   18.758  -4.319  1.00 28.99 ? 159  ASP A OD1 1 
ATOM   1206 O  OD2 . ASP A 1 159 ? 1.367   19.815  -4.640  1.00 32.77 ? 159  ASP A OD2 1 
ATOM   1207 N  N   . PHE A 1 160 ? -0.050  15.020  -2.961  1.00 19.27 ? 160  PHE A N   1 
ATOM   1208 C  CA  . PHE A 1 160 ? -0.800  14.055  -2.163  1.00 16.75 ? 160  PHE A CA  1 
ATOM   1209 C  C   . PHE A 1 160 ? 0.029   12.785  -2.020  1.00 14.92 ? 160  PHE A C   1 
ATOM   1210 O  O   . PHE A 1 160 ? 0.239   12.289  -0.913  1.00 15.25 ? 160  PHE A O   1 
ATOM   1211 C  CB  . PHE A 1 160 ? -2.127  13.716  -2.852  1.00 16.66 ? 160  PHE A CB  1 
ATOM   1212 C  CG  . PHE A 1 160 ? -2.856  12.550  -2.235  1.00 14.73 ? 160  PHE A CG  1 
ATOM   1213 C  CD1 . PHE A 1 160 ? -3.662  12.725  -1.114  1.00 14.27 ? 160  PHE A CD1 1 
ATOM   1214 C  CD2 . PHE A 1 160 ? -2.722  11.270  -2.769  1.00 14.22 ? 160  PHE A CD2 1 
ATOM   1215 C  CE1 . PHE A 1 160 ? -4.323  11.642  -0.534  1.00 11.80 ? 160  PHE A CE1 1 
ATOM   1216 C  CE2 . PHE A 1 160 ? -3.379  10.180  -2.193  1.00 12.38 ? 160  PHE A CE2 1 
ATOM   1217 C  CZ  . PHE A 1 160 ? -4.180  10.371  -1.074  1.00 14.35 ? 160  PHE A CZ  1 
ATOM   1218 N  N   . GLN A 1 161 ? 0.502   12.267  -3.149  1.00 13.80 ? 161  GLN A N   1 
ATOM   1219 C  CA  . GLN A 1 161 ? 1.301   11.045  -3.151  1.00 15.40 ? 161  GLN A CA  1 
ATOM   1220 C  C   . GLN A 1 161 ? 2.541   11.161  -2.277  1.00 15.11 ? 161  GLN A C   1 
ATOM   1221 O  O   . GLN A 1 161 ? 2.847   10.258  -1.502  1.00 13.34 ? 161  GLN A O   1 
ATOM   1222 C  CB  . GLN A 1 161 ? 1.711   10.678  -4.580  1.00 14.33 ? 161  GLN A CB  1 
ATOM   1223 C  CG  . GLN A 1 161 ? 0.532   10.500  -5.522  1.00 13.84 ? 161  GLN A CG  1 
ATOM   1224 C  CD  . GLN A 1 161 ? 0.921   9.894   -6.857  1.00 13.85 ? 161  GLN A CD  1 
ATOM   1225 O  OE1 . GLN A 1 161 ? 2.099   9.839   -7.209  1.00 13.54 ? 161  GLN A OE1 1 
ATOM   1226 N  NE2 . GLN A 1 161 ? -0.076  9.449   -7.615  1.00 13.23 ? 161  GLN A NE2 1 
ATOM   1227 N  N   . ASN A 1 162 ? 3.254   12.273  -2.395  1.00 15.73 ? 162  ASN A N   1 
ATOM   1228 C  CA  . ASN A 1 162 ? 4.460   12.462  -1.601  1.00 14.80 ? 162  ASN A CA  1 
ATOM   1229 C  C   . ASN A 1 162 ? 4.167   12.478  -0.110  1.00 14.68 ? 162  ASN A C   1 
ATOM   1230 O  O   . ASN A 1 162 ? 4.905   11.899  0.683   1.00 13.80 ? 162  ASN A O   1 
ATOM   1231 C  CB  . ASN A 1 162 ? 5.166   13.757  -2.008  1.00 16.05 ? 162  ASN A CB  1 
ATOM   1232 C  CG  . ASN A 1 162 ? 5.789   13.662  -3.384  1.00 17.82 ? 162  ASN A CG  1 
ATOM   1233 O  OD1 . ASN A 1 162 ? 6.394   12.646  -3.730  1.00 18.23 ? 162  ASN A OD1 1 
ATOM   1234 N  ND2 . ASN A 1 162 ? 5.658   14.724  -4.175  1.00 18.32 ? 162  ASN A ND2 1 
ATOM   1235 N  N   . ARG A 1 163 ? 3.082   13.144  0.263   1.00 16.09 ? 163  ARG A N   1 
ATOM   1236 C  CA  . ARG A 1 163 ? 2.678   13.246  1.657   1.00 16.96 ? 163  ARG A CA  1 
ATOM   1237 C  C   . ARG A 1 163 ? 2.287   11.872  2.203   1.00 15.13 ? 163  ARG A C   1 
ATOM   1238 O  O   . ARG A 1 163 ? 2.687   11.482  3.303   1.00 13.85 ? 163  ARG A O   1 
ATOM   1239 C  CB  . ARG A 1 163 ? 1.495   14.204  1.767   1.00 19.46 ? 163  ARG A CB  1 
ATOM   1240 C  CG  . ARG A 1 163 ? 1.038   14.460  3.178   1.00 26.46 ? 163  ARG A CG  1 
ATOM   1241 C  CD  . ARG A 1 163 ? -0.401  14.911  3.176   1.00 31.04 ? 163  ARG A CD  1 
ATOM   1242 N  NE  . ARG A 1 163 ? -0.700  15.811  2.066   1.00 35.12 ? 163  ARG A NE  1 
ATOM   1243 C  CZ  . ARG A 1 163 ? -1.891  15.888  1.487   1.00 36.30 ? 163  ARG A CZ  1 
ATOM   1244 N  NH1 . ARG A 1 163 ? -2.881  15.113  1.910   1.00 33.90 ? 163  ARG A NH1 1 
ATOM   1245 N  NH2 . ARG A 1 163 ? -2.101  16.757  0.507   1.00 37.60 ? 163  ARG A NH2 1 
ATOM   1246 N  N   . VAL A 1 164 ? 1.505   11.143  1.417   1.00 13.70 ? 164  VAL A N   1 
ATOM   1247 C  CA  . VAL A 1 164 ? 1.043   9.817   1.806   1.00 12.35 ? 164  VAL A CA  1 
ATOM   1248 C  C   . VAL A 1 164 ? 2.196   8.824   1.834   1.00 11.11 ? 164  VAL A C   1 
ATOM   1249 O  O   . VAL A 1 164 ? 2.265   7.976   2.721   1.00 10.61 ? 164  VAL A O   1 
ATOM   1250 C  CB  . VAL A 1 164 ? -0.055  9.323   0.842   1.00 12.80 ? 164  VAL A CB  1 
ATOM   1251 C  CG1 . VAL A 1 164 ? -0.436  7.884   1.164   1.00 12.11 ? 164  VAL A CG1 1 
ATOM   1252 C  CG2 . VAL A 1 164 ? -1.278  10.226  0.965   1.00 12.80 ? 164  VAL A CG2 1 
ATOM   1253 N  N   . ALA A 1 165 ? 3.104   8.938   0.868   1.00 11.02 ? 165  ALA A N   1 
ATOM   1254 C  CA  . ALA A 1 165 ? 4.258   8.050   0.811   1.00 10.66 ? 165  ALA A CA  1 
ATOM   1255 C  C   . ALA A 1 165 ? 5.078   8.221   2.082   1.00 11.22 ? 165  ALA A C   1 
ATOM   1256 O  O   . ALA A 1 165 ? 5.616   7.254   2.624   1.00 9.50  ? 165  ALA A O   1 
ATOM   1257 C  CB  . ALA A 1 165 ? 5.114   8.366   -0.417  1.00 10.41 ? 165  ALA A CB  1 
ATOM   1258 N  N   . GLN A 1 166 ? 5.180   9.457   2.558   1.00 10.90 ? 166  GLN A N   1 
ATOM   1259 C  CA  . GLN A 1 166 ? 5.939   9.706   3.776   1.00 11.63 ? 166  GLN A CA  1 
ATOM   1260 C  C   . GLN A 1 166 ? 5.211   9.088   4.959   1.00 11.91 ? 166  GLN A C   1 
ATOM   1261 O  O   . GLN A 1 166 ? 5.837   8.551   5.869   1.00 12.92 ? 166  GLN A O   1 
ATOM   1262 C  CB  . GLN A 1 166 ? 6.119   11.207  4.017   1.00 12.03 ? 166  GLN A CB  1 
ATOM   1263 C  CG  . GLN A 1 166 ? 6.952   11.517  5.256   1.00 11.60 ? 166  GLN A CG  1 
ATOM   1264 C  CD  . GLN A 1 166 ? 8.387   11.027  5.136   1.00 13.18 ? 166  GLN A CD  1 
ATOM   1265 O  OE1 . GLN A 1 166 ? 9.126   11.441  4.239   1.00 16.00 ? 166  GLN A OE1 1 
ATOM   1266 N  NE2 . GLN A 1 166 ? 8.790   10.142  6.041   1.00 11.57 ? 166  GLN A NE2 1 
ATOM   1267 N  N   . GLY A 1 167 ? 3.884   9.171   4.939   1.00 11.47 ? 167  GLY A N   1 
ATOM   1268 C  CA  . GLY A 1 167 ? 3.095   8.601   6.015   1.00 10.87 ? 167  GLY A CA  1 
ATOM   1269 C  C   . GLY A 1 167 ? 3.271   7.094   6.067   1.00 11.52 ? 167  GLY A C   1 
ATOM   1270 O  O   . GLY A 1 167 ? 3.423   6.511   7.141   1.00 11.39 ? 167  GLY A O   1 
ATOM   1271 N  N   . ILE A 1 168 ? 3.251   6.458   4.901   1.00 11.25 ? 168  ILE A N   1 
ATOM   1272 C  CA  . ILE A 1 168 ? 3.425   5.012   4.821   1.00 10.43 ? 168  ILE A CA  1 
ATOM   1273 C  C   . ILE A 1 168 ? 4.830   4.649   5.302   1.00 12.34 ? 168  ILE A C   1 
ATOM   1274 O  O   . ILE A 1 168 ? 5.019   3.684   6.049   1.00 10.06 ? 168  ILE A O   1 
ATOM   1275 C  CB  . ILE A 1 168 ? 3.201   4.519   3.372   1.00 9.31  ? 168  ILE A CB  1 
ATOM   1276 C  CG1 . ILE A 1 168 ? 1.737   4.754   2.984   1.00 9.60  ? 168  ILE A CG1 1 
ATOM   1277 C  CG2 . ILE A 1 168 ? 3.560   3.049   3.247   1.00 8.62  ? 168  ILE A CG2 1 
ATOM   1278 C  CD1 . ILE A 1 168 ? 1.400   4.377   1.540   1.00 10.66 ? 168  ILE A CD1 1 
ATOM   1279 N  N   . ALA A 1 169 ? 5.812   5.440   4.883   1.00 12.32 ? 169  ALA A N   1 
ATOM   1280 C  CA  . ALA A 1 169 ? 7.189   5.207   5.294   1.00 13.42 ? 169  ALA A CA  1 
ATOM   1281 C  C   . ALA A 1 169 ? 7.295   5.305   6.815   1.00 12.32 ? 169  ALA A C   1 
ATOM   1282 O  O   . ALA A 1 169 ? 7.946   4.481   7.446   1.00 12.87 ? 169  ALA A O   1 
ATOM   1283 C  CB  . ALA A 1 169 ? 8.119   6.227   4.623   1.00 11.11 ? 169  ALA A CB  1 
ATOM   1284 N  N   . ASP A 1 170 ? 6.650   6.311   7.401   1.00 13.74 ? 170  ASP A N   1 
ATOM   1285 C  CA  . ASP A 1 170 ? 6.688   6.485   8.852   1.00 13.27 ? 170  ASP A CA  1 
ATOM   1286 C  C   . ASP A 1 170 ? 6.072   5.273   9.554   1.00 13.38 ? 170  ASP A C   1 
ATOM   1287 O  O   . ASP A 1 170 ? 6.596   4.796   10.558  1.00 12.39 ? 170  ASP A O   1 
ATOM   1288 C  CB  . ASP A 1 170 ? 5.940   7.756   9.263   1.00 12.56 ? 170  ASP A CB  1 
ATOM   1289 C  CG  . ASP A 1 170 ? 6.694   9.023   8.902   1.00 12.84 ? 170  ASP A CG  1 
ATOM   1290 O  OD1 . ASP A 1 170 ? 6.101   10.116  9.013   1.00 12.74 ? 170  ASP A OD1 1 
ATOM   1291 O  OD2 . ASP A 1 170 ? 7.875   8.930   8.511   1.00 14.76 ? 170  ASP A OD2 1 
ATOM   1292 N  N   . GLY A 1 171 ? 4.960   4.777   9.023   1.00 12.12 ? 171  GLY A N   1 
ATOM   1293 C  CA  . GLY A 1 171 ? 4.320   3.618   9.619   1.00 12.16 ? 171  GLY A CA  1 
ATOM   1294 C  C   . GLY A 1 171 ? 5.291   2.454   9.721   1.00 11.59 ? 171  GLY A C   1 
ATOM   1295 O  O   . GLY A 1 171 ? 5.345   1.757   10.734  1.00 12.65 ? 171  GLY A O   1 
ATOM   1296 N  N   . ILE A 1 172 ? 6.071   2.248   8.667   1.00 11.64 ? 172  ILE A N   1 
ATOM   1297 C  CA  . ILE A 1 172 ? 7.048   1.164   8.629   1.00 11.83 ? 172  ILE A CA  1 
ATOM   1298 C  C   . ILE A 1 172 ? 8.222   1.446   9.557   1.00 11.32 ? 172  ILE A C   1 
ATOM   1299 O  O   . ILE A 1 172 ? 8.643   0.585   10.331  1.00 10.78 ? 172  ILE A O   1 
ATOM   1300 C  CB  . ILE A 1 172 ? 7.578   0.966   7.195   1.00 11.83 ? 172  ILE A CB  1 
ATOM   1301 C  CG1 . ILE A 1 172 ? 6.446   0.442   6.307   1.00 11.68 ? 172  ILE A CG1 1 
ATOM   1302 C  CG2 . ILE A 1 172 ? 8.771   0.015   7.198   1.00 10.69 ? 172  ILE A CG2 1 
ATOM   1303 C  CD1 . ILE A 1 172 ? 6.714   0.572   4.818   1.00 10.50 ? 172  ILE A CD1 1 
ATOM   1304 N  N   . THR A 1 173 ? 8.741   2.664   9.473   1.00 12.38 ? 173  THR A N   1 
ATOM   1305 C  CA  . THR A 1 173 ? 9.867   3.075   10.297  1.00 12.40 ? 173  THR A CA  1 
ATOM   1306 C  C   . THR A 1 173 ? 9.529   3.007   11.781  1.00 13.50 ? 173  THR A C   1 
ATOM   1307 O  O   . THR A 1 173 ? 10.317  2.503   12.583  1.00 15.32 ? 173  THR A O   1 
ATOM   1308 C  CB  . THR A 1 173 ? 10.294  4.505   9.949   1.00 12.38 ? 173  THR A CB  1 
ATOM   1309 O  OG1 . THR A 1 173 ? 10.644  4.562   8.562   1.00 13.52 ? 173  THR A OG1 1 
ATOM   1310 C  CG2 . THR A 1 173 ? 11.493  4.927   10.789  1.00 11.37 ? 173  THR A CG2 1 
ATOM   1311 N  N   . GLU A 1 174 ? 8.358   3.516   12.144  1.00 12.21 ? 174  GLU A N   1 
ATOM   1312 C  CA  . GLU A 1 174 ? 7.935   3.508   13.538  1.00 13.61 ? 174  GLU A CA  1 
ATOM   1313 C  C   . GLU A 1 174 ? 7.722   2.090   14.045  1.00 14.00 ? 174  GLU A C   1 
ATOM   1314 O  O   . GLU A 1 174 ? 8.173   1.748   15.133  1.00 13.58 ? 174  GLU A O   1 
ATOM   1315 C  CB  . GLU A 1 174 ? 6.641   4.309   13.712  1.00 14.86 ? 174  GLU A CB  1 
ATOM   1316 C  CG  . GLU A 1 174 ? 6.782   5.805   13.482  1.00 12.63 ? 174  GLU A CG  1 
ATOM   1317 C  CD  . GLU A 1 174 ? 7.475   6.523   14.627  1.00 15.21 ? 174  GLU A CD  1 
ATOM   1318 O  OE1 . GLU A 1 174 ? 7.706   5.896   15.685  1.00 15.10 ? 174  GLU A OE1 1 
ATOM   1319 O  OE2 . GLU A 1 174 ? 7.773   7.725   14.469  1.00 15.32 ? 174  GLU A OE2 1 
ATOM   1320 N  N   . TYR A 1 175 ? 7.040   1.264   13.258  1.00 13.66 ? 175  TYR A N   1 
ATOM   1321 C  CA  . TYR A 1 175 ? 6.780   -0.110  13.675  1.00 13.55 ? 175  TYR A CA  1 
ATOM   1322 C  C   . TYR A 1 175 ? 8.061   -0.913  13.848  1.00 14.14 ? 175  TYR A C   1 
ATOM   1323 O  O   . TYR A 1 175 ? 8.205   -1.664  14.814  1.00 15.80 ? 175  TYR A O   1 
ATOM   1324 C  CB  . TYR A 1 175 ? 5.885   -0.837  12.667  1.00 13.89 ? 175  TYR A CB  1 
ATOM   1325 C  CG  . TYR A 1 175 ? 5.544   -2.242  13.118  1.00 13.31 ? 175  TYR A CG  1 
ATOM   1326 C  CD1 . TYR A 1 175 ? 4.681   -2.456  14.193  1.00 16.72 ? 175  TYR A CD1 1 
ATOM   1327 C  CD2 . TYR A 1 175 ? 6.123   -3.355  12.507  1.00 15.09 ? 175  TYR A CD2 1 
ATOM   1328 C  CE1 . TYR A 1 175 ? 4.402   -3.746  14.653  1.00 16.17 ? 175  TYR A CE1 1 
ATOM   1329 C  CE2 . TYR A 1 175 ? 5.853   -4.651  12.958  1.00 15.09 ? 175  TYR A CE2 1 
ATOM   1330 C  CZ  . TYR A 1 175 ? 4.992   -4.835  14.032  1.00 17.00 ? 175  TYR A CZ  1 
ATOM   1331 O  OH  . TYR A 1 175 ? 4.720   -6.107  14.483  1.00 16.20 ? 175  TYR A OH  1 
ATOM   1332 N  N   . LEU A 1 176 ? 8.988   -0.757  12.908  1.00 13.88 ? 176  LEU A N   1 
ATOM   1333 C  CA  . LEU A 1 176 ? 10.249  -1.485  12.960  1.00 12.94 ? 176  LEU A CA  1 
ATOM   1334 C  C   . LEU A 1 176 ? 11.253  -0.839  13.906  1.00 15.53 ? 176  LEU A C   1 
ATOM   1335 O  O   . LEU A 1 176 ? 12.344  -1.367  14.117  1.00 15.11 ? 176  LEU A O   1 
ATOM   1336 C  CB  . LEU A 1 176 ? 10.841  -1.605  11.556  1.00 12.86 ? 176  LEU A CB  1 
ATOM   1337 C  CG  . LEU A 1 176 ? 10.043  -2.530  10.632  1.00 12.87 ? 176  LEU A CG  1 
ATOM   1338 C  CD1 . LEU A 1 176 ? 10.697  -2.570  9.257   1.00 11.94 ? 176  LEU A CD1 1 
ATOM   1339 C  CD2 . LEU A 1 176 ? 9.985   -3.929  11.242  1.00 14.61 ? 176  LEU A CD2 1 
ATOM   1340 N  N   . ASP A 1 177 ? 10.870  0.302   14.468  1.00 15.39 ? 177  ASP A N   1 
ATOM   1341 C  CA  . ASP A 1 177 ? 11.707  1.022   15.419  1.00 17.73 ? 177  ASP A CA  1 
ATOM   1342 C  C   . ASP A 1 177 ? 13.122  1.243   14.889  1.00 18.22 ? 177  ASP A C   1 
ATOM   1343 O  O   . ASP A 1 177 ? 14.109  0.900   15.540  1.00 19.06 ? 177  ASP A O   1 
ATOM   1344 C  CB  . ASP A 1 177 ? 11.732  0.253   16.746  1.00 20.29 ? 177  ASP A CB  1 
ATOM   1345 C  CG  . ASP A 1 177 ? 12.347  1.050   17.881  1.00 23.16 ? 177  ASP A CG  1 
ATOM   1346 O  OD1 . ASP A 1 177 ? 12.186  2.290   17.905  1.00 21.23 ? 177  ASP A OD1 1 
ATOM   1347 O  OD2 . ASP A 1 177 ? 12.975  0.427   18.761  1.00 23.26 ? 177  ASP A OD2 1 
ATOM   1348 N  N   . VAL A 1 178 ? 13.213  1.821   13.695  1.00 18.56 ? 178  VAL A N   1 
ATOM   1349 C  CA  . VAL A 1 178 ? 14.506  2.102   13.081  1.00 18.49 ? 178  VAL A CA  1 
ATOM   1350 C  C   . VAL A 1 178 ? 14.667  3.593   12.790  1.00 19.60 ? 178  VAL A C   1 
ATOM   1351 O  O   . VAL A 1 178 ? 15.292  3.977   11.801  1.00 20.86 ? 178  VAL A O   1 
ATOM   1352 C  CB  . VAL A 1 178 ? 14.695  1.311   11.764  1.00 18.41 ? 178  VAL A CB  1 
ATOM   1353 C  CG1 . VAL A 1 178 ? 14.861  -0.172  12.071  1.00 18.03 ? 178  VAL A CG1 1 
ATOM   1354 C  CG2 . VAL A 1 178 ? 13.499  1.532   10.840  1.00 16.64 ? 178  VAL A CG2 1 
ATOM   1355 N  N   . LYS A 1 179 ? 14.104  4.430   13.657  1.00 19.06 ? 179  LYS A N   1 
ATOM   1356 C  CA  . LYS A 1 179 ? 14.203  5.874   13.485  1.00 21.12 ? 179  LYS A CA  1 
ATOM   1357 C  C   . LYS A 1 179 ? 15.647  6.346   13.639  1.00 22.00 ? 179  LYS A C   1 
ATOM   1358 O  O   . LYS A 1 179 ? 16.484  5.544   14.107  1.00 22.55 ? 179  LYS A O   1 
ATOM   1359 C  CB  . LYS A 1 179 ? 13.313  6.588   14.507  1.00 22.31 ? 179  LYS A CB  1 
ATOM   1360 C  CG  . LYS A 1 179 ? 11.825  6.433   14.231  1.00 24.58 ? 179  LYS A CG  1 
ATOM   1361 C  CD  . LYS A 1 179 ? 10.968  7.088   15.304  1.00 26.54 ? 179  LYS A CD  1 
ATOM   1362 C  CE  . LYS A 1 179 ? 10.929  6.261   16.579  1.00 27.92 ? 179  LYS A CE  1 
ATOM   1363 N  NZ  . LYS A 1 179 ? 9.906   6.783   17.530  1.00 28.16 ? 179  LYS A NZ  1 
HETATM 1364 ZN ZN  . ZN  B 2 .   ? -6.224  -3.224  -5.901  1.00 16.91 ? 1001 ZN  A ZN  1 
HETATM 1365 O  O   . HOH C 3 .   ? 5.976   -3.252  -5.637  1.00 11.86 ? 1002 HOH A O   1 
HETATM 1366 O  O   . HOH C 3 .   ? -1.340  -7.134  -4.493  1.00 9.95  ? 1003 HOH A O   1 
HETATM 1367 O  O   . HOH C 3 .   ? -3.763  -8.102  -3.523  1.00 12.43 ? 1004 HOH A O   1 
HETATM 1368 O  O   . HOH C 3 .   ? -2.996  5.210   -15.333 1.00 16.79 ? 1005 HOH A O   1 
HETATM 1369 O  O   . HOH C 3 .   ? 3.082   4.451   -12.173 1.00 15.55 ? 1006 HOH A O   1 
HETATM 1370 O  O   . HOH C 3 .   ? 12.110  4.265   -5.804  1.00 14.89 ? 1007 HOH A O   1 
HETATM 1371 O  O   . HOH C 3 .   ? 20.852  -5.721  -1.305  1.00 29.53 ? 1008 HOH A O   1 
HETATM 1372 O  O   . HOH C 3 .   ? 9.359   -9.635  -7.323  1.00 14.53 ? 1009 HOH A O   1 
HETATM 1373 O  O   . HOH C 3 .   ? 8.923   -12.247 -8.388  1.00 15.83 ? 1010 HOH A O   1 
HETATM 1374 O  O   . HOH C 3 .   ? 12.868  -14.011 -3.459  1.00 11.34 ? 1011 HOH A O   1 
HETATM 1375 O  O   . HOH C 3 .   ? 1.768   -0.202  -13.383 1.00 13.50 ? 1012 HOH A O   1 
HETATM 1376 O  O   . HOH C 3 .   ? -4.147  -2.877  -18.148 1.00 38.31 ? 1013 HOH A O   1 
HETATM 1377 O  O   . HOH C 3 .   ? 4.184   -8.472  -17.323 1.00 35.76 ? 1014 HOH A O   1 
HETATM 1378 O  O   . HOH C 3 .   ? 0.645   -8.680  -18.605 1.00 37.51 ? 1015 HOH A O   1 
HETATM 1379 O  O   . HOH C 3 .   ? -1.497  -16.565 -7.243  1.00 18.78 ? 1016 HOH A O   1 
HETATM 1380 O  O   . HOH C 3 .   ? -7.177  -11.497 -2.829  1.00 16.11 ? 1017 HOH A O   1 
HETATM 1381 O  O   . HOH C 3 .   ? -2.057  -7.615  -7.153  1.00 13.32 ? 1018 HOH A O   1 
HETATM 1382 O  O   . HOH C 3 .   ? -4.614  -7.757  -6.262  1.00 16.25 ? 1019 HOH A O   1 
HETATM 1383 O  O   . HOH C 3 .   ? -4.252  -10.334 -2.191  1.00 11.81 ? 1020 HOH A O   1 
HETATM 1384 O  O   . HOH C 3 .   ? 0.791   -17.800 -1.570  1.00 17.90 ? 1021 HOH A O   1 
HETATM 1385 O  O   . HOH C 3 .   ? 3.435   -17.981 -2.443  1.00 18.04 ? 1022 HOH A O   1 
HETATM 1386 O  O   . HOH C 3 .   ? 5.040   -18.216 -0.191  1.00 18.06 ? 1023 HOH A O   1 
HETATM 1387 O  O   . HOH C 3 .   ? 17.919  -13.645 2.912   1.00 41.32 ? 1024 HOH A O   1 
HETATM 1388 O  O   . HOH C 3 .   ? 9.967   -13.121 7.999   1.00 22.97 ? 1025 HOH A O   1 
HETATM 1389 O  O   . HOH C 3 .   ? -10.055 2.983   0.625   1.00 14.41 ? 1026 HOH A O   1 
HETATM 1390 O  O   . HOH C 3 .   ? -16.630 5.943   -5.134  1.00 13.75 ? 1027 HOH A O   1 
HETATM 1391 O  O   . HOH C 3 .   ? -19.256 3.321   1.612   1.00 22.80 ? 1028 HOH A O   1 
HETATM 1392 O  O   . HOH C 3 .   ? -16.470 7.844   3.733   1.00 20.07 ? 1029 HOH A O   1 
HETATM 1393 O  O   . HOH C 3 .   ? -17.871 6.372   1.560   1.00 18.94 ? 1030 HOH A O   1 
HETATM 1394 O  O   . HOH C 3 .   ? -2.180  -9.773  7.683   1.00 9.56  ? 1031 HOH A O   1 
HETATM 1395 O  O   . HOH C 3 .   ? -1.377  -14.261 13.561  1.00 14.37 ? 1032 HOH A O   1 
HETATM 1396 O  O   . HOH C 3 .   ? 0.507   -14.874 11.605  1.00 16.45 ? 1033 HOH A O   1 
HETATM 1397 O  O   . HOH C 3 .   ? 3.089   -12.147 11.201  1.00 18.39 ? 1034 HOH A O   1 
HETATM 1398 O  O   . HOH C 3 .   ? -4.064  3.427   14.656  1.00 21.99 ? 1035 HOH A O   1 
HETATM 1399 O  O   . HOH C 3 .   ? -4.719  7.119   12.244  1.00 22.17 ? 1036 HOH A O   1 
HETATM 1400 O  O   . HOH C 3 .   ? -3.174  9.098   13.867  1.00 26.96 ? 1037 HOH A O   1 
HETATM 1401 O  O   . HOH C 3 .   ? -6.763  8.660   11.236  1.00 20.42 ? 1038 HOH A O   1 
HETATM 1402 O  O   . HOH C 3 .   ? -8.813  15.855  0.053   1.00 21.68 ? 1039 HOH A O   1 
HETATM 1403 O  O   . HOH C 3 .   ? -12.444 10.931  1.638   1.00 14.57 ? 1040 HOH A O   1 
HETATM 1404 O  O   . HOH C 3 .   ? -10.130 1.494   12.958  1.00 27.73 ? 1041 HOH A O   1 
HETATM 1405 O  O   . HOH C 3 .   ? -14.302 13.411  -2.472  1.00 24.21 ? 1042 HOH A O   1 
HETATM 1406 O  O   . HOH C 3 .   ? 5.244   17.309  -2.934  1.00 31.02 ? 1043 HOH A O   1 
HETATM 1407 O  O   . HOH C 3 .   ? 7.615   10.998  -2.027  1.00 25.43 ? 1044 HOH A O   1 
HETATM 1408 O  O   . HOH C 3 .   ? -2.148  15.305  5.718   1.00 43.90 ? 1045 HOH A O   1 
HETATM 1409 O  O   . HOH C 3 .   ? 9.796   7.078   7.635   1.00 14.57 ? 1046 HOH A O   1 
HETATM 1410 O  O   . HOH C 3 .   ? -7.185  -5.176  -5.310  1.00 15.64 ? 1047 HOH A O   1 
HETATM 1411 O  O   . HOH C 3 .   ? -7.798  -2.501  -4.858  1.00 13.11 ? 1048 HOH A O   1 
HETATM 1412 O  O   . HOH C 3 .   ? -17.415 5.711   -10.309 1.00 18.52 ? 1049 HOH A O   1 
HETATM 1413 O  O   . HOH C 3 .   ? -19.098 5.400   -12.509 1.00 21.09 ? 1050 HOH A O   1 
HETATM 1414 O  O   . HOH C 3 .   ? -9.416  13.493  -12.814 1.00 31.49 ? 1051 HOH A O   1 
HETATM 1415 O  O   . HOH C 3 .   ? -8.837  -3.359  -7.458  1.00 25.36 ? 1052 HOH A O   1 
HETATM 1416 O  O   . HOH C 3 .   ? 11.778  9.281   6.249   1.00 20.68 ? 1053 HOH A O   1 
HETATM 1417 O  O   . HOH C 3 .   ? 13.093  5.276   7.612   1.00 16.59 ? 1054 HOH A O   1 
HETATM 1418 O  O   . HOH C 3 .   ? 15.596  -0.523  -2.350  1.00 29.60 ? 1055 HOH A O   1 
HETATM 1419 O  O   . HOH C 3 .   ? 13.259  -3.503  -5.041  1.00 17.98 ? 1056 HOH A O   1 
HETATM 1420 O  O   . HOH C 3 .   ? 8.569   -7.477  -10.744 1.00 14.49 ? 1057 HOH A O   1 
HETATM 1421 O  O   . HOH C 3 .   ? 11.267  -4.915  -8.098  1.00 25.11 ? 1058 HOH A O   1 
HETATM 1422 O  O   . HOH C 3 .   ? 12.920  -5.861  -9.859  1.00 13.07 ? 1059 HOH A O   1 
HETATM 1423 O  O   . HOH C 3 .   ? 12.125  -5.113  -12.293 1.00 23.36 ? 1060 HOH A O   1 
HETATM 1424 O  O   . HOH C 3 .   ? 9.406   -4.965  -11.568 1.00 20.40 ? 1061 HOH A O   1 
HETATM 1425 O  O   . HOH C 3 .   ? -2.739  -14.141 -8.940  1.00 19.91 ? 1062 HOH A O   1 
HETATM 1426 O  O   . HOH C 3 .   ? 8.591   -14.403 -6.519  1.00 22.55 ? 1063 HOH A O   1 
HETATM 1427 O  O   . HOH C 3 .   ? 11.982  -16.909 -6.602  1.00 22.06 ? 1064 HOH A O   1 
HETATM 1428 O  O   . HOH C 3 .   ? 9.590   -15.820 5.749   1.00 22.31 ? 1065 HOH A O   1 
HETATM 1429 O  O   . HOH C 3 .   ? 14.604  -17.886 2.641   1.00 20.35 ? 1066 HOH A O   1 
HETATM 1430 O  O   . HOH C 3 .   ? 10.828  -7.309  12.831  1.00 18.01 ? 1067 HOH A O   1 
HETATM 1431 O  O   . HOH C 3 .   ? -0.419  -7.840  16.353  1.00 14.08 ? 1068 HOH A O   1 
HETATM 1432 O  O   . HOH C 3 .   ? 2.146   -6.576  13.729  1.00 12.38 ? 1069 HOH A O   1 
HETATM 1433 O  O   . HOH C 3 .   ? -2.053  -6.693  18.508  1.00 31.40 ? 1070 HOH A O   1 
HETATM 1434 O  O   . HOH C 3 .   ? -12.275 13.893  1.479   1.00 38.74 ? 1071 HOH A O   1 
HETATM 1435 O  O   . HOH C 3 .   ? -12.032 11.187  8.741   1.00 19.55 ? 1072 HOH A O   1 
HETATM 1436 O  O   . HOH C 3 .   ? -11.936 12.985  -1.562  1.00 16.39 ? 1073 HOH A O   1 
HETATM 1437 O  O   . HOH C 3 .   ? -9.981  14.707  -2.225  1.00 18.55 ? 1074 HOH A O   1 
HETATM 1438 O  O   . HOH C 3 .   ? -6.417  -6.803  -3.169  1.00 21.10 ? 1075 HOH A O   1 
HETATM 1439 O  O   . HOH C 3 .   ? -7.868  -5.202  -1.575  1.00 24.03 ? 1076 HOH A O   1 
HETATM 1440 O  O   . HOH C 3 .   ? -4.489  -19.146 -0.934  1.00 32.51 ? 1077 HOH A O   1 
HETATM 1441 O  O   . HOH C 3 .   ? 0.368   -17.056 7.191   1.00 18.88 ? 1078 HOH A O   1 
HETATM 1442 O  O   . HOH C 3 .   ? 12.580  10.970  8.247   1.00 29.55 ? 1079 HOH A O   1 
HETATM 1443 O  O   . HOH C 3 .   ? 7.500   12.644  0.157   1.00 23.99 ? 1080 HOH A O   1 
HETATM 1444 O  O   . HOH C 3 .   ? 6.510   7.611   -7.952  1.00 22.27 ? 1081 HOH A O   1 
HETATM 1445 O  O   . HOH C 3 .   ? 9.197   7.665   -7.272  1.00 30.47 ? 1082 HOH A O   1 
HETATM 1446 O  O   . HOH C 3 .   ? 14.032  3.915   16.634  1.00 38.06 ? 1083 HOH A O   1 
HETATM 1447 O  O   . HOH C 3 .   ? 13.284  16.149  -9.265  1.00 40.02 ? 1084 HOH A O   1 
HETATM 1448 O  O   . HOH C 3 .   ? -2.629  7.808   -14.782 1.00 22.32 ? 1085 HOH A O   1 
HETATM 1449 O  O   . HOH C 3 .   ? 15.992  7.903   6.886   1.00 23.06 ? 1086 HOH A O   1 
HETATM 1450 O  O   . HOH C 3 .   ? 4.473   -6.290  17.139  1.00 29.82 ? 1087 HOH A O   1 
HETATM 1451 O  O   . HOH C 3 .   ? 1.257   11.041  9.147   1.00 26.37 ? 1088 HOH A O   1 
HETATM 1452 O  O   . HOH C 3 .   ? -7.567  9.093   6.587   1.00 21.52 ? 1089 HOH A O   1 
HETATM 1453 O  O   . HOH C 3 .   ? 0.038   13.326  8.385   1.00 29.63 ? 1090 HOH A O   1 
HETATM 1454 O  O   . HOH C 3 .   ? 3.372   12.809  5.581   1.00 29.54 ? 1091 HOH A O   1 
HETATM 1455 O  O   . HOH C 3 .   ? 6.980   15.283  3.053   1.00 50.62 ? 1092 HOH A O   1 
HETATM 1456 O  O   . HOH C 3 .   ? 8.899   13.285  2.254   1.00 24.91 ? 1093 HOH A O   1 
HETATM 1457 O  O   . HOH C 3 .   ? 5.085   18.044  9.839   1.00 21.12 ? 1094 HOH A O   1 
HETATM 1458 O  O   . HOH C 3 .   ? 4.160   5.295   17.097  1.00 32.93 ? 1095 HOH A O   1 
HETATM 1459 O  O   . HOH C 3 .   ? 16.834  -0.435  0.809   1.00 27.71 ? 1096 HOH A O   1 
HETATM 1460 O  O   . HOH C 3 .   ? 1.983   -8.537  17.274  1.00 44.08 ? 1097 HOH A O   1 
HETATM 1461 O  O   . HOH C 3 .   ? 1.862   3.801   18.183  1.00 32.76 ? 1098 HOH A O   1 
HETATM 1462 O  O   . HOH C 3 .   ? 0.440   -1.514  17.595  1.00 23.00 ? 1099 HOH A O   1 
HETATM 1463 O  O   . HOH C 3 .   ? 5.570   1.712   17.163  1.00 37.52 ? 1100 HOH A O   1 
HETATM 1464 O  O   . HOH C 3 .   ? 9.089   3.169   17.174  1.00 37.18 ? 1101 HOH A O   1 
HETATM 1465 O  O   . HOH C 3 .   ? -13.208 -7.118  4.334   1.00 30.89 ? 1102 HOH A O   1 
HETATM 1466 O  O   . HOH C 3 .   ? -14.348 -3.481  4.050   1.00 32.00 ? 1103 HOH A O   1 
HETATM 1467 O  O   . HOH C 3 .   ? 14.591  4.673   -4.859  1.00 30.62 ? 1104 HOH A O   1 
HETATM 1468 O  O   . HOH C 3 .   ? 7.748   14.527  -6.531  1.00 34.91 ? 1105 HOH A O   1 
HETATM 1469 O  O   . HOH C 3 .   ? 6.846   -7.846  14.224  1.00 22.69 ? 1106 HOH A O   1 
HETATM 1470 O  O   . HOH C 3 .   ? 9.188   -4.053  15.697  1.00 35.32 ? 1107 HOH A O   1 
HETATM 1471 O  O   . HOH C 3 .   ? 24.416  -2.949  15.585  1.00 19.22 ? 1108 HOH A O   1 
HETATM 1472 O  O   . HOH C 3 .   ? -1.985  -18.202 6.254   1.00 50.90 ? 1109 HOH A O   1 
HETATM 1473 O  O   . HOH C 3 .   ? 12.192  -18.296 -4.176  1.00 38.72 ? 1110 HOH A O   1 
HETATM 1474 O  O   . HOH C 3 .   ? 3.167   -18.500 2.072   1.00 16.47 ? 1111 HOH A O   1 
HETATM 1475 O  O   . HOH C 3 .   ? 3.953   -20.341 -3.564  1.00 32.30 ? 1112 HOH A O   1 
HETATM 1476 O  O   . HOH C 3 .   ? -13.439 3.208   -10.252 1.00 24.47 ? 1113 HOH A O   1 
HETATM 1477 O  O   . HOH C 3 .   ? 9.828   9.574   -2.546  1.00 22.71 ? 1114 HOH A O   1 
HETATM 1478 O  O   . HOH C 3 .   ? 17.348  1.555   2.909   1.00 36.88 ? 1115 HOH A O   1 
HETATM 1479 O  O   . HOH C 3 .   ? 14.598  -14.359 9.548   1.00 41.76 ? 1116 HOH A O   1 
HETATM 1480 O  O   . HOH C 3 .   ? -10.788 -3.253  -4.192  1.00 32.72 ? 1117 HOH A O   1 
HETATM 1481 O  O   . HOH C 3 .   ? -7.839  -6.694  -10.819 1.00 45.66 ? 1118 HOH A O   1 
HETATM 1482 O  O   . HOH C 3 .   ? 13.561  7.219   5.758   1.00 21.77 ? 1119 HOH A O   1 
HETATM 1483 O  O   . HOH C 3 .   ? -11.532 12.085  -11.487 1.00 18.72 ? 1120 HOH A O   1 
HETATM 1484 O  O   . HOH C 3 .   ? 0.343   16.499  -9.540  1.00 35.30 ? 1121 HOH A O   1 
HETATM 1485 O  O   . HOH C 3 .   ? 11.149  -5.525  14.731  1.00 37.62 ? 1122 HOH A O   1 
HETATM 1486 O  O   . HOH C 3 .   ? 1.134   -18.899 5.284   1.00 26.30 ? 1123 HOH A O   1 
HETATM 1487 O  O   . HOH C 3 .   ? 0.915   -19.738 0.788   1.00 32.62 ? 1124 HOH A O   1 
HETATM 1488 O  O   . HOH C 3 .   ? -0.988  11.473  -13.448 1.00 42.96 ? 1125 HOH A O   1 
HETATM 1489 O  O   . HOH C 3 .   ? -5.034  14.611  -10.554 1.00 49.41 ? 1126 HOH A O   1 
HETATM 1490 O  O   . HOH C 3 .   ? 17.431  -2.099  13.897  1.00 24.32 ? 1127 HOH A O   1 
HETATM 1491 O  O   . HOH C 3 .   ? 18.261  -2.941  11.068  1.00 24.66 ? 1128 HOH A O   1 
HETATM 1492 O  O   . HOH C 3 .   ? -0.058  -7.935  -12.062 1.00 20.85 ? 1129 HOH A O   1 
HETATM 1493 O  O   . HOH C 3 .   ? 4.059   -14.055 -11.148 1.00 27.37 ? 1130 HOH A O   1 
HETATM 1494 O  O   . HOH C 3 .   ? -1.837  -9.958  -8.544  1.00 20.72 ? 1131 HOH A O   1 
HETATM 1495 O  O   . HOH C 3 .   ? 16.570  -11.247 2.801   1.00 28.92 ? 1132 HOH A O   1 
HETATM 1496 O  O   . HOH C 3 .   ? 16.909  -9.450  0.970   1.00 27.10 ? 1133 HOH A O   1 
HETATM 1497 O  O   . HOH C 3 .   ? 13.994  -20.304 -3.873  1.00 29.31 ? 1134 HOH A O   1 
HETATM 1498 O  O   . HOH C 3 .   ? 10.670  -15.170 -4.841  1.00 25.50 ? 1135 HOH A O   1 
HETATM 1499 O  O   . HOH C 3 .   ? -17.113 1.259   -0.069  1.00 41.95 ? 1136 HOH A O   1 
HETATM 1500 O  O   . HOH C 3 .   ? -17.939 -0.315  -1.978  1.00 40.27 ? 1137 HOH A O   1 
HETATM 1501 O  O   . HOH C 3 .   ? -16.357 13.001  -0.831  1.00 40.10 ? 1138 HOH A O   1 
HETATM 1502 O  O   . HOH C 3 .   ? -6.323  15.129  1.081   1.00 20.22 ? 1139 HOH A O   1 
HETATM 1503 O  O   . HOH C 3 .   ? -6.434  17.164  -3.514  1.00 33.72 ? 1140 HOH A O   1 
HETATM 1504 O  O   . HOH C 3 .   ? -9.657  16.576  -6.300  1.00 20.44 ? 1141 HOH A O   1 
HETATM 1505 O  O   . HOH C 3 .   ? 12.569  10.433  -1.585  1.00 41.78 ? 1142 HOH A O   1 
HETATM 1506 O  O   . HOH C 3 .   ? 9.142   2.346   -12.925 1.00 32.17 ? 1143 HOH A O   1 
HETATM 1507 O  O   . HOH C 3 .   ? 5.672   5.059   -11.475 1.00 26.40 ? 1144 HOH A O   1 
HETATM 1508 O  O   . HOH C 3 .   ? -12.596 -5.057  -1.308  1.00 56.83 ? 1145 HOH A O   1 
HETATM 1509 O  O   . HOH C 3 .   ? -11.010 -11.926 -0.573  1.00 37.30 ? 1146 HOH A O   1 
HETATM 1510 O  O   . HOH C 3 .   ? -1.839  -0.621  -19.670 1.00 33.55 ? 1147 HOH A O   1 
HETATM 1511 O  O   . HOH C 3 .   ? 13.094  -2.698  -12.980 1.00 36.89 ? 1148 HOH A O   1 
HETATM 1512 O  O   . HOH C 3 .   ? 12.551  5.416   -8.208  1.00 30.11 ? 1149 HOH A O   1 
HETATM 1513 O  O   . HOH C 3 .   ? -7.328  -5.560  -15.804 1.00 26.06 ? 1150 HOH A O   1 
HETATM 1514 O  O   . HOH C 3 .   ? -2.263  -9.269  -11.041 1.00 28.02 ? 1151 HOH A O   1 
HETATM 1515 O  O   . HOH C 3 .   ? 4.775   -12.096 13.189  1.00 25.41 ? 1152 HOH A O   1 
HETATM 1516 O  O   . HOH C 3 .   ? -0.388  -15.117 16.085  1.00 30.93 ? 1153 HOH A O   1 
HETATM 1517 O  O   . HOH C 3 .   ? 7.751   -14.521 8.942   1.00 21.30 ? 1154 HOH A O   1 
HETATM 1518 O  O   . HOH C 3 .   ? 7.080   -18.881 4.850   1.00 21.56 ? 1155 HOH A O   1 
HETATM 1519 O  O   . HOH C 3 .   ? 3.445   -16.094 11.258  1.00 44.84 ? 1156 HOH A O   1 
HETATM 1520 O  O   . HOH C 3 .   ? 2.798   -12.276 -17.595 1.00 51.18 ? 1157 HOH A O   1 
HETATM 1521 O  O   . HOH C 3 .   ? -9.891  11.639  10.416  1.00 34.95 ? 1158 HOH A O   1 
HETATM 1522 O  O   . HOH C 3 .   ? -5.261  14.516  8.382   1.00 26.51 ? 1159 HOH A O   1 
HETATM 1523 O  O   . HOH C 3 .   ? -7.089  12.933  9.873   1.00 36.84 ? 1160 HOH A O   1 
HETATM 1524 O  O   . HOH C 3 .   ? -19.054 11.425  -1.528  1.00 25.93 ? 1161 HOH A O   1 
HETATM 1525 O  O   . HOH C 3 .   ? 7.244   -13.367 -10.558 1.00 42.74 ? 1162 HOH A O   1 
HETATM 1526 O  O   . HOH C 3 .   ? 22.496  -0.990  9.532   1.00 36.99 ? 1163 HOH A O   1 
HETATM 1527 O  O   . HOH C 3 .   ? 3.282   0.732   -18.944 1.00 46.64 ? 1164 HOH A O   1 
HETATM 1528 O  O   . HOH C 3 .   ? 9.265   -13.838 -17.547 1.00 38.34 ? 1165 HOH A O   1 
HETATM 1529 O  O   . HOH C 3 .   ? -5.467  -13.389 -8.727  1.00 41.23 ? 1166 HOH A O   1 
HETATM 1530 O  O   . HOH C 3 .   ? 18.312  -6.137  -1.133  1.00 28.17 ? 1167 HOH A O   1 
HETATM 1531 O  O   . HOH C 3 .   ? 18.201  5.081   10.731  1.00 37.10 ? 1168 HOH A O   1 
HETATM 1532 O  O   . HOH C 3 .   ? 12.186  -20.171 -5.953  1.00 45.13 ? 1169 HOH A O   1 
HETATM 1533 O  O   . HOH C 3 .   ? -8.868  5.383   12.932  1.00 36.65 ? 1170 HOH A O   1 
HETATM 1534 O  O   . HOH C 3 .   ? -3.245  15.325  10.590  1.00 45.31 ? 1171 HOH A O   1 
HETATM 1535 O  O   . HOH C 3 .   ? 4.001   17.230  12.216  1.00 38.20 ? 1172 HOH A O   1 
HETATM 1536 O  O   . HOH C 3 .   ? -0.212  8.941   -13.570 1.00 40.95 ? 1173 HOH A O   1 
HETATM 1537 O  O   . HOH C 3 .   ? -15.919 -0.580  -8.971  1.00 30.88 ? 1174 HOH A O   1 
HETATM 1538 O  O   . HOH C 3 .   ? -16.933 6.093   5.997   1.00 31.49 ? 1175 HOH A O   1 
HETATM 1539 O  O   . HOH C 3 .   ? 8.675   14.148  -1.659  1.00 39.18 ? 1176 HOH A O   1 
HETATM 1540 O  O   . HOH C 3 .   ? 12.615  -21.633 -1.767  1.00 38.04 ? 1177 HOH A O   1 
HETATM 1541 O  O   . HOH C 3 .   ? -17.625 11.398  -8.169  1.00 35.33 ? 1178 HOH A O   1 
HETATM 1542 O  O   . HOH C 3 .   ? 3.497   -3.826  -19.547 1.00 42.88 ? 1179 HOH A O   1 
HETATM 1543 O  O   . HOH C 3 .   ? 3.513   -9.780  15.569  1.00 26.48 ? 1180 HOH A O   1 
HETATM 1544 O  O   . HOH C 3 .   ? 3.729   16.805  -0.370  1.00 23.89 ? 1181 HOH A O   1 
HETATM 1545 O  O   . HOH C 3 .   ? -4.411  16.251  -0.458  1.00 37.08 ? 1182 HOH A O   1 
HETATM 1546 O  O   . HOH C 3 .   ? -12.066 17.074  -2.172  1.00 41.84 ? 1183 HOH A O   1 
HETATM 1547 O  O   . HOH C 3 .   ? -11.028 17.711  -8.291  1.00 35.24 ? 1184 HOH A O   1 
HETATM 1548 O  O   . HOH C 3 .   ? -4.912  -9.926  -14.977 1.00 36.45 ? 1185 HOH A O   1 
HETATM 1549 O  O   . HOH C 3 .   ? -12.552 -0.594  -12.715 1.00 32.35 ? 1186 HOH A O   1 
HETATM 1550 O  O   . HOH C 3 .   ? -12.967 12.146  -17.964 1.00 40.74 ? 1187 HOH A O   1 
HETATM 1551 O  O   . HOH C 3 .   ? 20.705  -0.095  16.180  1.00 40.26 ? 1188 HOH A O   1 
HETATM 1552 O  O   . HOH C 3 .   ? 16.326  7.965   -1.640  1.00 34.38 ? 1189 HOH A O   1 
HETATM 1553 O  O   . HOH C 3 .   ? -2.567  3.825   17.463  1.00 38.76 ? 1190 HOH A O   1 
HETATM 1554 O  O   . HOH C 3 .   ? 18.306  -5.804  11.623  1.00 28.86 ? 1191 HOH A O   1 
HETATM 1555 O  O   . HOH C 3 .   ? 15.269  -8.840  11.238  1.00 31.07 ? 1192 HOH A O   1 
HETATM 1556 O  O   . HOH C 3 .   ? 5.910   -10.289 14.763  1.00 31.57 ? 1193 HOH A O   1 
HETATM 1557 O  O   . HOH C 3 .   ? 8.405   -8.006  12.026  1.00 28.90 ? 1194 HOH A O   1 
HETATM 1558 O  O   . HOH C 3 .   ? 8.058   -6.456  16.026  1.00 33.01 ? 1195 HOH A O   1 
HETATM 1559 O  O   . HOH C 3 .   ? -8.979  -2.734  -17.431 1.00 31.23 ? 1196 HOH A O   1 
HETATM 1560 O  O   . HOH C 3 .   ? -10.335 3.647   -19.900 1.00 33.55 ? 1197 HOH A O   1 
HETATM 1561 O  O   . HOH C 3 .   ? -13.916 -1.882  -10.382 1.00 31.92 ? 1198 HOH A O   1 
HETATM 1562 O  O   . HOH C 3 .   ? -14.328 4.010   -14.495 1.00 38.24 ? 1199 HOH A O   1 
HETATM 1563 O  O   . HOH C 3 .   ? 25.122  2.773   14.121  1.00 31.62 ? 1200 HOH A O   1 
HETATM 1564 O  O   . HOH C 3 .   ? 22.442  3.746   14.246  1.00 31.27 ? 1201 HOH A O   1 
HETATM 1565 O  O   . HOH C 3 .   ? 23.232  1.759   10.457  1.00 32.46 ? 1202 HOH A O   1 
HETATM 1566 O  O   . HOH C 3 .   ? 22.941  -0.643  14.509  1.00 35.68 ? 1203 HOH A O   1 
HETATM 1567 O  O   . HOH C 3 .   ? 13.039  -0.539  -7.230  1.00 34.92 ? 1204 HOH A O   1 
HETATM 1568 O  O   . HOH C 3 .   ? 9.774   -7.006  -15.529 1.00 33.32 ? 1205 HOH A O   1 
HETATM 1569 O  O   . HOH C 3 .   ? 7.118   -11.490 -12.809 1.00 33.33 ? 1206 HOH A O   1 
HETATM 1570 O  O   . HOH C 3 .   ? 10.452  -11.704 -15.491 1.00 31.96 ? 1207 HOH A O   1 
HETATM 1571 O  O   . HOH C 3 .   ? 6.986   -19.794 -0.396  1.00 28.69 ? 1208 HOH A O   1 
HETATM 1572 O  O   . HOH C 3 .   ? 12.052  -19.929 0.014   1.00 29.99 ? 1209 HOH A O   1 
HETATM 1573 O  O   . HOH C 3 .   ? -0.222  2.762   17.100  1.00 34.20 ? 1210 HOH A O   1 
HETATM 1574 O  O   . HOH C 3 .   ? -1.016  0.781   18.500  1.00 37.51 ? 1211 HOH A O   1 
HETATM 1575 O  O   . HOH C 3 .   ? -14.577 -0.945  2.476   1.00 31.29 ? 1212 HOH A O   1 
HETATM 1576 O  O   . HOH C 3 .   ? -10.248 -7.987  -3.478  1.00 33.52 ? 1213 HOH A O   1 
HETATM 1577 O  O   . HOH C 3 .   ? -7.790  -8.900  -3.850  1.00 32.22 ? 1214 HOH A O   1 
HETATM 1578 O  O   . HOH C 3 .   ? -7.786  -9.214  -6.520  1.00 37.23 ? 1215 HOH A O   1 
HETATM 1579 O  O   . HOH C 3 .   ? 7.235   -12.765 11.444  1.00 29.13 ? 1216 HOH A O   1 
HETATM 1580 O  O   . HOH C 3 .   ? 6.437   4.225   17.308  1.00 32.16 ? 1217 HOH A O   1 
HETATM 1581 O  O   . HOH C 3 .   ? 17.383  7.150   8.946   1.00 34.57 ? 1218 HOH A O   1 
HETATM 1582 O  O   . HOH C 3 .   ? 7.757   9.485   16.513  1.00 32.69 ? 1219 HOH A O   1 
HETATM 1583 O  O   . HOH C 3 .   ? 6.510   11.383  17.723  1.00 34.26 ? 1220 HOH A O   1 
HETATM 1584 O  O   . HOH C 3 .   ? -3.697  -18.086 -6.170  1.00 32.88 ? 1221 HOH A O   1 
HETATM 1585 O  O   . HOH C 3 .   ? -15.679 4.065   -11.383 1.00 31.53 ? 1222 HOH A O   1 
HETATM 1586 O  O   . HOH C 3 .   ? 22.854  -0.397  5.261   1.00 35.71 ? 1223 HOH A O   1 
HETATM 1587 O  O   . HOH C 3 .   ? -7.100  -8.552  -14.540 1.00 37.38 ? 1224 HOH A O   1 
HETATM 1588 O  O   . HOH C 3 .   ? 0.771   8.801   -10.609 1.00 29.37 ? 1225 HOH A O   1 
HETATM 1589 O  O   . HOH C 3 .   ? 12.646  13.100  -8.300  1.00 32.63 ? 1226 HOH A O   1 
HETATM 1590 O  O   . HOH C 3 .   ? 8.938   11.355  -6.154  1.00 35.21 ? 1227 HOH A O   1 
HETATM 1591 O  O   . HOH C 3 .   ? -7.079  10.084  9.145   1.00 29.44 ? 1228 HOH A O   1 
HETATM 1592 O  O   . HOH C 3 .   ? -13.654 4.475   10.772  1.00 34.25 ? 1229 HOH A O   1 
HETATM 1593 O  O   . HOH C 3 .   ? -6.246  17.080  3.054   1.00 34.61 ? 1230 HOH A O   1 
# 
